data_9NDN
# 
_entry.id   9NDN 
# 
_audit_conform.dict_name       mmcif_pdbx.dic 
_audit_conform.dict_version    5.403 
_audit_conform.dict_location   http://mmcif.pdb.org/dictionaries/ascii/mmcif_pdbx.dic 
# 
loop_
_database_2.database_id 
_database_2.database_code 
_database_2.pdbx_database_accession 
_database_2.pdbx_DOI 
PDB   9NDN         pdb_00009ndn 10.2210/pdb9ndn/pdb 
WWPDB D_1000293150 ?            ?                   
# 
_pdbx_audit_revision_history.ordinal             1 
_pdbx_audit_revision_history.data_content_type   'Structure model' 
_pdbx_audit_revision_history.major_revision      1 
_pdbx_audit_revision_history.minor_revision      0 
_pdbx_audit_revision_history.revision_date       2025-04-09 
_pdbx_audit_revision_history.part_number         ? 
# 
_pdbx_audit_revision_details.ordinal             1 
_pdbx_audit_revision_details.revision_ordinal    1 
_pdbx_audit_revision_details.data_content_type   'Structure model' 
_pdbx_audit_revision_details.provider            repository 
_pdbx_audit_revision_details.type                'Initial release' 
_pdbx_audit_revision_details.description         ? 
_pdbx_audit_revision_details.details             ? 
# 
_pdbx_database_status.status_code                     REL 
_pdbx_database_status.status_code_sf                  REL 
_pdbx_database_status.status_code_mr                  ? 
_pdbx_database_status.entry_id                        9NDN 
_pdbx_database_status.recvd_initial_deposition_date   2025-02-18 
_pdbx_database_status.SG_entry                        N 
_pdbx_database_status.deposit_site                    RCSB 
_pdbx_database_status.process_site                    RCSB 
_pdbx_database_status.status_code_cs                  ? 
_pdbx_database_status.status_code_nmr_data            ? 
_pdbx_database_status.methods_development_category    ? 
_pdbx_database_status.pdb_format_compatible           Y 
# 
_pdbx_contact_author.id                 2 
_pdbx_contact_author.email              rs17@nyu.edu 
_pdbx_contact_author.name_first         Ruojie 
_pdbx_contact_author.name_last          Sha 
_pdbx_contact_author.name_mi            ? 
_pdbx_contact_author.role               'principal investigator/group leader' 
_pdbx_contact_author.identifier_ORCID   0000-0002-0807-734X 
# 
loop_
_audit_author.name 
_audit_author.pdbx_ordinal 
_audit_author.identifier_ORCID 
'Horvath, A.'   1 0009-0008-5770-8014 
'Vecchioni, S.' 2 0000-0001-8243-650X 
'Woloszyn, K.'  3 0000-0003-1200-583X 
'Ohayon, Y.P.'  4 0000-0001-7500-4282 
'Sha, R.'       5 0000-0002-0807-734X 
# 
_citation.abstract                  ? 
_citation.abstract_id_CAS           ? 
_citation.book_id_ISBN              ? 
_citation.book_publisher            ? 
_citation.book_publisher_city       ? 
_citation.book_title                ? 
_citation.coordinate_linkage        ? 
_citation.country                   ? 
_citation.database_id_Medline       ? 
_citation.details                   ? 
_citation.id                        primary 
_citation.journal_abbrev            'To Be Published' 
_citation.journal_id_ASTM           ? 
_citation.journal_id_CSD            0353 
_citation.journal_id_ISSN           ? 
_citation.journal_full              ? 
_citation.journal_issue             ? 
_citation.journal_volume            ? 
_citation.language                  ? 
_citation.page_first                ? 
_citation.page_last                 ? 
_citation.title                     'Shifted tensegrity triangles' 
_citation.year                      ? 
_citation.database_id_CSD           ? 
_citation.pdbx_database_id_DOI      ? 
_citation.pdbx_database_id_PubMed   ? 
_citation.pdbx_database_id_patent   ? 
_citation.unpublished_flag          ? 
# 
loop_
_citation_author.citation_id 
_citation_author.name 
_citation_author.ordinal 
_citation_author.identifier_ORCID 
primary 'Horvath, A.'   1 0009-0008-5770-8014 
primary 'Vecchioni, S.' 2 0000-0001-8243-650X 
primary 'Woloszyn, K.'  3 0000-0003-1200-583X 
primary 'Ohayon, Y.P.'  4 0000-0001-7500-4282 
primary 'Sha, R.'       5 0000-0002-0807-734X 
# 
loop_
_entity.id 
_entity.type 
_entity.src_method 
_entity.pdbx_description 
_entity.formula_weight 
_entity.pdbx_number_of_molecules 
_entity.pdbx_ec 
_entity.pdbx_mutation 
_entity.pdbx_fragment 
_entity.details 
1 polymer syn 
;DNA (5'-D(P*AP*CP*GP*GP*AP*CP*AP*GP*AP*GP*TP*GP*CP*AP*C)-3')
;
4628.025 1 ? ? ? ? 
2 polymer syn 
;DNA (5'-D(P*CP*AP*CP*AP*CP*CP*GP*T)-3')
;
2371.582 1 ? ? ? ? 
3 polymer syn 
;DNA (5'-D(P*A*AP*GP*TP*G*CP*AP*CP*TP*CP*TP*GP*T)-3')
;
3982.596 1 ? ? ? ? 
4 polymer syn 
;DNA (5'-D(P*CP*CP*TP*GP*TP*G)-3')
;
1815.214 1 ? ? ? ? 
# 
loop_
_entity_poly.entity_id 
_entity_poly.type 
_entity_poly.nstd_linkage 
_entity_poly.nstd_monomer 
_entity_poly.pdbx_seq_one_letter_code 
_entity_poly.pdbx_seq_one_letter_code_can 
_entity_poly.pdbx_strand_id 
_entity_poly.pdbx_target_identifier 
1 polydeoxyribonucleotide no no '(DA)(DC)(DG)(DG)(DA)(DC)(DA)(DG)(DA)(DG)(DT)(DG)(DC)(DA)(DC)' ACGGACAGAGTGCAC A ? 
2 polydeoxyribonucleotide no no '(DC)(DA)(DC)(DA)(DC)(DC)(DG)(DT)'                             CACACCGT        B ? 
3 polydeoxyribonucleotide no no '(DG)(DA)(DG)(DT)(DG)(DC)(DA)(DC)(DT)(DC)(DT)(DG)(DT)'         GAGTGCACTCTGT   D ? 
4 polydeoxyribonucleotide no no '(DC)(DT)(DT)(DG)(DT)(DG)'                                     CTTGTG          X ? 
# 
loop_
_entity_poly_seq.entity_id 
_entity_poly_seq.num 
_entity_poly_seq.mon_id 
_entity_poly_seq.hetero 
1 1  DA n 
1 2  DC n 
1 3  DG n 
1 4  DG n 
1 5  DA n 
1 6  DC n 
1 7  DA n 
1 8  DG n 
1 9  DA n 
1 10 DG n 
1 11 DT n 
1 12 DG n 
1 13 DC n 
1 14 DA n 
1 15 DC n 
2 1  DC n 
2 2  DA n 
2 3  DC n 
2 4  DA n 
2 5  DC n 
2 6  DC n 
2 7  DG n 
2 8  DT n 
3 1  DG n 
3 2  DA n 
3 3  DG n 
3 4  DT n 
3 5  DG n 
3 6  DC n 
3 7  DA n 
3 8  DC n 
3 9  DT n 
3 10 DC n 
3 11 DT n 
3 12 DG n 
3 13 DT n 
4 1  DC n 
4 2  DT n 
4 3  DT n 
4 4  DG n 
4 5  DT n 
4 6  DG n 
# 
loop_
_pdbx_entity_src_syn.entity_id 
_pdbx_entity_src_syn.pdbx_src_id 
_pdbx_entity_src_syn.pdbx_alt_source_flag 
_pdbx_entity_src_syn.pdbx_beg_seq_num 
_pdbx_entity_src_syn.pdbx_end_seq_num 
_pdbx_entity_src_syn.organism_scientific 
_pdbx_entity_src_syn.organism_common_name 
_pdbx_entity_src_syn.ncbi_taxonomy_id 
_pdbx_entity_src_syn.details 
1 1 sample 1 15 'synthetic construct' ? 32630 ? 
2 1 sample 1 8  'synthetic construct' ? 32630 ? 
3 1 sample 1 13 'synthetic construct' ? 32630 ? 
4 1 sample 1 6  'synthetic construct' ? 32630 ? 
# 
loop_
_chem_comp.id 
_chem_comp.type 
_chem_comp.mon_nstd_flag 
_chem_comp.name 
_chem_comp.pdbx_synonyms 
_chem_comp.formula 
_chem_comp.formula_weight 
DA 'DNA linking' y "2'-DEOXYADENOSINE-5'-MONOPHOSPHATE" ? 'C10 H14 N5 O6 P' 331.222 
DC 'DNA linking' y "2'-DEOXYCYTIDINE-5'-MONOPHOSPHATE"  ? 'C9 H14 N3 O7 P'  307.197 
DG 'DNA linking' y "2'-DEOXYGUANOSINE-5'-MONOPHOSPHATE" ? 'C10 H14 N5 O7 P' 347.221 
DT 'DNA linking' y "THYMIDINE-5'-MONOPHOSPHATE"         ? 'C10 H15 N2 O8 P' 322.208 
# 
loop_
_pdbx_poly_seq_scheme.asym_id 
_pdbx_poly_seq_scheme.entity_id 
_pdbx_poly_seq_scheme.seq_id 
_pdbx_poly_seq_scheme.mon_id 
_pdbx_poly_seq_scheme.ndb_seq_num 
_pdbx_poly_seq_scheme.pdb_seq_num 
_pdbx_poly_seq_scheme.auth_seq_num 
_pdbx_poly_seq_scheme.pdb_mon_id 
_pdbx_poly_seq_scheme.auth_mon_id 
_pdbx_poly_seq_scheme.pdb_strand_id 
_pdbx_poly_seq_scheme.pdb_ins_code 
_pdbx_poly_seq_scheme.hetero 
A 1 1  DA 1  112 112 DA DA A . n 
A 1 2  DC 2  113 113 DC DC A . n 
A 1 3  DG 3  114 114 DG DG A . n 
A 1 4  DG 4  115 115 DG DG A . n 
A 1 5  DA 5  116 116 DA DA A . n 
A 1 6  DC 6  117 117 DC DC A . n 
A 1 7  DA 7  118 118 DA DA A . n 
A 1 8  DG 8  119 119 DG DG A . n 
A 1 9  DA 9  120 120 DA DA A . n 
A 1 10 DG 10 121 121 DG DG A . n 
A 1 11 DT 11 122 122 DT DT A . n 
A 1 12 DG 12 123 123 DG DG A . n 
A 1 13 DC 13 124 124 DC DC A . n 
A 1 14 DA 14 125 125 DA DA A . n 
A 1 15 DC 15 126 126 DC DC A . n 
B 2 1  DC 1  131 131 DC DC B . n 
B 2 2  DA 2  132 132 DA DA B . n 
B 2 3  DC 3  133 133 DC DC B . n 
B 2 4  DA 4  134 134 DA DA B . n 
B 2 5  DC 5  135 135 DC DC B . n 
B 2 6  DC 6  136 136 DC DC B . n 
B 2 7  DG 7  137 137 DG DG B . n 
B 2 8  DT 8  138 138 DT DT B . n 
C 3 1  DG 1  196 196 DG DG D . n 
C 3 2  DA 2  197 197 DA DA D . n 
C 3 3  DG 3  198 198 DG DG D . n 
C 3 4  DT 4  199 199 DT DT D . n 
C 3 5  DG 5  200 200 DG DG D . n 
C 3 6  DC 6  201 201 DC DC D . n 
C 3 7  DA 7  202 202 DA DA D . n 
C 3 8  DC 8  203 203 DC DC D . n 
C 3 9  DT 9  204 204 DT DT D . n 
C 3 10 DC 10 205 205 DC DC D . n 
C 3 11 DT 11 206 206 DT DT D . n 
C 3 12 DG 12 207 207 DG DG D . n 
C 3 13 DT 13 208 208 DT DT D . n 
D 4 1  DC 1  106 106 DC DC X . n 
D 4 2  DT 2  107 107 DT DT X . n 
D 4 3  DT 3  108 108 DT DT X . n 
D 4 4  DG 4  109 109 DG DG X . n 
D 4 5  DT 5  110 110 DT DT X . n 
D 4 6  DG 6  111 111 DG DG X . n 
# 
loop_
_software.citation_id 
_software.classification 
_software.compiler_name 
_software.compiler_version 
_software.contact_author 
_software.contact_author_email 
_software.date 
_software.description 
_software.dependencies 
_software.hardware 
_software.language 
_software.location 
_software.mods 
_software.name 
_software.os 
_software.os_version 
_software.type 
_software.version 
_software.pdbx_ordinal 
? refinement       ? ? ? ? ? ? ? ? ? ? ? PHENIX    ? ? ? 1.21.1_5286 1 
? 'data reduction' ? ? ? ? ? ? ? ? ? ? ? autoPROC  ? ? ? .           2 
? 'data scaling'   ? ? ? ? ? ? ? ? ? ? ? STARANISO ? ? ? .           3 
? phasing          ? ? ? ? ? ? ? ? ? ? ? PHASER    ? ? ? .           4 
# 
_cell.angle_alpha                  90.000 
_cell.angle_alpha_esd              ? 
_cell.angle_beta                   90.000 
_cell.angle_beta_esd               ? 
_cell.angle_gamma                  120.000 
_cell.angle_gamma_esd              ? 
_cell.entry_id                     9NDN 
_cell.details                      ? 
_cell.formula_units_Z              ? 
_cell.length_a                     133.505 
_cell.length_a_esd                 ? 
_cell.length_b                     133.505 
_cell.length_b_esd                 ? 
_cell.length_c                     49.719 
_cell.length_c_esd                 ? 
_cell.volume                       767446.446 
_cell.volume_esd                   ? 
_cell.Z_PDB                        6 
_cell.reciprocal_angle_alpha       ? 
_cell.reciprocal_angle_beta        ? 
_cell.reciprocal_angle_gamma       ? 
_cell.reciprocal_angle_alpha_esd   ? 
_cell.reciprocal_angle_beta_esd    ? 
_cell.reciprocal_angle_gamma_esd   ? 
_cell.reciprocal_length_a          ? 
_cell.reciprocal_length_b          ? 
_cell.reciprocal_length_c          ? 
_cell.reciprocal_length_a_esd      ? 
_cell.reciprocal_length_b_esd      ? 
_cell.reciprocal_length_c_esd      ? 
_cell.pdbx_unique_axis             ? 
_cell.pdbx_esd_method              ? 
# 
_symmetry.entry_id                         9NDN 
_symmetry.cell_setting                     ? 
_symmetry.Int_Tables_number                173 
_symmetry.space_group_name_Hall            'P 6c' 
_symmetry.space_group_name_H-M             'P 63' 
_symmetry.pdbx_full_space_group_name_H-M   ? 
# 
_exptl.absorpt_coefficient_mu     ? 
_exptl.absorpt_correction_T_max   ? 
_exptl.absorpt_correction_T_min   ? 
_exptl.absorpt_correction_type    ? 
_exptl.absorpt_process_details    ? 
_exptl.entry_id                   9NDN 
_exptl.crystals_number            1 
_exptl.details                    ? 
_exptl.method                     'X-RAY DIFFRACTION' 
_exptl.method_details             ? 
# 
_exptl_crystal.colour                       ? 
_exptl_crystal.density_diffrn               ? 
_exptl_crystal.density_Matthews             ? 
_exptl_crystal.density_method               ? 
_exptl_crystal.density_percent_sol          ? 
_exptl_crystal.description                  ? 
_exptl_crystal.F_000                        ? 
_exptl_crystal.id                           1 
_exptl_crystal.preparation                  ? 
_exptl_crystal.size_max                     ? 
_exptl_crystal.size_mid                     ? 
_exptl_crystal.size_min                     ? 
_exptl_crystal.size_rad                     ? 
_exptl_crystal.colour_lustre                ? 
_exptl_crystal.colour_modifier              ? 
_exptl_crystal.colour_primary               ? 
_exptl_crystal.density_meas                 ? 
_exptl_crystal.density_meas_esd             ? 
_exptl_crystal.density_meas_gt              ? 
_exptl_crystal.density_meas_lt              ? 
_exptl_crystal.density_meas_temp            ? 
_exptl_crystal.density_meas_temp_esd        ? 
_exptl_crystal.density_meas_temp_gt         ? 
_exptl_crystal.density_meas_temp_lt         ? 
_exptl_crystal.pdbx_crystal_image_url       ? 
_exptl_crystal.pdbx_crystal_image_format    ? 
_exptl_crystal.pdbx_mosaicity               ? 
_exptl_crystal.pdbx_mosaicity_esd           ? 
_exptl_crystal.pdbx_mosaic_method           ? 
_exptl_crystal.pdbx_mosaic_block_size       ? 
_exptl_crystal.pdbx_mosaic_block_size_esd   ? 
# 
_exptl_crystal_grow.apparatus       ? 
_exptl_crystal_grow.atmosphere      ? 
_exptl_crystal_grow.crystal_id      1 
_exptl_crystal_grow.details         ? 
_exptl_crystal_grow.method          'VAPOR DIFFUSION, HANGING DROP' 
_exptl_crystal_grow.method_ref      ? 
_exptl_crystal_grow.pH              ? 
_exptl_crystal_grow.pressure        ? 
_exptl_crystal_grow.pressure_esd    ? 
_exptl_crystal_grow.seeding         ? 
_exptl_crystal_grow.seeding_ref     ? 
_exptl_crystal_grow.temp_details    '338-293 at 0.4/hr' 
_exptl_crystal_grow.temp_esd        ? 
_exptl_crystal_grow.time            ? 
_exptl_crystal_grow.pdbx_details    '100 mM MOPS, 1.25 M magnesium sulfate' 
_exptl_crystal_grow.pdbx_pH_range   ? 
_exptl_crystal_grow.temp            293 
# 
_diffrn.ambient_environment              ? 
_diffrn.ambient_temp                     100 
_diffrn.ambient_temp_details             ? 
_diffrn.ambient_temp_esd                 ? 
_diffrn.crystal_id                       1 
_diffrn.crystal_support                  ? 
_diffrn.crystal_treatment                ? 
_diffrn.details                          ? 
_diffrn.id                               1 
_diffrn.ambient_pressure                 ? 
_diffrn.ambient_pressure_esd             ? 
_diffrn.ambient_pressure_gt              ? 
_diffrn.ambient_pressure_lt              ? 
_diffrn.ambient_temp_gt                  ? 
_diffrn.ambient_temp_lt                  ? 
_diffrn.pdbx_serial_crystal_experiment   N 
# 
_diffrn_detector.details                      ? 
_diffrn_detector.detector                     PIXEL 
_diffrn_detector.diffrn_id                    1 
_diffrn_detector.type                         'DECTRIS EIGER X 9M' 
_diffrn_detector.area_resol_mean              ? 
_diffrn_detector.dtime                        ? 
_diffrn_detector.pdbx_frames_total            ? 
_diffrn_detector.pdbx_collection_time_total   ? 
_diffrn_detector.pdbx_collection_date         2023-03-19 
_diffrn_detector.pdbx_frequency               ? 
_diffrn_detector.id                           ? 
_diffrn_detector.number_of_axes               ? 
# 
_diffrn_radiation.collimation                      ? 
_diffrn_radiation.diffrn_id                        1 
_diffrn_radiation.filter_edge                      ? 
_diffrn_radiation.inhomogeneity                    ? 
_diffrn_radiation.monochromator                    ? 
_diffrn_radiation.polarisn_norm                    ? 
_diffrn_radiation.polarisn_ratio                   ? 
_diffrn_radiation.probe                            ? 
_diffrn_radiation.type                             ? 
_diffrn_radiation.xray_symbol                      ? 
_diffrn_radiation.wavelength_id                    1 
_diffrn_radiation.pdbx_monochromatic_or_laue_m_l   M 
_diffrn_radiation.pdbx_wavelength_list             ? 
_diffrn_radiation.pdbx_wavelength                  ? 
_diffrn_radiation.pdbx_diffrn_protocol             'SINGLE WAVELENGTH' 
_diffrn_radiation.pdbx_analyzer                    ? 
_diffrn_radiation.pdbx_scattering_type             x-ray 
# 
_diffrn_radiation_wavelength.id           1 
_diffrn_radiation_wavelength.wavelength   0.991870 
_diffrn_radiation_wavelength.wt           1.0 
# 
_diffrn_source.current                     ? 
_diffrn_source.details                     ? 
_diffrn_source.diffrn_id                   1 
_diffrn_source.power                       ? 
_diffrn_source.size                        ? 
_diffrn_source.source                      SYNCHROTRON 
_diffrn_source.target                      ? 
_diffrn_source.type                        'APS BEAMLINE 17-ID' 
_diffrn_source.voltage                     ? 
_diffrn_source.take-off_angle              ? 
_diffrn_source.pdbx_wavelength_list        0.991870 
_diffrn_source.pdbx_wavelength             ? 
_diffrn_source.pdbx_synchrotron_beamline   17-ID 
_diffrn_source.pdbx_synchrotron_site       APS 
# 
_reflns.B_iso_Wilson_estimate                          520.00 
_reflns.entry_id                                       9NDN 
_reflns.data_reduction_details                         ? 
_reflns.data_reduction_method                          ? 
_reflns.d_resolution_high                              6.41 
_reflns.d_resolution_low                               45.675 
_reflns.details                                        ? 
_reflns.limit_h_max                                    ? 
_reflns.limit_h_min                                    ? 
_reflns.limit_k_max                                    ? 
_reflns.limit_k_min                                    ? 
_reflns.limit_l_max                                    ? 
_reflns.limit_l_min                                    ? 
_reflns.number_all                                     ? 
_reflns.number_obs                                     917 
_reflns.observed_criterion                             ? 
_reflns.observed_criterion_F_max                       ? 
_reflns.observed_criterion_F_min                       ? 
_reflns.observed_criterion_I_max                       ? 
_reflns.observed_criterion_I_min                       ? 
_reflns.observed_criterion_sigma_F                     ? 
_reflns.observed_criterion_sigma_I                     ? 
_reflns.percent_possible_obs                           89.6 
_reflns.R_free_details                                 ? 
_reflns.Rmerge_F_all                                   ? 
_reflns.Rmerge_F_obs                                   ? 
_reflns.Friedel_coverage                               ? 
_reflns.number_gt                                      ? 
_reflns.threshold_expression                           ? 
_reflns.pdbx_redundancy                                18.9 
_reflns.pdbx_netI_over_av_sigmaI                       ? 
_reflns.pdbx_netI_over_sigmaI                          8.9 
_reflns.pdbx_res_netI_over_av_sigmaI_2                 ? 
_reflns.pdbx_res_netI_over_sigmaI_2                    ? 
_reflns.pdbx_chi_squared                               ? 
_reflns.pdbx_scaling_rejects                           ? 
_reflns.pdbx_d_res_high_opt                            ? 
_reflns.pdbx_d_res_low_opt                             ? 
_reflns.pdbx_d_res_opt_method                          ? 
_reflns.phase_calculation_details                      ? 
_reflns.pdbx_Rrim_I_all                                ? 
_reflns.pdbx_Rpim_I_all                                ? 
_reflns.pdbx_d_opt                                     ? 
_reflns.pdbx_number_measured_all                       ? 
_reflns.pdbx_diffrn_id                                 1 
_reflns.pdbx_ordinal                                   1 
_reflns.pdbx_CC_half                                   .998 
_reflns.pdbx_CC_star                                   ? 
_reflns.pdbx_R_split                                   ? 
_reflns.pdbx_Rmerge_I_obs                              ? 
_reflns.pdbx_Rmerge_I_all                              ? 
_reflns.pdbx_Rsym_value                                ? 
_reflns.pdbx_CC_split_method                           ? 
_reflns.pdbx_aniso_diffraction_limit_axis_1_ortho[1]   ? 
_reflns.pdbx_aniso_diffraction_limit_axis_1_ortho[2]   ? 
_reflns.pdbx_aniso_diffraction_limit_axis_1_ortho[3]   ? 
_reflns.pdbx_aniso_diffraction_limit_axis_2_ortho[1]   ? 
_reflns.pdbx_aniso_diffraction_limit_axis_2_ortho[2]   ? 
_reflns.pdbx_aniso_diffraction_limit_axis_2_ortho[3]   ? 
_reflns.pdbx_aniso_diffraction_limit_axis_3_ortho[1]   ? 
_reflns.pdbx_aniso_diffraction_limit_axis_3_ortho[2]   ? 
_reflns.pdbx_aniso_diffraction_limit_axis_3_ortho[3]   ? 
_reflns.pdbx_aniso_diffraction_limit_1                 ? 
_reflns.pdbx_aniso_diffraction_limit_2                 ? 
_reflns.pdbx_aniso_diffraction_limit_3                 ? 
_reflns.pdbx_aniso_B_tensor_eigenvector_1_ortho[1]     ? 
_reflns.pdbx_aniso_B_tensor_eigenvector_1_ortho[2]     ? 
_reflns.pdbx_aniso_B_tensor_eigenvector_1_ortho[3]     ? 
_reflns.pdbx_aniso_B_tensor_eigenvector_2_ortho[1]     ? 
_reflns.pdbx_aniso_B_tensor_eigenvector_2_ortho[2]     ? 
_reflns.pdbx_aniso_B_tensor_eigenvector_2_ortho[3]     ? 
_reflns.pdbx_aniso_B_tensor_eigenvector_3_ortho[1]     ? 
_reflns.pdbx_aniso_B_tensor_eigenvector_3_ortho[2]     ? 
_reflns.pdbx_aniso_B_tensor_eigenvector_3_ortho[3]     ? 
_reflns.pdbx_aniso_B_tensor_eigenvalue_1               ? 
_reflns.pdbx_aniso_B_tensor_eigenvalue_2               ? 
_reflns.pdbx_aniso_B_tensor_eigenvalue_3               ? 
_reflns.pdbx_orthogonalization_convention              ? 
_reflns.pdbx_percent_possible_ellipsoidal              ? 
_reflns.pdbx_percent_possible_spherical                ? 
_reflns.pdbx_percent_possible_ellipsoidal_anomalous    ? 
_reflns.pdbx_percent_possible_spherical_anomalous      ? 
_reflns.pdbx_redundancy_anomalous                      ? 
_reflns.pdbx_CC_half_anomalous                         ? 
_reflns.pdbx_absDiff_over_sigma_anomalous              ? 
_reflns.pdbx_percent_possible_anomalous                ? 
_reflns.pdbx_observed_signal_threshold                 ? 
_reflns.pdbx_signal_type                               ? 
_reflns.pdbx_signal_details                            ? 
_reflns.pdbx_signal_software_id                        ? 
# 
loop_
_reflns_shell.d_res_high 
_reflns_shell.d_res_low 
_reflns_shell.meanI_over_sigI_all 
_reflns_shell.meanI_over_sigI_obs 
_reflns_shell.number_measured_all 
_reflns_shell.number_measured_obs 
_reflns_shell.number_possible 
_reflns_shell.number_unique_all 
_reflns_shell.number_unique_obs 
_reflns_shell.percent_possible_obs 
_reflns_shell.Rmerge_F_all 
_reflns_shell.Rmerge_F_obs 
_reflns_shell.meanI_over_sigI_gt 
_reflns_shell.meanI_over_uI_all 
_reflns_shell.meanI_over_uI_gt 
_reflns_shell.number_measured_gt 
_reflns_shell.number_unique_gt 
_reflns_shell.percent_possible_gt 
_reflns_shell.Rmerge_F_gt 
_reflns_shell.Rmerge_I_gt 
_reflns_shell.pdbx_redundancy 
_reflns_shell.pdbx_chi_squared 
_reflns_shell.pdbx_netI_over_sigmaI_all 
_reflns_shell.pdbx_netI_over_sigmaI_obs 
_reflns_shell.pdbx_Rrim_I_all 
_reflns_shell.pdbx_Rpim_I_all 
_reflns_shell.pdbx_rejects 
_reflns_shell.pdbx_ordinal 
_reflns_shell.pdbx_diffrn_id 
_reflns_shell.pdbx_CC_half 
_reflns_shell.pdbx_CC_star 
_reflns_shell.pdbx_R_split 
_reflns_shell.percent_possible_all 
_reflns_shell.Rmerge_I_all 
_reflns_shell.Rmerge_I_obs 
_reflns_shell.pdbx_Rsym_value 
_reflns_shell.pdbx_percent_possible_ellipsoidal 
_reflns_shell.pdbx_percent_possible_spherical 
_reflns_shell.pdbx_percent_possible_ellipsoidal_anomalous 
_reflns_shell.pdbx_percent_possible_spherical_anomalous 
_reflns_shell.pdbx_redundancy_anomalous 
_reflns_shell.pdbx_CC_half_anomalous 
_reflns_shell.pdbx_absDiff_over_sigma_anomalous 
_reflns_shell.pdbx_percent_possible_anomalous 
6.413  7.283  ? ? ? ? ? ? 185 ? ? ? ? ? ? ? ? ? ? ? ? ? ? ? ? ? ? 1 1 .273 ? ? ? ? ? ? ? ? ? ? ? ? ? ? 
11.885 45.675 ? ? ? ? ? ? 184 ? ? ? ? ? ? ? ? ? ? ? ? ? ? ? ? ? ? 2 1 .998 ? ? ? ? ? ? ? ? ? ? ? ? ? ? 
# 
_refine.aniso_B[1][1]                            ? 
_refine.aniso_B[1][2]                            ? 
_refine.aniso_B[1][3]                            ? 
_refine.aniso_B[2][2]                            ? 
_refine.aniso_B[2][3]                            ? 
_refine.aniso_B[3][3]                            ? 
_refine.B_iso_max                                ? 
_refine.B_iso_mean                               558.43 
_refine.B_iso_min                                ? 
_refine.correlation_coeff_Fo_to_Fc               ? 
_refine.correlation_coeff_Fo_to_Fc_free          ? 
_refine.details                                  ? 
_refine.diff_density_max                         ? 
_refine.diff_density_max_esd                     ? 
_refine.diff_density_min                         ? 
_refine.diff_density_min_esd                     ? 
_refine.diff_density_rms                         ? 
_refine.diff_density_rms_esd                     ? 
_refine.entry_id                                 9NDN 
_refine.pdbx_refine_id                           'X-RAY DIFFRACTION' 
_refine.ls_abs_structure_details                 ? 
_refine.ls_abs_structure_Flack                   ? 
_refine.ls_abs_structure_Flack_esd               ? 
_refine.ls_abs_structure_Rogers                  ? 
_refine.ls_abs_structure_Rogers_esd              ? 
_refine.ls_d_res_high                            6.41 
_refine.ls_d_res_low                             37.70 
_refine.ls_extinction_coef                       ? 
_refine.ls_extinction_coef_esd                   ? 
_refine.ls_extinction_expression                 ? 
_refine.ls_extinction_method                     ? 
_refine.ls_goodness_of_fit_all                   ? 
_refine.ls_goodness_of_fit_all_esd               ? 
_refine.ls_goodness_of_fit_obs                   ? 
_refine.ls_goodness_of_fit_obs_esd               ? 
_refine.ls_hydrogen_treatment                    ? 
_refine.ls_matrix_type                           ? 
_refine.ls_number_constraints                    ? 
_refine.ls_number_parameters                     ? 
_refine.ls_number_reflns_all                     ? 
_refine.ls_number_reflns_obs                     868 
_refine.ls_number_reflns_R_free                  36 
_refine.ls_number_reflns_R_work                  832 
_refine.ls_number_restraints                     ? 
_refine.ls_percent_reflns_obs                    78.55 
_refine.ls_percent_reflns_R_free                 4.15 
_refine.ls_R_factor_all                          ? 
_refine.ls_R_factor_obs                          0.2232 
_refine.ls_R_factor_R_free                       0.2639 
_refine.ls_R_factor_R_free_error                 ? 
_refine.ls_R_factor_R_free_error_details         ? 
_refine.ls_R_factor_R_work                       0.2184 
_refine.ls_R_Fsqd_factor_obs                     ? 
_refine.ls_R_I_factor_obs                        ? 
_refine.ls_redundancy_reflns_all                 ? 
_refine.ls_redundancy_reflns_obs                 ? 
_refine.ls_restrained_S_all                      ? 
_refine.ls_restrained_S_obs                      ? 
_refine.ls_shift_over_esd_max                    ? 
_refine.ls_shift_over_esd_mean                   ? 
_refine.ls_structure_factor_coef                 ? 
_refine.ls_weighting_details                     ? 
_refine.ls_weighting_scheme                      ? 
_refine.ls_wR_factor_all                         ? 
_refine.ls_wR_factor_obs                         ? 
_refine.ls_wR_factor_R_free                      ? 
_refine.ls_wR_factor_R_work                      ? 
_refine.occupancy_max                            ? 
_refine.occupancy_min                            ? 
_refine.solvent_model_details                    'FLAT BULK SOLVENT MODEL' 
_refine.solvent_model_param_bsol                 ? 
_refine.solvent_model_param_ksol                 ? 
_refine.correlation_coeff_I_to_Fcsqd_work        ? 
_refine.correlation_coeff_I_to_Fcsqd_free        ? 
_refine.pdbx_R_complete                          ? 
_refine.ls_R_factor_gt                           ? 
_refine.ls_goodness_of_fit_gt                    ? 
_refine.ls_goodness_of_fit_ref                   ? 
_refine.ls_shift_over_su_max                     ? 
_refine.ls_shift_over_su_max_lt                  ? 
_refine.ls_shift_over_su_mean                    ? 
_refine.ls_shift_over_su_mean_lt                 ? 
_refine.pdbx_ls_sigma_I                          ? 
_refine.pdbx_ls_sigma_F                          1.34 
_refine.pdbx_ls_sigma_Fsqd                       ? 
_refine.pdbx_data_cutoff_high_absF               ? 
_refine.pdbx_data_cutoff_high_rms_absF           ? 
_refine.pdbx_data_cutoff_low_absF                ? 
_refine.pdbx_isotropic_thermal_model             ? 
_refine.pdbx_ls_cross_valid_method               'FREE R-VALUE' 
_refine.pdbx_method_to_determine_struct          'MOLECULAR REPLACEMENT' 
_refine.pdbx_starting_model                      ? 
_refine.pdbx_stereochemistry_target_values       'GeoStd + Monomer Library + CDL v1.2' 
_refine.pdbx_R_Free_selection_details            ? 
_refine.pdbx_stereochem_target_val_spec_case     ? 
_refine.pdbx_overall_ESU_R                       ? 
_refine.pdbx_overall_ESU_R_Free                  ? 
_refine.pdbx_solvent_vdw_probe_radii             1.1000 
_refine.pdbx_solvent_ion_probe_radii             ? 
_refine.pdbx_solvent_shrinkage_radii             0.9000 
_refine.pdbx_real_space_R                        ? 
_refine.pdbx_density_correlation                 ? 
_refine.pdbx_pd_number_of_powder_patterns        ? 
_refine.pdbx_pd_number_of_points                 ? 
_refine.pdbx_pd_meas_number_of_points            ? 
_refine.pdbx_pd_proc_ls_prof_R_factor            ? 
_refine.pdbx_pd_proc_ls_prof_wR_factor           ? 
_refine.pdbx_pd_Marquardt_correlation_coeff      ? 
_refine.pdbx_pd_Fsqrd_R_factor                   ? 
_refine.pdbx_pd_ls_matrix_band_width             ? 
_refine.pdbx_overall_phase_error                 36.4475 
_refine.pdbx_overall_SU_R_free_Cruickshank_DPI   ? 
_refine.pdbx_overall_SU_R_free_Blow_DPI          ? 
_refine.pdbx_overall_SU_R_Blow_DPI               ? 
_refine.pdbx_TLS_residual_ADP_flag               ? 
_refine.pdbx_diffrn_id                           1 
_refine.overall_SU_B                             ? 
_refine.overall_SU_ML                            0.0000 
_refine.overall_SU_R_Cruickshank_DPI             ? 
_refine.overall_SU_R_free                        ? 
_refine.overall_FOM_free_R_set                   ? 
_refine.overall_FOM_work_R_set                   ? 
_refine.pdbx_average_fsc_overall                 ? 
_refine.pdbx_average_fsc_work                    ? 
_refine.pdbx_average_fsc_free                    ? 
# 
_refine_hist.pdbx_refine_id                   'X-RAY DIFFRACTION' 
_refine_hist.cycle_id                         LAST 
_refine_hist.details                          ? 
_refine_hist.d_res_high                       6.41 
_refine_hist.d_res_low                        37.70 
_refine_hist.number_atoms_solvent             0 
_refine_hist.number_atoms_total               861 
_refine_hist.number_reflns_all                ? 
_refine_hist.number_reflns_obs                ? 
_refine_hist.number_reflns_R_free             ? 
_refine_hist.number_reflns_R_work             ? 
_refine_hist.R_factor_all                     ? 
_refine_hist.R_factor_obs                     ? 
_refine_hist.R_factor_R_free                  ? 
_refine_hist.R_factor_R_work                  ? 
_refine_hist.pdbx_number_residues_total       ? 
_refine_hist.pdbx_B_iso_mean_ligand           ? 
_refine_hist.pdbx_B_iso_mean_solvent          ? 
_refine_hist.pdbx_number_atoms_protein        0 
_refine_hist.pdbx_number_atoms_nucleic_acid   861 
_refine_hist.pdbx_number_atoms_ligand         0 
_refine_hist.pdbx_number_atoms_lipid          ? 
_refine_hist.pdbx_number_atoms_carb           ? 
_refine_hist.pdbx_pseudo_atom_details         ? 
# 
loop_
_refine_ls_restr.pdbx_refine_id 
_refine_ls_restr.criterion 
_refine_ls_restr.dev_ideal 
_refine_ls_restr.dev_ideal_target 
_refine_ls_restr.number 
_refine_ls_restr.rejects 
_refine_ls_restr.type 
_refine_ls_restr.weight 
_refine_ls_restr.pdbx_restraint_function 
'X-RAY DIFFRACTION' ? 0.0069  ? 962  ? f_bond_d           ? ? 
'X-RAY DIFFRACTION' ? 0.8245  ? 1475 ? f_angle_d          ? ? 
'X-RAY DIFFRACTION' ? 0.0423  ? 168  ? f_chiral_restr     ? ? 
'X-RAY DIFFRACTION' ? 0.0038  ? 42   ? f_plane_restr      ? ? 
'X-RAY DIFFRACTION' ? 37.1489 ? 444  ? f_dihedral_angle_d ? ? 
# 
_refine_ls_shell.pdbx_refine_id                      'X-RAY DIFFRACTION' 
_refine_ls_shell.d_res_high                          6.41 
_refine_ls_shell.d_res_low                           37.70 
_refine_ls_shell.number_reflns_all                   ? 
_refine_ls_shell.number_reflns_obs                   ? 
_refine_ls_shell.number_reflns_R_free                36 
_refine_ls_shell.number_reflns_R_work                832 
_refine_ls_shell.percent_reflns_obs                  78.55 
_refine_ls_shell.percent_reflns_R_free               ? 
_refine_ls_shell.R_factor_all                        ? 
_refine_ls_shell.R_factor_obs                        ? 
_refine_ls_shell.R_factor_R_free_error               ? 
_refine_ls_shell.R_factor_R_work                     0.2184 
_refine_ls_shell.redundancy_reflns_all               ? 
_refine_ls_shell.redundancy_reflns_obs               ? 
_refine_ls_shell.wR_factor_all                       ? 
_refine_ls_shell.wR_factor_obs                       ? 
_refine_ls_shell.wR_factor_R_free                    ? 
_refine_ls_shell.wR_factor_R_work                    ? 
_refine_ls_shell.pdbx_R_complete                     ? 
_refine_ls_shell.correlation_coeff_Fo_to_Fc          ? 
_refine_ls_shell.correlation_coeff_Fo_to_Fc_free     ? 
_refine_ls_shell.correlation_coeff_I_to_Fcsqd_work   ? 
_refine_ls_shell.correlation_coeff_I_to_Fcsqd_free   ? 
_refine_ls_shell.pdbx_total_number_of_bins_used      ? 
_refine_ls_shell.pdbx_phase_error                    ? 
_refine_ls_shell.pdbx_fsc_work                       ? 
_refine_ls_shell.pdbx_fsc_free                       ? 
_refine_ls_shell.R_factor_R_free                     0.2639 
# 
_struct.entry_id                     9NDN 
_struct.title                        
;[0,8,11,P-2] Shifted tensegrity triangle with an (arm,center,arm) distribution of (0,8,11) base pairs, 2 nt sticky ends, and 5' phosphates
;
_struct.pdbx_model_details           ? 
_struct.pdbx_formula_weight          ? 
_struct.pdbx_formula_weight_method   ? 
_struct.pdbx_model_type_details      ? 
_struct.pdbx_CASP_flag               N 
# 
_struct_keywords.entry_id        9NDN 
_struct_keywords.text            'tensegrity triangle, DNA' 
_struct_keywords.pdbx_keywords   DNA 
# 
loop_
_struct_asym.id 
_struct_asym.pdbx_blank_PDB_chainid_flag 
_struct_asym.pdbx_modified 
_struct_asym.entity_id 
_struct_asym.details 
A N N 1 ? 
B N N 2 ? 
C N N 3 ? 
D N N 4 ? 
# 
loop_
_struct_ref.id 
_struct_ref.db_name 
_struct_ref.db_code 
_struct_ref.pdbx_db_accession 
_struct_ref.pdbx_db_isoform 
_struct_ref.entity_id 
_struct_ref.pdbx_seq_one_letter_code 
_struct_ref.pdbx_align_begin 
1 PDB 9NDN 9NDN ? 1 ? 1 
2 PDB 9NDN 9NDN ? 2 ? 1 
3 PDB 9NDN 9NDN ? 3 ? 1 
4 PDB 9NDN 9NDN ? 4 ? 1 
# 
loop_
_struct_ref_seq.align_id 
_struct_ref_seq.ref_id 
_struct_ref_seq.pdbx_PDB_id_code 
_struct_ref_seq.pdbx_strand_id 
_struct_ref_seq.seq_align_beg 
_struct_ref_seq.pdbx_seq_align_beg_ins_code 
_struct_ref_seq.seq_align_end 
_struct_ref_seq.pdbx_seq_align_end_ins_code 
_struct_ref_seq.pdbx_db_accession 
_struct_ref_seq.db_align_beg 
_struct_ref_seq.pdbx_db_align_beg_ins_code 
_struct_ref_seq.db_align_end 
_struct_ref_seq.pdbx_db_align_end_ins_code 
_struct_ref_seq.pdbx_auth_seq_align_beg 
_struct_ref_seq.pdbx_auth_seq_align_end 
1 1 9NDN A 1 ? 15 ? 9NDN 112 ? 126 ? 112 126 
2 2 9NDN B 1 ? 8  ? 9NDN 131 ? 138 ? 131 138 
3 3 9NDN D 1 ? 13 ? 9NDN 196 ? 208 ? 196 208 
4 4 9NDN X 1 ? 6  ? 9NDN 106 ? 111 ? 106 111 
# 
_pdbx_struct_assembly.id                   1 
_pdbx_struct_assembly.details              author_defined_assembly 
_pdbx_struct_assembly.method_details       ? 
_pdbx_struct_assembly.oligomeric_details   dodecameric 
_pdbx_struct_assembly.oligomeric_count     12 
# 
loop_
_pdbx_struct_assembly_gen.assembly_id 
_pdbx_struct_assembly_gen.oper_expression 
_pdbx_struct_assembly_gen.asym_id_list 
1 1 A,B,C,D 
1 2 A,B,C,D 
1 3 A,B,C,D 
# 
_pdbx_struct_assembly_auth_evidence.id                     1 
_pdbx_struct_assembly_auth_evidence.assembly_id            1 
_pdbx_struct_assembly_auth_evidence.experimental_support   'native gel electrophoresis' 
_pdbx_struct_assembly_auth_evidence.details                ? 
# 
loop_
_pdbx_struct_oper_list.id 
_pdbx_struct_oper_list.type 
_pdbx_struct_oper_list.name 
_pdbx_struct_oper_list.symmetry_operation 
_pdbx_struct_oper_list.matrix[1][1] 
_pdbx_struct_oper_list.matrix[1][2] 
_pdbx_struct_oper_list.matrix[1][3] 
_pdbx_struct_oper_list.vector[1] 
_pdbx_struct_oper_list.matrix[2][1] 
_pdbx_struct_oper_list.matrix[2][2] 
_pdbx_struct_oper_list.matrix[2][3] 
_pdbx_struct_oper_list.vector[2] 
_pdbx_struct_oper_list.matrix[3][1] 
_pdbx_struct_oper_list.matrix[3][2] 
_pdbx_struct_oper_list.matrix[3][3] 
_pdbx_struct_oper_list.vector[3] 
1 'identity operation'         1_555 x,y,z       1.0000000000 0.0000000000 0.0000000000  0.0000000000  0.0000000000 1.0000000000  0.0000000000  0.0000000000   0.0000000000  0.0000000000  1.0000000000  0.0000000000  
2 'crystal symmetry operation' 2_565 -y,x-y+1,z  0.6964491703 0.2816521189 -0.6600232095 19.5398253005 0.7174668347 -0.2914164036 0.6327067415  -26.6381533912 -0.0141383956 -0.9141928482 -0.4050327667 29.8773045535 
3 'crystal symmetry operation' 3_455 -x+y-1,-x,z 0.6964491703 0.7174668347 -0.0141383956 5.9259136301  0.2816521189 -0.2914164036 -0.9141928482 14.0473900873  -0.6600232095 0.6327067415  -0.4050327667 41.8521647681 
# 
loop_
_struct_conn.id 
_struct_conn.conn_type_id 
_struct_conn.pdbx_leaving_atom_flag 
_struct_conn.pdbx_PDB_id 
_struct_conn.ptnr1_label_asym_id 
_struct_conn.ptnr1_label_comp_id 
_struct_conn.ptnr1_label_seq_id 
_struct_conn.ptnr1_label_atom_id 
_struct_conn.pdbx_ptnr1_label_alt_id 
_struct_conn.pdbx_ptnr1_PDB_ins_code 
_struct_conn.pdbx_ptnr1_standard_comp_id 
_struct_conn.ptnr1_symmetry 
_struct_conn.ptnr2_label_asym_id 
_struct_conn.ptnr2_label_comp_id 
_struct_conn.ptnr2_label_seq_id 
_struct_conn.ptnr2_label_atom_id 
_struct_conn.pdbx_ptnr2_label_alt_id 
_struct_conn.pdbx_ptnr2_PDB_ins_code 
_struct_conn.ptnr1_auth_asym_id 
_struct_conn.ptnr1_auth_comp_id 
_struct_conn.ptnr1_auth_seq_id 
_struct_conn.ptnr2_auth_asym_id 
_struct_conn.ptnr2_auth_comp_id 
_struct_conn.ptnr2_auth_seq_id 
_struct_conn.ptnr2_symmetry 
_struct_conn.pdbx_ptnr3_label_atom_id 
_struct_conn.pdbx_ptnr3_label_seq_id 
_struct_conn.pdbx_ptnr3_label_comp_id 
_struct_conn.pdbx_ptnr3_label_asym_id 
_struct_conn.pdbx_ptnr3_label_alt_id 
_struct_conn.pdbx_ptnr3_PDB_ins_code 
_struct_conn.details 
_struct_conn.pdbx_dist_value 
_struct_conn.pdbx_value_order 
_struct_conn.pdbx_role 
hydrog1  hydrog ? ? A DA 1  N1 ? ? ? 1_555 B DT 8  N3 ? ? A DA 112 B DT 138 1_555 ? ? ? ? ? ? WATSON-CRICK    ? ? ? 
hydrog2  hydrog ? ? A DA 1  N6 ? ? ? 1_555 B DT 8  O4 ? ? A DA 112 B DT 138 1_555 ? ? ? ? ? ? WATSON-CRICK    ? ? ? 
hydrog3  hydrog ? ? A DC 2  N3 ? ? ? 1_555 B DG 7  N1 ? ? A DC 113 B DG 137 1_555 ? ? ? ? ? ? WATSON-CRICK    ? ? ? 
hydrog4  hydrog ? ? A DC 2  N4 ? ? ? 1_555 B DG 7  O6 ? ? A DC 113 B DG 137 1_555 ? ? ? ? ? ? WATSON-CRICK    ? ? ? 
hydrog5  hydrog ? ? A DC 2  O2 ? ? ? 1_555 B DG 7  N2 ? ? A DC 113 B DG 137 1_555 ? ? ? ? ? ? WATSON-CRICK    ? ? ? 
hydrog6  hydrog ? ? A DG 4  N1 ? ? ? 1_555 B DC 6  N3 ? ? A DG 115 B DC 136 1_555 ? ? ? ? ? ? WATSON-CRICK    ? ? ? 
hydrog7  hydrog ? ? A DG 4  N2 ? ? ? 1_555 B DC 6  O2 ? ? A DG 115 B DC 136 1_555 ? ? ? ? ? ? WATSON-CRICK    ? ? ? 
hydrog8  hydrog ? ? A DG 4  O6 ? ? ? 1_555 B DC 6  N4 ? ? A DG 115 B DC 136 1_555 ? ? ? ? ? ? WATSON-CRICK    ? ? ? 
hydrog9  hydrog ? ? A DA 5  N6 ? ? ? 1_555 B DC 5  N3 ? ? A DA 116 B DC 135 1_555 ? ? ? ? ? ? 'DA-DC MISPAIR' ? ? ? 
hydrog10 hydrog ? ? A DC 6  N3 ? ? ? 1_555 C DG 12 N1 ? ? A DC 117 D DG 207 1_555 ? ? ? ? ? ? WATSON-CRICK    ? ? ? 
hydrog11 hydrog ? ? A DC 6  N4 ? ? ? 1_555 C DG 12 O6 ? ? A DC 117 D DG 207 1_555 ? ? ? ? ? ? WATSON-CRICK    ? ? ? 
hydrog12 hydrog ? ? A DC 6  O2 ? ? ? 1_555 C DG 12 N2 ? ? A DC 117 D DG 207 1_555 ? ? ? ? ? ? WATSON-CRICK    ? ? ? 
hydrog13 hydrog ? ? A DA 7  N1 ? ? ? 1_555 C DT 11 N3 ? ? A DA 118 D DT 206 1_555 ? ? ? ? ? ? WATSON-CRICK    ? ? ? 
hydrog14 hydrog ? ? A DA 7  N6 ? ? ? 1_555 C DT 11 O4 ? ? A DA 118 D DT 206 1_555 ? ? ? ? ? ? WATSON-CRICK    ? ? ? 
hydrog15 hydrog ? ? A DG 8  N1 ? ? ? 1_555 C DC 10 N3 ? ? A DG 119 D DC 205 1_555 ? ? ? ? ? ? WATSON-CRICK    ? ? ? 
hydrog16 hydrog ? ? A DG 8  N2 ? ? ? 1_555 C DC 10 O2 ? ? A DG 119 D DC 205 1_555 ? ? ? ? ? ? WATSON-CRICK    ? ? ? 
hydrog17 hydrog ? ? A DG 8  O6 ? ? ? 1_555 C DC 10 N4 ? ? A DG 119 D DC 205 1_555 ? ? ? ? ? ? WATSON-CRICK    ? ? ? 
hydrog18 hydrog ? ? A DA 9  N1 ? ? ? 1_555 C DT 9  N3 ? ? A DA 120 D DT 204 1_555 ? ? ? ? ? ? WATSON-CRICK    ? ? ? 
hydrog19 hydrog ? ? A DA 9  N6 ? ? ? 1_555 C DT 9  O4 ? ? A DA 120 D DT 204 1_555 ? ? ? ? ? ? WATSON-CRICK    ? ? ? 
hydrog20 hydrog ? ? A DG 10 N1 ? ? ? 1_555 C DC 8  N3 ? ? A DG 121 D DC 203 1_555 ? ? ? ? ? ? WATSON-CRICK    ? ? ? 
hydrog21 hydrog ? ? A DG 10 N2 ? ? ? 1_555 C DC 8  O2 ? ? A DG 121 D DC 203 1_555 ? ? ? ? ? ? WATSON-CRICK    ? ? ? 
hydrog22 hydrog ? ? A DG 10 O6 ? ? ? 1_555 C DC 8  N4 ? ? A DG 121 D DC 203 1_555 ? ? ? ? ? ? WATSON-CRICK    ? ? ? 
hydrog23 hydrog ? ? A DT 11 N3 ? ? ? 1_555 C DA 7  N1 ? ? A DT 122 D DA 202 1_555 ? ? ? ? ? ? WATSON-CRICK    ? ? ? 
hydrog24 hydrog ? ? A DT 11 O4 ? ? ? 1_555 C DA 7  N6 ? ? A DT 122 D DA 202 1_555 ? ? ? ? ? ? WATSON-CRICK    ? ? ? 
hydrog25 hydrog ? ? A DG 12 N1 ? ? ? 1_555 C DC 6  N3 ? ? A DG 123 D DC 201 1_555 ? ? ? ? ? ? WATSON-CRICK    ? ? ? 
hydrog26 hydrog ? ? A DG 12 N2 ? ? ? 1_555 C DC 6  O2 ? ? A DG 123 D DC 201 1_555 ? ? ? ? ? ? WATSON-CRICK    ? ? ? 
hydrog27 hydrog ? ? A DG 12 O6 ? ? ? 1_555 C DC 6  N4 ? ? A DG 123 D DC 201 1_555 ? ? ? ? ? ? WATSON-CRICK    ? ? ? 
hydrog28 hydrog ? ? A DC 13 N3 ? ? ? 1_555 C DG 5  N1 ? ? A DC 124 D DG 200 1_555 ? ? ? ? ? ? WATSON-CRICK    ? ? ? 
hydrog29 hydrog ? ? A DC 13 N4 ? ? ? 1_555 C DG 5  O6 ? ? A DC 124 D DG 200 1_555 ? ? ? ? ? ? WATSON-CRICK    ? ? ? 
hydrog30 hydrog ? ? A DC 13 O2 ? ? ? 1_555 C DG 5  N2 ? ? A DC 124 D DG 200 1_555 ? ? ? ? ? ? WATSON-CRICK    ? ? ? 
hydrog31 hydrog ? ? A DA 14 N1 ? ? ? 1_555 C DT 4  N3 ? ? A DA 125 D DT 199 1_555 ? ? ? ? ? ? WATSON-CRICK    ? ? ? 
hydrog32 hydrog ? ? A DA 14 N6 ? ? ? 1_555 C DT 4  O4 ? ? A DA 125 D DT 199 1_555 ? ? ? ? ? ? WATSON-CRICK    ? ? ? 
hydrog33 hydrog ? ? A DC 15 N3 ? ? ? 1_555 C DG 3  N1 ? ? A DC 126 D DG 198 1_555 ? ? ? ? ? ? WATSON-CRICK    ? ? ? 
hydrog34 hydrog ? ? A DC 15 N4 ? ? ? 1_555 C DG 3  O6 ? ? A DC 126 D DG 198 1_555 ? ? ? ? ? ? WATSON-CRICK    ? ? ? 
hydrog35 hydrog ? ? A DC 15 O2 ? ? ? 1_555 C DG 3  N2 ? ? A DC 126 D DG 198 1_555 ? ? ? ? ? ? WATSON-CRICK    ? ? ? 
hydrog36 hydrog ? ? B DC 1  N3 ? ? ? 1_555 D DG 6  N1 ? ? B DC 131 X DG 111 1_555 ? ? ? ? ? ? WATSON-CRICK    ? ? ? 
hydrog37 hydrog ? ? B DC 1  N4 ? ? ? 1_555 D DG 6  O6 ? ? B DC 131 X DG 111 1_555 ? ? ? ? ? ? WATSON-CRICK    ? ? ? 
hydrog38 hydrog ? ? B DC 1  O2 ? ? ? 1_555 D DG 6  N2 ? ? B DC 131 X DG 111 1_555 ? ? ? ? ? ? WATSON-CRICK    ? ? ? 
hydrog39 hydrog ? ? B DA 2  N1 ? ? ? 1_555 D DT 5  N3 ? ? B DA 132 X DT 110 1_555 ? ? ? ? ? ? WATSON-CRICK    ? ? ? 
hydrog40 hydrog ? ? B DA 2  N6 ? ? ? 1_555 D DT 5  O4 ? ? B DA 132 X DT 110 1_555 ? ? ? ? ? ? WATSON-CRICK    ? ? ? 
hydrog41 hydrog ? ? B DC 3  N3 ? ? ? 1_555 D DG 4  N1 ? ? B DC 133 X DG 109 1_555 ? ? ? ? ? ? WATSON-CRICK    ? ? ? 
hydrog42 hydrog ? ? B DC 3  N4 ? ? ? 1_555 D DG 4  O6 ? ? B DC 133 X DG 109 1_555 ? ? ? ? ? ? WATSON-CRICK    ? ? ? 
hydrog43 hydrog ? ? B DC 3  O2 ? ? ? 1_555 D DG 4  N2 ? ? B DC 133 X DG 109 1_555 ? ? ? ? ? ? WATSON-CRICK    ? ? ? 
hydrog44 hydrog ? ? B DA 4  N1 ? ? ? 1_555 D DT 3  N3 ? ? B DA 134 X DT 108 1_555 ? ? ? ? ? ? WATSON-CRICK    ? ? ? 
hydrog45 hydrog ? ? B DA 4  N6 ? ? ? 1_555 D DT 3  O4 ? ? B DA 134 X DT 108 1_555 ? ? ? ? ? ? WATSON-CRICK    ? ? ? 
# 
_struct_conn_type.id          hydrog 
_struct_conn_type.criteria    ? 
_struct_conn_type.reference   ? 
# 
_pdbx_entry_details.entry_id                   9NDN 
_pdbx_entry_details.compound_details           ? 
_pdbx_entry_details.source_details             ? 
_pdbx_entry_details.nonpolymer_details         ? 
_pdbx_entry_details.sequence_details           ? 
_pdbx_entry_details.has_ligand_of_interest     ? 
_pdbx_entry_details.has_protein_modification   N 
# 
loop_
_pdbx_validate_rmsd_angle.id 
_pdbx_validate_rmsd_angle.PDB_model_num 
_pdbx_validate_rmsd_angle.auth_atom_id_1 
_pdbx_validate_rmsd_angle.auth_asym_id_1 
_pdbx_validate_rmsd_angle.auth_comp_id_1 
_pdbx_validate_rmsd_angle.auth_seq_id_1 
_pdbx_validate_rmsd_angle.PDB_ins_code_1 
_pdbx_validate_rmsd_angle.label_alt_id_1 
_pdbx_validate_rmsd_angle.auth_atom_id_2 
_pdbx_validate_rmsd_angle.auth_asym_id_2 
_pdbx_validate_rmsd_angle.auth_comp_id_2 
_pdbx_validate_rmsd_angle.auth_seq_id_2 
_pdbx_validate_rmsd_angle.PDB_ins_code_2 
_pdbx_validate_rmsd_angle.label_alt_id_2 
_pdbx_validate_rmsd_angle.auth_atom_id_3 
_pdbx_validate_rmsd_angle.auth_asym_id_3 
_pdbx_validate_rmsd_angle.auth_comp_id_3 
_pdbx_validate_rmsd_angle.auth_seq_id_3 
_pdbx_validate_rmsd_angle.PDB_ins_code_3 
_pdbx_validate_rmsd_angle.label_alt_id_3 
_pdbx_validate_rmsd_angle.angle_value 
_pdbx_validate_rmsd_angle.angle_target_value 
_pdbx_validate_rmsd_angle.angle_deviation 
_pdbx_validate_rmsd_angle.angle_standard_deviation 
_pdbx_validate_rmsd_angle.linker_flag 
1 1 "O4'" B DC 136 ? ? "C1'" B DC 136 ? ? N1 B DC 136 ? ? 111.16 108.30 2.86 0.30 N 
2 1 "O4'" X DT 107 ? ? "C1'" X DT 107 ? ? N1 X DT 107 ? ? 111.31 108.30 3.01 0.30 N 
# 
loop_
_space_group_symop.id 
_space_group_symop.operation_xyz 
1 x,y,z        
2 x-y,x,z+1/2  
3 y,-x+y,z+1/2 
4 -y,x-y,z     
5 -x+y,-x,z    
6 -x,-y,z+1/2  
# 
loop_
_pdbx_refine_tls.id 
_pdbx_refine_tls.pdbx_refine_id 
_pdbx_refine_tls.details 
_pdbx_refine_tls.method 
_pdbx_refine_tls.origin_x 
_pdbx_refine_tls.origin_y 
_pdbx_refine_tls.origin_z 
_pdbx_refine_tls.T[1][1] 
_pdbx_refine_tls.T[1][1]_esd 
_pdbx_refine_tls.T[1][2] 
_pdbx_refine_tls.T[1][2]_esd 
_pdbx_refine_tls.T[1][3] 
_pdbx_refine_tls.T[1][3]_esd 
_pdbx_refine_tls.T[2][2] 
_pdbx_refine_tls.T[2][2]_esd 
_pdbx_refine_tls.T[2][3] 
_pdbx_refine_tls.T[2][3]_esd 
_pdbx_refine_tls.T[3][3] 
_pdbx_refine_tls.T[3][3]_esd 
_pdbx_refine_tls.L[1][1] 
_pdbx_refine_tls.L[1][1]_esd 
_pdbx_refine_tls.L[1][2] 
_pdbx_refine_tls.L[1][2]_esd 
_pdbx_refine_tls.L[1][3] 
_pdbx_refine_tls.L[1][3]_esd 
_pdbx_refine_tls.L[2][2] 
_pdbx_refine_tls.L[2][2]_esd 
_pdbx_refine_tls.L[2][3] 
_pdbx_refine_tls.L[2][3]_esd 
_pdbx_refine_tls.L[3][3] 
_pdbx_refine_tls.L[3][3]_esd 
_pdbx_refine_tls.S[1][1] 
_pdbx_refine_tls.S[1][1]_esd 
_pdbx_refine_tls.S[1][2] 
_pdbx_refine_tls.S[1][2]_esd 
_pdbx_refine_tls.S[1][3] 
_pdbx_refine_tls.S[1][3]_esd 
_pdbx_refine_tls.S[2][1] 
_pdbx_refine_tls.S[2][1]_esd 
_pdbx_refine_tls.S[2][2] 
_pdbx_refine_tls.S[2][2]_esd 
_pdbx_refine_tls.S[2][3] 
_pdbx_refine_tls.S[2][3]_esd 
_pdbx_refine_tls.S[3][1] 
_pdbx_refine_tls.S[3][1]_esd 
_pdbx_refine_tls.S[3][2] 
_pdbx_refine_tls.S[3][2]_esd 
_pdbx_refine_tls.S[3][3] 
_pdbx_refine_tls.S[3][3]_esd 
1 'X-RAY DIFFRACTION' ? refined 3.984171102    -1.2132873059 -3.4662987017  7.96377947791 ? -0.61171200006 ? -1.3617545385  ? 6.74053448248 ? 2.269939754907  ? 4.82238709440 ? 0.74473253171  ? -0.47509971668 ? -1.006474995211 ? 0.913077240870 ? 1.304974395903 ? 2.011649973818 ? -5.522205558780 ? 2.079434995184 ? 1.16729692682  ? 3.45962050762   ? -2.66281311291 ? 0.428022219063 ? -1.45587710980  ? 8.158753097196 ? -3.70198998976  ? 
2 'X-RAY DIFFRACTION' ? refined -0.9865674623  -5.2952300689 11.72146588848 8.88826265112 ? -0.30945509337 ? 0.700819661767 ? 5.92295741809 ? -1.358369898313 ? 6.64592583072 ? 5.04354102829  ? 1.29847998219  ? 4.89825554391   ? 0.91632225491  ? 2.16118844076  ? 5.49607065655  ? -0.593858130234 ? 3.08522641391  ? -1.58319710738 ? 2.18381929404   ? 1.91527088455  ? -5.90141734414 ? -1.350037637119 ? 1.72315847128  ? 5.86035845199   ? 
3 'X-RAY DIFFRACTION' ? refined 1.1016684423   3.41465207532 -11.5431659084 7.894179878   ? -2.60116769718 ? -1.86689046160 ? 8.41353830467 ? 0.182342417201  ? 4.59200497048 ? -1.15996500595 ? 2.74442334227  ? -8.43157835111  ? 2.58446317435  ? -2.023222565   ? 9.22059387957  ? -4.27027951277  ? 4.83545660306  ? -1.20127419045 ? 6.45382754661   ? 3.22042454335  ? 2.76539824520  ? 1.21916385499   ? 5.319542770612 ? -7.133369225863 ? 
4 'X-RAY DIFFRACTION' ? refined -11.2288022762 2.8338836407  18.6920946256  5.22346103150 ? 3.66667522949  ? -1.05219469139 ? 4.67338684542 ? 3.381178770009  ? 5.78896151764 ? 3.531739905199 ? 0.797573632588 ? -1.79907911409  ? 0.49149182163  ? -0.34519574946 ? 3.05488774882  ? -4.771407753550 ? 0.83986918325  ? -0.91894370269 ? -2.473307285559 ? -0.99051409125 ? 2.112058069653 ? -0.47969845624  ? -0.2043798309  ? -0.24626273596  ? 
# 
loop_
_pdbx_refine_tls_group.id 
_pdbx_refine_tls_group.pdbx_refine_id 
_pdbx_refine_tls_group.refine_tls_id 
_pdbx_refine_tls_group.beg_label_asym_id 
_pdbx_refine_tls_group.beg_label_seq_id 
_pdbx_refine_tls_group.beg_auth_asym_id 
_pdbx_refine_tls_group.beg_auth_seq_id 
_pdbx_refine_tls_group.beg_PDB_ins_code 
_pdbx_refine_tls_group.end_label_asym_id 
_pdbx_refine_tls_group.end_label_seq_id 
_pdbx_refine_tls_group.end_auth_asym_id 
_pdbx_refine_tls_group.end_auth_seq_id 
_pdbx_refine_tls_group.end_PDB_ins_code 
_pdbx_refine_tls_group.selection 
_pdbx_refine_tls_group.selection_details 
1 'X-RAY DIFFRACTION' 1 A ? A 112 ? A ? A 126 ? ? 
;chain 'A' and (resid 112 through 126 )
;
2 'X-RAY DIFFRACTION' 2 B ? B 131 ? B ? B 138 ? ? 
;chain 'B' and (resid 131 through 138 )
;
3 'X-RAY DIFFRACTION' 3 C ? D 196 ? C ? D 208 ? ? 
;chain 'D' and (resid 196 through 208 )
;
4 'X-RAY DIFFRACTION' 4 D ? X 106 ? D ? X 111 ? ? 
;chain 'X' and (resid 106 through 111 )
;
# 
loop_
_chem_comp_atom.comp_id 
_chem_comp_atom.atom_id 
_chem_comp_atom.type_symbol 
_chem_comp_atom.pdbx_aromatic_flag 
_chem_comp_atom.pdbx_stereo_config 
_chem_comp_atom.pdbx_ordinal 
DA OP3    O N N 1   
DA P      P N N 2   
DA OP1    O N N 3   
DA OP2    O N N 4   
DA "O5'"  O N N 5   
DA "C5'"  C N N 6   
DA "C4'"  C N R 7   
DA "O4'"  O N N 8   
DA "C3'"  C N S 9   
DA "O3'"  O N N 10  
DA "C2'"  C N N 11  
DA "C1'"  C N R 12  
DA N9     N Y N 13  
DA C8     C Y N 14  
DA N7     N Y N 15  
DA C5     C Y N 16  
DA C6     C Y N 17  
DA N6     N N N 18  
DA N1     N Y N 19  
DA C2     C Y N 20  
DA N3     N Y N 21  
DA C4     C Y N 22  
DA HOP3   H N N 23  
DA HOP2   H N N 24  
DA "H5'"  H N N 25  
DA "H5''" H N N 26  
DA "H4'"  H N N 27  
DA "H3'"  H N N 28  
DA "HO3'" H N N 29  
DA "H2'"  H N N 30  
DA "H2''" H N N 31  
DA "H1'"  H N N 32  
DA H8     H N N 33  
DA H61    H N N 34  
DA H62    H N N 35  
DA H2     H N N 36  
DC OP3    O N N 37  
DC P      P N N 38  
DC OP1    O N N 39  
DC OP2    O N N 40  
DC "O5'"  O N N 41  
DC "C5'"  C N N 42  
DC "C4'"  C N R 43  
DC "O4'"  O N N 44  
DC "C3'"  C N S 45  
DC "O3'"  O N N 46  
DC "C2'"  C N N 47  
DC "C1'"  C N R 48  
DC N1     N N N 49  
DC C2     C N N 50  
DC O2     O N N 51  
DC N3     N N N 52  
DC C4     C N N 53  
DC N4     N N N 54  
DC C5     C N N 55  
DC C6     C N N 56  
DC HOP3   H N N 57  
DC HOP2   H N N 58  
DC "H5'"  H N N 59  
DC "H5''" H N N 60  
DC "H4'"  H N N 61  
DC "H3'"  H N N 62  
DC "HO3'" H N N 63  
DC "H2'"  H N N 64  
DC "H2''" H N N 65  
DC "H1'"  H N N 66  
DC H41    H N N 67  
DC H42    H N N 68  
DC H5     H N N 69  
DC H6     H N N 70  
DG OP3    O N N 71  
DG P      P N N 72  
DG OP1    O N N 73  
DG OP2    O N N 74  
DG "O5'"  O N N 75  
DG "C5'"  C N N 76  
DG "C4'"  C N R 77  
DG "O4'"  O N N 78  
DG "C3'"  C N S 79  
DG "O3'"  O N N 80  
DG "C2'"  C N N 81  
DG "C1'"  C N R 82  
DG N9     N Y N 83  
DG C8     C Y N 84  
DG N7     N Y N 85  
DG C5     C Y N 86  
DG C6     C N N 87  
DG O6     O N N 88  
DG N1     N N N 89  
DG C2     C N N 90  
DG N2     N N N 91  
DG N3     N N N 92  
DG C4     C Y N 93  
DG HOP3   H N N 94  
DG HOP2   H N N 95  
DG "H5'"  H N N 96  
DG "H5''" H N N 97  
DG "H4'"  H N N 98  
DG "H3'"  H N N 99  
DG "HO3'" H N N 100 
DG "H2'"  H N N 101 
DG "H2''" H N N 102 
DG "H1'"  H N N 103 
DG H8     H N N 104 
DG H1     H N N 105 
DG H21    H N N 106 
DG H22    H N N 107 
DT OP3    O N N 108 
DT P      P N N 109 
DT OP1    O N N 110 
DT OP2    O N N 111 
DT "O5'"  O N N 112 
DT "C5'"  C N N 113 
DT "C4'"  C N R 114 
DT "O4'"  O N N 115 
DT "C3'"  C N S 116 
DT "O3'"  O N N 117 
DT "C2'"  C N N 118 
DT "C1'"  C N R 119 
DT N1     N N N 120 
DT C2     C N N 121 
DT O2     O N N 122 
DT N3     N N N 123 
DT C4     C N N 124 
DT O4     O N N 125 
DT C5     C N N 126 
DT C7     C N N 127 
DT C6     C N N 128 
DT HOP3   H N N 129 
DT HOP2   H N N 130 
DT "H5'"  H N N 131 
DT "H5''" H N N 132 
DT "H4'"  H N N 133 
DT "H3'"  H N N 134 
DT "HO3'" H N N 135 
DT "H2'"  H N N 136 
DT "H2''" H N N 137 
DT "H1'"  H N N 138 
DT H3     H N N 139 
DT H71    H N N 140 
DT H72    H N N 141 
DT H73    H N N 142 
DT H6     H N N 143 
# 
loop_
_chem_comp_bond.comp_id 
_chem_comp_bond.atom_id_1 
_chem_comp_bond.atom_id_2 
_chem_comp_bond.value_order 
_chem_comp_bond.pdbx_aromatic_flag 
_chem_comp_bond.pdbx_stereo_config 
_chem_comp_bond.pdbx_ordinal 
DA OP3   P      sing N N 1   
DA OP3   HOP3   sing N N 2   
DA P     OP1    doub N N 3   
DA P     OP2    sing N N 4   
DA P     "O5'"  sing N N 5   
DA OP2   HOP2   sing N N 6   
DA "O5'" "C5'"  sing N N 7   
DA "C5'" "C4'"  sing N N 8   
DA "C5'" "H5'"  sing N N 9   
DA "C5'" "H5''" sing N N 10  
DA "C4'" "O4'"  sing N N 11  
DA "C4'" "C3'"  sing N N 12  
DA "C4'" "H4'"  sing N N 13  
DA "O4'" "C1'"  sing N N 14  
DA "C3'" "O3'"  sing N N 15  
DA "C3'" "C2'"  sing N N 16  
DA "C3'" "H3'"  sing N N 17  
DA "O3'" "HO3'" sing N N 18  
DA "C2'" "C1'"  sing N N 19  
DA "C2'" "H2'"  sing N N 20  
DA "C2'" "H2''" sing N N 21  
DA "C1'" N9     sing N N 22  
DA "C1'" "H1'"  sing N N 23  
DA N9    C8     sing Y N 24  
DA N9    C4     sing Y N 25  
DA C8    N7     doub Y N 26  
DA C8    H8     sing N N 27  
DA N7    C5     sing Y N 28  
DA C5    C6     sing Y N 29  
DA C5    C4     doub Y N 30  
DA C6    N6     sing N N 31  
DA C6    N1     doub Y N 32  
DA N6    H61    sing N N 33  
DA N6    H62    sing N N 34  
DA N1    C2     sing Y N 35  
DA C2    N3     doub Y N 36  
DA C2    H2     sing N N 37  
DA N3    C4     sing Y N 38  
DC OP3   P      sing N N 39  
DC OP3   HOP3   sing N N 40  
DC P     OP1    doub N N 41  
DC P     OP2    sing N N 42  
DC P     "O5'"  sing N N 43  
DC OP2   HOP2   sing N N 44  
DC "O5'" "C5'"  sing N N 45  
DC "C5'" "C4'"  sing N N 46  
DC "C5'" "H5'"  sing N N 47  
DC "C5'" "H5''" sing N N 48  
DC "C4'" "O4'"  sing N N 49  
DC "C4'" "C3'"  sing N N 50  
DC "C4'" "H4'"  sing N N 51  
DC "O4'" "C1'"  sing N N 52  
DC "C3'" "O3'"  sing N N 53  
DC "C3'" "C2'"  sing N N 54  
DC "C3'" "H3'"  sing N N 55  
DC "O3'" "HO3'" sing N N 56  
DC "C2'" "C1'"  sing N N 57  
DC "C2'" "H2'"  sing N N 58  
DC "C2'" "H2''" sing N N 59  
DC "C1'" N1     sing N N 60  
DC "C1'" "H1'"  sing N N 61  
DC N1    C2     sing N N 62  
DC N1    C6     sing N N 63  
DC C2    O2     doub N N 64  
DC C2    N3     sing N N 65  
DC N3    C4     doub N N 66  
DC C4    N4     sing N N 67  
DC C4    C5     sing N N 68  
DC N4    H41    sing N N 69  
DC N4    H42    sing N N 70  
DC C5    C6     doub N N 71  
DC C5    H5     sing N N 72  
DC C6    H6     sing N N 73  
DG OP3   P      sing N N 74  
DG OP3   HOP3   sing N N 75  
DG P     OP1    doub N N 76  
DG P     OP2    sing N N 77  
DG P     "O5'"  sing N N 78  
DG OP2   HOP2   sing N N 79  
DG "O5'" "C5'"  sing N N 80  
DG "C5'" "C4'"  sing N N 81  
DG "C5'" "H5'"  sing N N 82  
DG "C5'" "H5''" sing N N 83  
DG "C4'" "O4'"  sing N N 84  
DG "C4'" "C3'"  sing N N 85  
DG "C4'" "H4'"  sing N N 86  
DG "O4'" "C1'"  sing N N 87  
DG "C3'" "O3'"  sing N N 88  
DG "C3'" "C2'"  sing N N 89  
DG "C3'" "H3'"  sing N N 90  
DG "O3'" "HO3'" sing N N 91  
DG "C2'" "C1'"  sing N N 92  
DG "C2'" "H2'"  sing N N 93  
DG "C2'" "H2''" sing N N 94  
DG "C1'" N9     sing N N 95  
DG "C1'" "H1'"  sing N N 96  
DG N9    C8     sing Y N 97  
DG N9    C4     sing Y N 98  
DG C8    N7     doub Y N 99  
DG C8    H8     sing N N 100 
DG N7    C5     sing Y N 101 
DG C5    C6     sing N N 102 
DG C5    C4     doub Y N 103 
DG C6    O6     doub N N 104 
DG C6    N1     sing N N 105 
DG N1    C2     sing N N 106 
DG N1    H1     sing N N 107 
DG C2    N2     sing N N 108 
DG C2    N3     doub N N 109 
DG N2    H21    sing N N 110 
DG N2    H22    sing N N 111 
DG N3    C4     sing N N 112 
DT OP3   P      sing N N 113 
DT OP3   HOP3   sing N N 114 
DT P     OP1    doub N N 115 
DT P     OP2    sing N N 116 
DT P     "O5'"  sing N N 117 
DT OP2   HOP2   sing N N 118 
DT "O5'" "C5'"  sing N N 119 
DT "C5'" "C4'"  sing N N 120 
DT "C5'" "H5'"  sing N N 121 
DT "C5'" "H5''" sing N N 122 
DT "C4'" "O4'"  sing N N 123 
DT "C4'" "C3'"  sing N N 124 
DT "C4'" "H4'"  sing N N 125 
DT "O4'" "C1'"  sing N N 126 
DT "C3'" "O3'"  sing N N 127 
DT "C3'" "C2'"  sing N N 128 
DT "C3'" "H3'"  sing N N 129 
DT "O3'" "HO3'" sing N N 130 
DT "C2'" "C1'"  sing N N 131 
DT "C2'" "H2'"  sing N N 132 
DT "C2'" "H2''" sing N N 133 
DT "C1'" N1     sing N N 134 
DT "C1'" "H1'"  sing N N 135 
DT N1    C2     sing N N 136 
DT N1    C6     sing N N 137 
DT C2    O2     doub N N 138 
DT C2    N3     sing N N 139 
DT N3    C4     sing N N 140 
DT N3    H3     sing N N 141 
DT C4    O4     doub N N 142 
DT C4    C5     sing N N 143 
DT C5    C7     sing N N 144 
DT C5    C6     doub N N 145 
DT C7    H71    sing N N 146 
DT C7    H72    sing N N 147 
DT C7    H73    sing N N 148 
DT C6    H6     sing N N 149 
# 
loop_
_ndb_struct_conf_na.entry_id 
_ndb_struct_conf_na.feature 
9NDN 'double helix'        
9NDN 'b-form double helix' 
# 
loop_
_ndb_struct_na_base_pair.model_number 
_ndb_struct_na_base_pair.i_label_asym_id 
_ndb_struct_na_base_pair.i_label_comp_id 
_ndb_struct_na_base_pair.i_label_seq_id 
_ndb_struct_na_base_pair.i_symmetry 
_ndb_struct_na_base_pair.j_label_asym_id 
_ndb_struct_na_base_pair.j_label_comp_id 
_ndb_struct_na_base_pair.j_label_seq_id 
_ndb_struct_na_base_pair.j_symmetry 
_ndb_struct_na_base_pair.shear 
_ndb_struct_na_base_pair.stretch 
_ndb_struct_na_base_pair.stagger 
_ndb_struct_na_base_pair.buckle 
_ndb_struct_na_base_pair.propeller 
_ndb_struct_na_base_pair.opening 
_ndb_struct_na_base_pair.pair_number 
_ndb_struct_na_base_pair.pair_name 
_ndb_struct_na_base_pair.i_auth_asym_id 
_ndb_struct_na_base_pair.i_auth_seq_id 
_ndb_struct_na_base_pair.i_PDB_ins_code 
_ndb_struct_na_base_pair.j_auth_asym_id 
_ndb_struct_na_base_pair.j_auth_seq_id 
_ndb_struct_na_base_pair.j_PDB_ins_code 
_ndb_struct_na_base_pair.hbond_type_28 
_ndb_struct_na_base_pair.hbond_type_12 
1 A DA 1  1_555 B DT 8  1_555 0.229  -0.537 -1.650 -8.799  4.131   0.205   1  A_DA112:DT138_B A 112 ? B 138 ? 20 1 
1 A DC 2  1_555 B DG 7  1_555 0.147  -0.180 -0.296 2.053   0.461   -2.277  2  A_DC113:DG137_B A 113 ? B 137 ? 19 1 
1 A DG 4  1_555 B DC 6  1_555 -0.213 -0.184 0.320  -3.590  -21.544 -0.693  3  A_DG115:DC136_B A 115 ? B 136 ? 19 1 
1 A DA 5  1_555 B DC 5  1_555 -2.189 -0.334 0.854  -21.583 -24.061 -6.298  4  A_DA116:DC135_B A 116 ? B 135 ? ?  ? 
1 A DC 6  1_555 C DG 12 1_555 0.167  -0.059 0.157  -3.925  -5.511  -2.155  5  A_DC117:DG207_D A 117 ? D 207 ? 19 1 
1 A DA 7  1_555 C DT 11 1_555 0.129  -0.065 0.492  -2.458  1.442   -7.203  6  A_DA118:DT206_D A 118 ? D 206 ? 20 1 
1 A DG 8  1_555 C DC 10 1_555 -0.133 -0.051 0.208  0.124   3.536   0.589   7  A_DG119:DC205_D A 119 ? D 205 ? 19 1 
1 A DA 9  1_555 C DT 9  1_555 0.184  -0.158 0.281  0.415   -4.310  -1.639  8  A_DA120:DT204_D A 120 ? D 204 ? 20 1 
1 A DG 10 1_555 C DC 8  1_555 -0.213 -0.155 0.013  1.216   -6.310  -0.064  9  A_DG121:DC203_D A 121 ? D 203 ? 19 1 
1 A DT 11 1_555 C DA 7  1_555 0.568  -0.506 -0.008 10.461  -9.739  -5.928  10 A_DT122:DA202_D A 122 ? D 202 ? 20 1 
1 A DG 12 1_555 C DC 6  1_555 -0.185 -0.147 -0.264 -2.085  0.141   0.332   11 A_DG123:DC201_D A 123 ? D 201 ? 19 1 
1 A DC 13 1_555 C DG 5  1_555 0.251  -0.271 -0.825 -0.274  1.816   -1.905  12 A_DC124:DG200_D A 124 ? D 200 ? 19 1 
1 A DA 14 1_555 C DT 4  1_555 0.084  -0.052 0.085  -1.625  -1.701  -2.096  13 A_DA125:DT199_D A 125 ? D 199 ? 20 1 
1 A DC 15 1_555 C DG 3  1_555 0.232  -0.141 0.536  -0.451  -1.830  -0.032  14 A_DC126:DG198_D A 126 ? D 198 ? 19 1 
1 B DC 1  1_555 D DG 6  1_555 0.248  -0.209 -0.410 -3.712  -5.303  2.894   15 B_DC131:DG111_X B 131 ? X 111 ? 19 1 
1 B DA 2  1_555 D DT 5  1_555 0.059  0.005  -0.069 -5.419  -5.206  -6.910  16 B_DA132:DT110_X B 132 ? X 110 ? 20 1 
1 B DC 3  1_555 D DG 4  1_555 0.236  -0.220 -0.801 -5.377  -3.731  1.019   17 B_DC133:DG109_X B 133 ? X 109 ? 19 1 
1 B DA 4  1_555 D DT 3  1_555 0.547  -0.503 1.295  -4.636  -7.280  -11.286 18 B_DA134:DT108_X B 134 ? X 108 ? 20 1 
# 
loop_
_ndb_struct_na_base_pair_step.model_number 
_ndb_struct_na_base_pair_step.i_label_asym_id_1 
_ndb_struct_na_base_pair_step.i_label_comp_id_1 
_ndb_struct_na_base_pair_step.i_label_seq_id_1 
_ndb_struct_na_base_pair_step.i_symmetry_1 
_ndb_struct_na_base_pair_step.j_label_asym_id_1 
_ndb_struct_na_base_pair_step.j_label_comp_id_1 
_ndb_struct_na_base_pair_step.j_label_seq_id_1 
_ndb_struct_na_base_pair_step.j_symmetry_1 
_ndb_struct_na_base_pair_step.i_label_asym_id_2 
_ndb_struct_na_base_pair_step.i_label_comp_id_2 
_ndb_struct_na_base_pair_step.i_label_seq_id_2 
_ndb_struct_na_base_pair_step.i_symmetry_2 
_ndb_struct_na_base_pair_step.j_label_asym_id_2 
_ndb_struct_na_base_pair_step.j_label_comp_id_2 
_ndb_struct_na_base_pair_step.j_label_seq_id_2 
_ndb_struct_na_base_pair_step.j_symmetry_2 
_ndb_struct_na_base_pair_step.shift 
_ndb_struct_na_base_pair_step.slide 
_ndb_struct_na_base_pair_step.rise 
_ndb_struct_na_base_pair_step.tilt 
_ndb_struct_na_base_pair_step.roll 
_ndb_struct_na_base_pair_step.twist 
_ndb_struct_na_base_pair_step.x_displacement 
_ndb_struct_na_base_pair_step.y_displacement 
_ndb_struct_na_base_pair_step.helical_rise 
_ndb_struct_na_base_pair_step.inclination 
_ndb_struct_na_base_pair_step.tip 
_ndb_struct_na_base_pair_step.helical_twist 
_ndb_struct_na_base_pair_step.step_number 
_ndb_struct_na_base_pair_step.step_name 
_ndb_struct_na_base_pair_step.i_auth_asym_id_1 
_ndb_struct_na_base_pair_step.i_auth_seq_id_1 
_ndb_struct_na_base_pair_step.i_PDB_ins_code_1 
_ndb_struct_na_base_pair_step.j_auth_asym_id_1 
_ndb_struct_na_base_pair_step.j_auth_seq_id_1 
_ndb_struct_na_base_pair_step.j_PDB_ins_code_1 
_ndb_struct_na_base_pair_step.i_auth_asym_id_2 
_ndb_struct_na_base_pair_step.i_auth_seq_id_2 
_ndb_struct_na_base_pair_step.i_PDB_ins_code_2 
_ndb_struct_na_base_pair_step.j_auth_asym_id_2 
_ndb_struct_na_base_pair_step.j_auth_seq_id_2 
_ndb_struct_na_base_pair_step.j_PDB_ins_code_2 
1 A DA 1  1_555 B DT 8  1_555 A DC 2  1_555 B DG 7  1_555 -0.241 -0.571 3.463 -5.316  6.694  28.775 -2.548 -0.680 3.242 13.109 
10.409  29.993 1  AA_DA112DC113:DG137DT138_BB A 112 ? B 138 ? A 113 ? B 137 ? 
1 A DC 2  1_555 B DG 7  1_555 A DG 4  1_555 B DC 6  1_555 -1.226 1.015  4.351 13.882  8.979  51.284 0.385  2.498  4.031 10.080 
-15.583 53.710 2  AA_DC113DG115:DC136DG137_BB A 113 ? B 137 ? A 115 ? B 136 ? 
1 A DG 4  1_555 B DC 6  1_555 A DA 5  1_555 B DC 5  1_555 -1.028 -0.913 3.226 -7.614  -3.330 26.740 -1.062 0.236  3.467 -6.988 
15.979  27.979 3  AA_DG115DA116:DC135DC136_BB A 115 ? B 136 ? A 116 ? B 135 ? 
1 A DA 5  1_555 B DC 5  1_555 A DC 6  1_555 C DG 12 1_555 1.485  -0.330 4.289 -18.681 1.684  46.652 -0.540 -3.423 3.479 2.033  
22.550  50.085 4  AA_DA116DC117:DG207DC135_DB A 116 ? B 135 ? A 117 ? D 207 ? 
1 A DC 6  1_555 C DG 12 1_555 A DA 7  1_555 C DT 11 1_555 -0.514 -0.278 3.405 0.535   3.288  40.881 -0.768 0.794  3.367 4.698  
-0.765  41.011 5  AA_DC117DA118:DT206DG207_DD A 117 ? D 207 ? A 118 ? D 206 ? 
1 A DA 7  1_555 C DT 11 1_555 A DG 8  1_555 C DC 10 1_555 0.800  -0.342 3.358 -1.457  3.195  30.112 -1.307 -1.828 3.264 6.123  
2.792   30.311 6  AA_DA118DG119:DC205DT206_DD A 118 ? D 206 ? A 119 ? D 205 ? 
1 A DG 8  1_555 C DC 10 1_555 A DA 9  1_555 C DT 9  1_555 -0.740 -0.811 3.103 -2.545  3.328  29.270 -2.256 0.940  3.046 6.543  
5.003   29.562 7  AA_DG119DA120:DT204DC205_DD A 119 ? D 205 ? A 120 ? D 204 ? 
1 A DA 9  1_555 C DT 9  1_555 A DG 10 1_555 C DC 8  1_555 0.366  -1.161 3.094 1.023   3.533  35.839 -2.344 -0.457 2.979 5.722  
-1.657  36.022 8  AA_DA120DG121:DC203DT204_DD A 120 ? D 204 ? A 121 ? D 203 ? 
1 A DG 10 1_555 C DC 8  1_555 A DT 11 1_555 C DA 7  1_555 0.557  0.651  2.808 1.401   -1.899 34.503 1.346  -0.751 2.789 -3.196 
-2.359  34.582 9  AA_DG121DT122:DA202DC203_DD A 121 ? D 203 ? A 122 ? D 202 ? 
1 A DT 11 1_555 C DA 7  1_555 A DG 12 1_555 C DC 6  1_555 -0.687 -0.827 3.301 -4.684  4.661  38.477 -1.805 0.460  3.241 7.010  
7.044   39.019 10 AA_DT122DG123:DC201DA202_DD A 122 ? D 202 ? A 123 ? D 201 ? 
1 A DG 12 1_555 C DC 6  1_555 A DC 13 1_555 C DG 5  1_555 -0.288 -1.314 3.475 1.613   3.486  31.228 -3.101 0.844  3.294 6.444  
-2.982  31.457 11 AA_DG123DC124:DG200DC201_DD A 123 ? D 201 ? A 124 ? D 200 ? 
1 A DC 13 1_555 C DG 5  1_555 A DA 14 1_555 C DT 4  1_555 -0.127 -0.533 3.330 -1.683  19.665 33.045 -3.232 -0.014 2.624 31.340 
2.682   38.349 12 AA_DC124DA125:DT199DG200_DD A 124 ? D 200 ? A 125 ? D 199 ? 
1 A DA 14 1_555 C DT 4  1_555 A DC 15 1_555 C DG 3  1_555 0.312  -0.040 3.298 -3.725  4.418  30.842 -0.908 -1.280 3.203 8.217  
6.927   31.366 13 AA_DA125DC126:DG198DT199_DD A 125 ? D 199 ? A 126 ? D 198 ? 
1 B DC 1  1_555 D DG 6  1_555 B DA 2  1_555 D DT 5  1_555 0.205  -0.309 3.426 -4.246  0.003  26.227 -0.675 -1.611 3.352 0.007  
9.279   26.563 14 BB_DC131DA132:DT110DG111_XX B 131 ? X 111 ? B 132 ? X 110 ? 
1 B DA 2  1_555 D DT 5  1_555 B DC 3  1_555 D DG 4  1_555 -0.393 -0.399 4.281 -1.900  0.124  28.468 -0.847 0.230  4.296 0.252  
3.857   28.530 15 BB_DA132DC133:DG109DT110_XX B 132 ? X 110 ? B 133 ? X 109 ? 
1 B DC 3  1_555 D DG 4  1_555 B DA 4  1_555 D DT 3  1_555 -0.604 -0.343 3.897 -6.116  5.907  29.256 -2.072 -0.318 3.802 11.395 
11.798  30.441 16 BB_DC133DA134:DT108DG109_XX B 133 ? X 109 ? B 134 ? X 108 ? 
# 
loop_
_pdbx_audit_support.funding_organization 
_pdbx_audit_support.country 
_pdbx_audit_support.grant_number 
_pdbx_audit_support.ordinal 
'Office of Naval Research (ONR)'                   'United States' N000141912596 1 
'Department of Energy (DOE, United States)'        'United States' DE-SC0007991  2 
'National Science Foundation (NSF, United States)' 'United States' CCF-2106790   3 
'National Science Foundation (NSF, United States)' 'United States' GCR-2317843   4 
# 
_pdbx_initial_refinement_model.id               1 
_pdbx_initial_refinement_model.entity_id_list   ? 
_pdbx_initial_refinement_model.type             'experimental model' 
_pdbx_initial_refinement_model.source_name      PDB 
_pdbx_initial_refinement_model.accession_code   8D93 
_pdbx_initial_refinement_model.details          'tensegrity triangle' 
# 
_space_group.name_H-M_alt     'P 63' 
_space_group.name_Hall        'P 6c' 
_space_group.IT_number        173 
_space_group.crystal_system   hexagonal 
_space_group.id               1 
# 
_atom_sites.entry_id                    9NDN 
_atom_sites.Cartn_transf_matrix[1][1]   ? 
_atom_sites.Cartn_transf_matrix[1][2]   ? 
_atom_sites.Cartn_transf_matrix[1][3]   ? 
_atom_sites.Cartn_transf_matrix[2][1]   ? 
_atom_sites.Cartn_transf_matrix[2][2]   ? 
_atom_sites.Cartn_transf_matrix[2][3]   ? 
_atom_sites.Cartn_transf_matrix[3][1]   ? 
_atom_sites.Cartn_transf_matrix[3][2]   ? 
_atom_sites.Cartn_transf_matrix[3][3]   ? 
_atom_sites.Cartn_transf_vector[1]      ? 
_atom_sites.Cartn_transf_vector[2]      ? 
_atom_sites.Cartn_transf_vector[3]      ? 
_atom_sites.Cartn_transform_axes        ? 
_atom_sites.fract_transf_matrix[1][1]   0.00346192 
_atom_sites.fract_transf_matrix[1][2]   -0.00790528 
_atom_sites.fract_transf_matrix[1][3]   0.00057213 
_atom_sites.fract_transf_matrix[2][1]   0.00326894 
_atom_sites.fract_transf_matrix[2][2]   -0.00275623 
_atom_sites.fract_transf_matrix[2][3]   0.00751814 
_atom_sites.fract_transf_matrix[3][1]   -0.01796298 
_atom_sites.fract_transf_matrix[3][2]   -0.00750017 
_atom_sites.fract_transf_matrix[3][3]   0.00506079 
_atom_sites.fract_transf_vector[1]      -0.409537 
_atom_sites.fract_transf_vector[2]      0.114255 
_atom_sites.fract_transf_vector[3]      -0.163983 
_atom_sites.solution_primary            ? 
_atom_sites.solution_secondary          ? 
_atom_sites.solution_hydrogens          ? 
_atom_sites.special_details             ? 
# 
loop_
_atom_type.symbol 
_atom_type.scat_dispersion_real 
_atom_type.scat_dispersion_imag 
_atom_type.scat_Cromer_Mann_a1 
_atom_type.scat_Cromer_Mann_a2 
_atom_type.scat_Cromer_Mann_a3 
_atom_type.scat_Cromer_Mann_a4 
_atom_type.scat_Cromer_Mann_b1 
_atom_type.scat_Cromer_Mann_b2 
_atom_type.scat_Cromer_Mann_b3 
_atom_type.scat_Cromer_Mann_b4 
_atom_type.scat_Cromer_Mann_c 
_atom_type.scat_source 
_atom_type.scat_dispersion_source 
C ? ? 5.96793  ? ? ? 14.89577 ? ? ? 0.0 
;1-Gaussian fit: Grosse-Kunstleve RW, Sauter NK, Adams PD: Newsletter of the IUCr Commission on Crystallographic Computing 2004, 3, 22-31.
;
? 
N ? ? 6.96715  ? ? ? 11.43723 ? ? ? 0.0 
;1-Gaussian fit: Grosse-Kunstleve RW, Sauter NK, Adams PD: Newsletter of the IUCr Commission on Crystallographic Computing 2004, 3, 22-31.
;
? 
O ? ? 7.96527  ? ? ? 9.05267  ? ? ? 0.0 
;1-Gaussian fit: Grosse-Kunstleve RW, Sauter NK, Adams PD: Newsletter of the IUCr Commission on Crystallographic Computing 2004, 3, 22-31.
;
? 
P ? ? 14.90797 ? ? ? 11.91318 ? ? ? 0.0 
;1-Gaussian fit: Grosse-Kunstleve RW, Sauter NK, Adams PD: Newsletter of the IUCr Commission on Crystallographic Computing 2004, 3, 22-31.
;
? 
# 
loop_
_atom_site.group_PDB 
_atom_site.id 
_atom_site.type_symbol 
_atom_site.label_atom_id 
_atom_site.label_alt_id 
_atom_site.label_comp_id 
_atom_site.label_asym_id 
_atom_site.label_entity_id 
_atom_site.label_seq_id 
_atom_site.pdbx_PDB_ins_code 
_atom_site.Cartn_x 
_atom_site.Cartn_y 
_atom_site.Cartn_z 
_atom_site.occupancy 
_atom_site.B_iso_or_equiv 
_atom_site.pdbx_formal_charge 
_atom_site.auth_seq_id 
_atom_site.auth_comp_id 
_atom_site.auth_asym_id 
_atom_site.auth_atom_id 
_atom_site.pdbx_PDB_model_num 
ATOM 1   P P     . DA A 1 1  ? 4.15978   -8.14918  21.79915  1.000 507.06634 ? 112 DA A P     1 
ATOM 2   O OP1   . DA A 1 1  ? 4.73826   -6.97703  22.48975  1.000 505.24547 ? 112 DA A OP1   1 
ATOM 3   O OP2   . DA A 1 1  ? 3.58417   -8.00797  20.44367  1.000 511.20491 ? 112 DA A OP2   1 
ATOM 4   O "O5'" . DA A 1 1  ? 5.26512   -9.30430  21.75797  1.000 513.44840 ? 112 DA A "O5'" 1 
ATOM 5   C "C5'" . DA A 1 1  ? 6.62786   -8.97757  21.50041  1.000 520.96877 ? 112 DA A "C5'" 1 
ATOM 6   C "C4'" . DA A 1 1  ? 6.98782   -9.24085  20.04836  1.000 529.99769 ? 112 DA A "C4'" 1 
ATOM 7   O "O4'" . DA A 1 1  ? 6.31012   -10.42204 19.59106  1.000 529.67781 ? 112 DA A "O4'" 1 
ATOM 8   C "C3'" . DA A 1 1  ? 6.56357   -8.15823  19.06641  1.000 532.30890 ? 112 DA A "C3'" 1 
ATOM 9   O "O3'" . DA A 1 1  ? 7.58391   -7.11631  18.94114  1.000 536.88545 ? 112 DA A "O3'" 1 
ATOM 10  C "C2'" . DA A 1 1  ? 6.31852   -8.92021  17.75303  1.000 538.15299 ? 112 DA A "C2'" 1 
ATOM 11  C "C1'" . DA A 1 1  ? 6.27014   -10.39318 18.18219  1.000 536.37992 ? 112 DA A "C1'" 1 
ATOM 12  N N9    . DA A 1 1  ? 5.06914   -11.09272 17.72420  1.000 533.43771 ? 112 DA A N9    1 
ATOM 13  C C8    . DA A 1 1  ? 3.78045   -10.86951 18.11899  1.000 525.63858 ? 112 DA A C8    1 
ATOM 14  N N7    . DA A 1 1  ? 2.90535   -11.65199 17.52946  1.000 524.81581 ? 112 DA A N7    1 
ATOM 15  C C5    . DA A 1 1  ? 3.67407   -12.43995 16.68842  1.000 532.43169 ? 112 DA A C5    1 
ATOM 16  C C6    . DA A 1 1  ? 3.34767   -13.46934 15.78266  1.000 535.20327 ? 112 DA A C6    1 
ATOM 17  N N6    . DA A 1 1  ? 2.09560   -13.89819 15.57576  1.000 530.17341 ? 112 DA A N6    1 
ATOM 18  N N1    . DA A 1 1  ? 4.35979   -14.04860 15.09884  1.000 542.47754 ? 112 DA A N1    1 
ATOM 19  C C2    . DA A 1 1  ? 5.60884   -13.62020 15.31950  1.000 546.90122 ? 112 DA A C2    1 
ATOM 20  N N3    . DA A 1 1  ? 6.03491   -12.66009 16.13413  1.000 545.24430 ? 112 DA A N3    1 
ATOM 21  C C4    . DA A 1 1  ? 5.01235   -12.10391 16.79661  1.000 537.77042 ? 112 DA A C4    1 
ATOM 22  P P     . DC A 1 2  ? 9.09022   -7.40655  18.43041  1.000 545.96883 ? 113 DC A P     1 
ATOM 23  O OP1   . DC A 1 2  ? 9.73545   -8.46777  19.23216  1.000 545.59004 ? 113 DC A OP1   1 
ATOM 24  O OP2   . DC A 1 2  ? 9.73512   -6.07890  18.35589  1.000 548.26939 ? 113 DC A OP2   1 
ATOM 25  O "O5'" . DC A 1 2  ? 8.93791   -7.90977  16.91937  1.000 552.87949 ? 113 DC A "O5'" 1 
ATOM 26  C "C5'" . DC A 1 2  ? 9.93003   -8.77283  16.35181  1.000 560.19476 ? 113 DC A "C5'" 1 
ATOM 27  C "C4'" . DC A 1 2  ? 9.85598   -8.76069  14.83486  1.000 566.94353 ? 113 DC A "C4'" 1 
ATOM 28  O "O4'" . DC A 1 2  ? 8.72044   -9.55452  14.39743  1.000 564.41287 ? 113 DC A "O4'" 1 
ATOM 29  C "C3'" . DC A 1 2  ? 9.68142   -7.37046  14.22255  1.000 568.59335 ? 113 DC A "C3'" 1 
ATOM 30  O "O3'" . DC A 1 2  ? 10.72574  -7.09421  13.28027  1.000 577.10386 ? 113 DC A "O3'" 1 
ATOM 31  C "C2'" . DC A 1 2  ? 8.29857   -7.41598  13.56591  1.000 566.01081 ? 113 DC A "C2'" 1 
ATOM 32  C "C1'" . DC A 1 2  ? 8.07163   -8.90377  13.33388  1.000 566.62192 ? 113 DC A "C1'" 1 
ATOM 33  N N1    . DC A 1 2  ? 6.61529   -9.27322  13.35403  1.000 560.58464 ? 113 DC A N1    1 
ATOM 34  C C2    . DC A 1 2  ? 6.11570   -10.26847 12.49695  1.000 558.77993 ? 113 DC A C2    1 
ATOM 35  O O2    . DC A 1 2  ? 6.88758   -10.85007 11.72339  1.000 562.02538 ? 113 DC A O2    1 
ATOM 36  N N3    . DC A 1 2  ? 4.78673   -10.55847 12.53683  1.000 548.58899 ? 113 DC A N3    1 
ATOM 37  C C4    . DC A 1 2  ? 3.98646   -9.90195  13.37966  1.000 545.43110 ? 113 DC A C4    1 
ATOM 38  N N4    . DC A 1 2  ? 2.68959   -10.22078 13.39506  1.000 535.49384 ? 113 DC A N4    1 
ATOM 39  C C5    . DC A 1 2  ? 4.47869   -8.89076  14.25063  1.000 547.07313 ? 113 DC A C5    1 
ATOM 40  C C6    . DC A 1 2  ? 5.78113   -8.60970  14.20133  1.000 552.81346 ? 113 DC A C6    1 
ATOM 41  P P     . DG A 1 3  ? 11.66471  -5.80318  13.48972  1.000 562.56245 ? 114 DG A P     1 
ATOM 42  O OP1   . DG A 1 3  ? 12.06910  -5.77253  14.91387  1.000 557.67316 ? 114 DG A OP1   1 
ATOM 43  O OP2   . DG A 1 3  ? 10.96363  -4.63561  12.91190  1.000 561.58960 ? 114 DG A OP2   1 
ATOM 44  O "O5'" . DG A 1 3  ? 12.95081  -6.09067  12.58017  1.000 571.90818 ? 114 DG A "O5'" 1 
ATOM 45  C "C5'" . DG A 1 3  ? 13.19528  -5.29673  11.41804  1.000 577.44556 ? 114 DG A "C5'" 1 
ATOM 46  C "C4'" . DG A 1 3  ? 13.10505  -6.14549  10.16378  1.000 582.96254 ? 114 DG A "C4'" 1 
ATOM 47  O "O4'" . DG A 1 3  ? 11.90262  -6.95735  10.21961  1.000 578.59873 ? 114 DG A "O4'" 1 
ATOM 48  C "C3'" . DG A 1 3  ? 12.99656  -5.37168  8.85800   1.000 587.62963 ? 114 DG A "C3'" 1 
ATOM 49  O "O3'" . DG A 1 3  ? 13.48896  -6.18583  7.79029   1.000 594.13156 ? 114 DG A "O3'" 1 
ATOM 50  C "C2'" . DG A 1 3  ? 11.49193  -5.16923  8.75606   1.000 582.57091 ? 114 DG A "C2'" 1 
ATOM 51  C "C1'" . DG A 1 3  ? 10.99705  -6.53146  9.21887   1.000 579.36829 ? 114 DG A "C1'" 1 
ATOM 52  N N9    . DG A 1 3  ? 9.65513   -6.51268  9.78769   1.000 570.28734 ? 114 DG A N9    1 
ATOM 53  C C8    . DG A 1 3  ? 9.08635   -5.51389  10.54115  1.000 565.81964 ? 114 DG A C8    1 
ATOM 54  N N7    . DG A 1 3  ? 7.86565   -5.77938  10.91396  1.000 559.45401 ? 114 DG A N7    1 
ATOM 55  C C5    . DG A 1 3  ? 7.61243   -7.03760  10.38126  1.000 555.04829 ? 114 DG A C5    1 
ATOM 56  C C6    . DG A 1 3  ? 6.45393   -7.84638  10.45830  1.000 545.07978 ? 114 DG A C6    1 
ATOM 57  O O6    . DG A 1 3  ? 5.38427   -7.60211  11.03323  1.000 538.68528 ? 114 DG A O6    1 
ATOM 58  N N1    . DG A 1 3  ? 6.61977   -9.05021  9.77901   1.000 542.86989 ? 114 DG A N1    1 
ATOM 59  C C2    . DG A 1 3  ? 7.75998   -9.42662  9.11156   1.000 549.40411 ? 114 DG A C2    1 
ATOM 60  N N2    . DG A 1 3  ? 7.72830   -10.62205 8.50733   1.000 545.91540 ? 114 DG A N2    1 
ATOM 61  N N3    . DG A 1 3  ? 8.85046   -8.67792  9.02974   1.000 558.74846 ? 114 DG A N3    1 
ATOM 62  C C4    . DG A 1 3  ? 8.70775   -7.50393  9.69267   1.000 561.09422 ? 114 DG A C4    1 
ATOM 63  P P     . DG A 1 4  ? 13.35242  -5.72389  6.25514   1.000 614.38912 ? 115 DG A P     1 
ATOM 64  O OP1   . DG A 1 4  ? 14.59811  -6.15361  5.58009   1.000 621.86961 ? 115 DG A OP1   1 
ATOM 65  O OP2   . DG A 1 4  ? 12.96353  -4.29607  6.21977   1.000 614.35931 ? 115 DG A OP2   1 
ATOM 66  O "O5'" . DG A 1 4  ? 12.14185  -6.61394  5.67831   1.000 602.30400 ? 115 DG A "O5'" 1 
ATOM 67  C "C5'" . DG A 1 4  ? 12.38852  -7.96810  5.24505   1.000 601.55653 ? 115 DG A "C5'" 1 
ATOM 68  C "C4'" . DG A 1 4  ? 11.11856  -8.64854  4.73155   1.000 591.12223 ? 115 DG A "C4'" 1 
ATOM 69  O "O4'" . DG A 1 4  ? 10.09900  -8.60457  5.74864   1.000 583.07192 ? 115 DG A "O4'" 1 
ATOM 70  C "C3'" . DG A 1 4  ? 10.47953  -8.00490  3.49684   1.000 583.19798 ? 115 DG A "C3'" 1 
ATOM 71  O "O3'" . DG A 1 4  ? 10.86040  -8.69061  2.24278   1.000 585.39609 ? 115 DG A "O3'" 1 
ATOM 72  C "C2'" . DG A 1 4  ? 8.95832   -8.02996  3.77092   1.000 572.30282 ? 115 DG A "C2'" 1 
ATOM 73  C "C1'" . DG A 1 4  ? 8.84520   -8.73932  5.12545   1.000 572.38446 ? 115 DG A "C1'" 1 
ATOM 74  N N9    . DG A 1 4  ? 7.81585   -8.17525  6.00631   1.000 567.38533 ? 115 DG A N9    1 
ATOM 75  C C8    . DG A 1 4  ? 7.89649   -7.01367  6.73757   1.000 571.51025 ? 115 DG A C8    1 
ATOM 76  N N7    . DG A 1 4  ? 6.82133   -6.76023  7.43641   1.000 565.26830 ? 115 DG A N7    1 
ATOM 77  C C5    . DG A 1 4  ? 5.96553   -7.81292  7.14086   1.000 556.43954 ? 115 DG A C5    1 
ATOM 78  C C6    . DG A 1 4  ? 4.65229   -8.08394  7.60023   1.000 547.14424 ? 115 DG A C6    1 
ATOM 79  O O6    . DG A 1 4  ? 3.95756   -7.43090  8.39009   1.000 544.69003 ? 115 DG A O6    1 
ATOM 80  N N1    . DG A 1 4  ? 4.15017   -9.26325  7.05915   1.000 540.38928 ? 115 DG A N1    1 
ATOM 81  C C2    . DG A 1 4  ? 4.82548   -10.07738 6.18482   1.000 542.27403 ? 115 DG A C2    1 
ATOM 82  N N2    . DG A 1 4  ? 4.16701   -11.17006 5.76669   1.000 537.41560 ? 115 DG A N2    1 
ATOM 83  N N3    . DG A 1 4  ? 6.05703   -9.84260  5.75209   1.000 550.89514 ? 115 DG A N3    1 
ATOM 84  C C4    . DG A 1 4  ? 6.56312   -8.69446  6.26365   1.000 557.62489 ? 115 DG A C4    1 
ATOM 85  P P     . DA A 1 5  ? 10.73096  -10.28666 2.01109   1.000 567.43615 ? 116 DA A P     1 
ATOM 86  O OP1   . DA A 1 5  ? 11.73448  -11.00544 2.82704   1.000 574.96278 ? 116 DA A OP1   1 
ATOM 87  O OP2   . DA A 1 5  ? 10.74619  -10.47713 0.54222   1.000 564.68687 ? 116 DA A OP2   1 
ATOM 88  O "O5'" . DA A 1 5  ? 9.26017   -10.67317 2.50387   1.000 556.64216 ? 116 DA A "O5'" 1 
ATOM 89  C "C5'" . DA A 1 5  ? 8.92270   -12.03556 2.72385   1.000 551.98445 ? 116 DA A "C5'" 1 
ATOM 90  C "C4'" . DA A 1 5  ? 7.56479   -12.36337 2.12659   1.000 540.42328 ? 116 DA A "C4'" 1 
ATOM 91  O "O4'" . DA A 1 5  ? 6.51207   -11.73766 2.91398   1.000 535.26645 ? 116 DA A "O4'" 1 
ATOM 92  C "C3'" . DA A 1 5  ? 7.35677   -11.88381 0.68659   1.000 537.37914 ? 116 DA A "C3'" 1 
ATOM 93  O "O3'" . DA A 1 5  ? 6.70276   -12.89326 -0.06865  1.000 529.53166 ? 116 DA A "O3'" 1 
ATOM 94  C "C2'" . DA A 1 5  ? 6.46328   -10.66189 0.85993   1.000 533.52246 ? 116 DA A "C2'" 1 
ATOM 95  C "C1'" . DA A 1 5  ? 5.61688   -11.09265 2.04148   1.000 528.53882 ? 116 DA A "C1'" 1 
ATOM 96  N N9    . DA A 1 5  ? 4.98646   -9.98125  2.73375   1.000 527.23838 ? 116 DA A N9    1 
ATOM 97  C C8    . DA A 1 5  ? 5.58643   -8.82488  3.14880   1.000 534.46221 ? 116 DA A C8    1 
ATOM 98  N N7    . DA A 1 5  ? 4.77095   -7.98877  3.74309   1.000 531.17802 ? 116 DA A N7    1 
ATOM 99  C C5    . DA A 1 5  ? 3.54208   -8.63195  3.69166   1.000 521.02910 ? 116 DA A C5    1 
ATOM 100 C C6    . DA A 1 5  ? 2.26520   -8.26006  4.14953   1.000 513.39170 ? 116 DA A C6    1 
ATOM 101 N N6    . DA A 1 5  ? 2.00607   -7.10516  4.76915   1.000 514.78023 ? 116 DA A N6    1 
ATOM 102 N N1    . DA A 1 5  ? 1.25528   -9.13441  3.94340   1.000 504.26641 ? 116 DA A N1    1 
ATOM 103 C C2    . DA A 1 5  ? 1.51689   -10.29011 3.32490   1.000 502.96414 ? 116 DA A C2    1 
ATOM 104 N N3    . DA A 1 5  ? 2.67668   -10.74712 2.85812   1.000 509.54510 ? 116 DA A N3    1 
ATOM 105 C C4    . DA A 1 5  ? 3.66050   -9.85343  3.07263   1.000 518.54443 ? 116 DA A C4    1 
ATOM 106 P P     . DC A 1 6  ? 6.25908   -12.61040 -1.58755  1.000 541.58254 ? 117 DC A P     1 
ATOM 107 O OP1   . DC A 1 6  ? 6.11453   -13.91362 -2.27637  1.000 537.02430 ? 117 DC A OP1   1 
ATOM 108 O OP2   . DC A 1 6  ? 7.20070   -11.60596 -2.12688  1.000 549.40811 ? 117 DC A OP2   1 
ATOM 109 O "O5'" . DC A 1 6  ? 4.81747   -11.91409 -1.45658  1.000 532.83923 ? 117 DC A "O5'" 1 
ATOM 110 C "C5'" . DC A 1 6  ? 3.74906   -12.59010 -0.78942  1.000 525.06265 ? 117 DC A "C5'" 1 
ATOM 111 C "C4'" . DC A 1 6  ? 2.48654   -11.73160 -0.73737  1.000 517.87768 ? 117 DC A "C4'" 1 
ATOM 112 O "O4'" . DC A 1 6  ? 2.68406   -10.59787 0.14338   1.000 522.76341 ? 117 DC A "O4'" 1 
ATOM 113 C "C3'" . DC A 1 6  ? 2.01395   -11.14913 -2.07967  1.000 513.66334 ? 117 DC A "C3'" 1 
ATOM 114 O "O3'" . DC A 1 6  ? 0.67453   -11.59150 -2.35734  1.000 503.13734 ? 117 DC A "O3'" 1 
ATOM 115 C "C2'" . DC A 1 6  ? 2.07892   -9.62298  -1.86737  1.000 517.41662 ? 117 DC A "C2'" 1 
ATOM 116 C "C1'" . DC A 1 6  ? 1.94572   -9.50978  -0.35690  1.000 518.93576 ? 117 DC A "C1'" 1 
ATOM 117 N N1    . DC A 1 6  ? 2.50619   -8.23316  0.23118   1.000 526.28111 ? 117 DC A N1    1 
ATOM 118 C C2    . DC A 1 6  ? 1.64420   -7.26748  0.79786   1.000 523.01605 ? 117 DC A C2    1 
ATOM 119 O O2    . DC A 1 6  ? 0.42041   -7.46658  0.79877   1.000 514.06475 ? 117 DC A O2    1 
ATOM 120 N N3    . DC A 1 6  ? 2.18537   -6.13698  1.32852   1.000 529.92913 ? 117 DC A N3    1 
ATOM 121 C C4    . DC A 1 6  ? 3.50891   -5.95806  1.30929   1.000 539.65722 ? 117 DC A C4    1 
ATOM 122 N N4    . DC A 1 6  ? 4.00075   -4.83415  1.83870   1.000 546.33629 ? 117 DC A N4    1 
ATOM 123 C C5    . DC A 1 6  ? 4.39132   -6.92261  0.74176   1.000 543.09188 ? 117 DC A C5    1 
ATOM 124 C C6    . DC A 1 6  ? 3.85480   -8.03099  0.22469   1.000 536.21655 ? 117 DC A C6    1 
ATOM 125 P P     . DA A 1 7  ? 0.11242   -11.62374 -3.86644  1.000 519.21557 ? 118 DA A P     1 
ATOM 126 O OP1   . DA A 1 7  ? -0.21984  -13.02921 -4.19506  1.000 513.81298 ? 118 DA A OP1   1 
ATOM 127 O OP2   . DA A 1 7  ? 1.06735   -10.87785 -4.71665  1.000 526.02882 ? 118 DA A OP2   1 
ATOM 128 O "O5'" . DA A 1 7  ? -1.24853  -10.77395 -3.79374  1.000 511.70308 ? 118 DA A "O5'" 1 
ATOM 129 C "C5'" . DA A 1 7  ? -1.23493  -9.44822  -3.25520  1.000 515.15462 ? 118 DA A "C5'" 1 
ATOM 130 C "C4'" . DA A 1 7  ? -2.63683  -8.85518  -3.18903  1.000 503.27302 ? 118 DA A "C4'" 1 
ATOM 131 O "O4'" . DA A 1 7  ? -2.63607  -7.70431  -2.31250  1.000 501.62136 ? 118 DA A "O4'" 1 
ATOM 132 C "C3'" . DA A 1 7  ? -3.17486  -8.32335  -4.50192  1.000 492.16845 ? 118 DA A "C3'" 1 
ATOM 133 O "O3'" . DA A 1 7  ? -4.61708  -8.29938  -4.46624  1.000 476.22612 ? 118 DA A "O3'" 1 
ATOM 134 C "C2'" . DA A 1 7  ? -2.56548  -6.92151  -4.55436  1.000 494.32633 ? 118 DA A "C2'" 1 
ATOM 135 C "C1'" . DA A 1 7  ? -2.48010  -6.52062  -3.07705  1.000 497.60593 ? 118 DA A "C1'" 1 
ATOM 136 N N9    . DA A 1 7  ? -1.19765  -5.92417  -2.72326  1.000 509.87611 ? 118 DA A N9    1 
ATOM 137 C C8    . DA A 1 7  ? 0.03673   -6.43706  -2.99494  1.000 524.11443 ? 118 DA A C8    1 
ATOM 138 N N7    . DA A 1 7  ? 1.02547   -5.70331  -2.55961  1.000 532.34171 ? 118 DA A N7    1 
ATOM 139 C C5    . DA A 1 7  ? 0.40168   -4.62820  -1.95757  1.000 523.03343 ? 118 DA A C5    1 
ATOM 140 C C6    . DA A 1 7  ? 0.90976   -3.49624  -1.30176  1.000 525.07665 ? 118 DA A C6    1 
ATOM 141 N N6    . DA A 1 7  ? 2.21596   -3.26824  -1.15500  1.000 537.24979 ? 118 DA A N6    1 
ATOM 142 N N1    . DA A 1 7  ? 0.02549   -2.60344  -0.80979  1.000 521.57659 ? 118 DA A N1    1 
ATOM 143 C C2    . DA A 1 7  ? -1.28628  -2.84417  -0.96599  1.000 511.75979 ? 118 DA A C2    1 
ATOM 144 N N3    . DA A 1 7  ? -1.88408  -3.87946  -1.56835  1.000 504.58169 ? 118 DA A N3    1 
ATOM 145 C C4    . DA A 1 7  ? -0.97236  -4.74365  -2.04620  1.000 509.31287 ? 118 DA A C4    1 
ATOM 146 P P     . DG A 1 8  ? -5.46387  -7.19555  -5.27634  1.000 471.77278 ? 119 DG A P     1 
ATOM 147 O OP1   . DG A 1 8  ? -6.86095  -7.66902  -5.34659  1.000 461.54714 ? 119 DG A OP1   1 
ATOM 148 O OP2   . DG A 1 8  ? -4.78060  -6.86433  -6.54920  1.000 475.48445 ? 119 DG A OP2   1 
ATOM 149 O "O5'" . DG A 1 8  ? -5.45363  -5.94048  -4.29513  1.000 475.68246 ? 119 DG A "O5'" 1 
ATOM 150 C "C5'" . DG A 1 8  ? -6.46848  -4.97766  -4.37543  1.000 470.98507 ? 119 DG A "C5'" 1 
ATOM 151 C "C4'" . DG A 1 8  ? -5.86752  -3.62093  -4.64445  1.000 477.64525 ? 119 DG A "C4'" 1 
ATOM 152 O "O4'" . DG A 1 8  ? -4.52087  -3.58949  -4.13834  1.000 487.23564 ? 119 DG A "O4'" 1 
ATOM 153 C "C3'" . DG A 1 8  ? -5.72079  -3.26172  -6.11953  1.000 477.79969 ? 119 DG A "C3'" 1 
ATOM 154 O "O3'" . DG A 1 8  ? -6.90335  -2.57030  -6.61458  1.000 471.11965 ? 119 DG A "O3'" 1 
ATOM 155 C "C2'" . DG A 1 8  ? -4.46200  -2.38004  -6.16406  1.000 488.13667 ? 119 DG A "C2'" 1 
ATOM 156 C "C1'" . DG A 1 8  ? -3.86703  -2.51241  -4.75296  1.000 493.36648 ? 119 DG A "C1'" 1 
ATOM 157 N N9    . DG A 1 8  ? -2.42172  -2.74215  -4.74280  1.000 502.58158 ? 119 DG A N9    1 
ATOM 158 C C8    . DG A 1 8  ? -1.74319  -3.82296  -5.24821  1.000 504.09699 ? 119 DG A C8    1 
ATOM 159 N N7    . DG A 1 8  ? -0.44804  -3.73594  -5.10218  1.000 513.29992 ? 119 DG A N7    1 
ATOM 160 C C5    . DG A 1 8  ? -0.25771  -2.51501  -4.46371  1.000 518.20665 ? 119 DG A C5    1 
ATOM 161 C C6    . DG A 1 8  ? 0.93434   -1.86908  -4.04232  1.000 528.47580 ? 119 DG A C6    1 
ATOM 162 O O6    . DG A 1 8  ? 2.10387   -2.26497  -4.15209  1.000 535.55552 ? 119 DG A O6    1 
ATOM 163 N N1    . DG A 1 8  ? 0.67229   -0.64058  -3.42936  1.000 530.33235 ? 119 DG A N1    1 
ATOM 164 C C2    . DG A 1 8  ? -0.58546  -0.11000  -3.25304  1.000 523.11224 ? 119 DG A C2    1 
ATOM 165 N N2    . DG A 1 8  ? -0.65115  1.08943   -2.65207  1.000 526.28852 ? 119 DG A N2    1 
ATOM 166 N N3    . DG A 1 8  ? -1.70264  -0.70228  -3.64911  1.000 513.55123 ? 119 DG A N3    1 
ATOM 167 C C4    . DG A 1 8  ? -1.46780  -1.89584  -4.23789  1.000 511.63544 ? 119 DG A C4    1 
ATOM 168 P P     . DA A 1 9  ? -7.25358  -1.05093  -6.18982  1.000 480.32272 ? 120 DA A P     1 
ATOM 169 O OP1   . DA A 1 9  ? -6.81451  -0.80007  -4.79907  1.000 485.23090 ? 120 DA A OP1   1 
ATOM 170 O OP2   . DA A 1 9  ? -8.67117  -0.83647  -6.54879  1.000 471.26897 ? 120 DA A OP2   1 
ATOM 171 O "O5'" . DA A 1 9  ? -6.40487  -0.13774  -7.19866  1.000 487.08843 ? 120 DA A "O5'" 1 
ATOM 172 C "C5'" . DA A 1 9  ? -6.59552  1.29233   -7.22588  1.000 489.36834 ? 120 DA A "C5'" 1 
ATOM 173 C "C4'" . DA A 1 9  ? -6.01614  1.94706   -5.98112  1.000 496.03231 ? 120 DA A "C4'" 1 
ATOM 174 O "O4'" . DA A 1 9  ? -4.81284  1.23777   -5.57713  1.000 502.65049 ? 120 DA A "O4'" 1 
ATOM 175 C "C3'" . DA A 1 9  ? -5.57538  3.39910   -6.14272  1.000 502.51936 ? 120 DA A "C3'" 1 
ATOM 176 O "O3'" . DA A 1 9  ? -5.63549  4.04756   -4.85918  1.000 505.03058 ? 120 DA A "O3'" 1 
ATOM 177 C "C2'" . DA A 1 9  ? -4.13533  3.21466   -6.60658  1.000 511.20959 ? 120 DA A "C2'" 1 
ATOM 178 C "C1'" . DA A 1 9  ? -3.71315  2.12812   -5.63782  1.000 512.20352 ? 120 DA A "C1'" 1 
ATOM 179 N N9    . DA A 1 9  ? -2.51227  1.37692   -6.00876  1.000 523.81084 ? 120 DA A N9    1 
ATOM 180 C C8    . DA A 1 9  ? -2.46072  0.14722   -6.60147  1.000 527.35988 ? 120 DA A C8    1 
ATOM 181 N N7    . DA A 1 9  ? -1.24335  -0.30608  -6.78705  1.000 541.07700 ? 120 DA A N7    1 
ATOM 182 C C5    . DA A 1 9  ? -0.43733  0.69390   -6.27056  1.000 546.51135 ? 120 DA A C5    1 
ATOM 183 C C6    . DA A 1 9  ? 0.96012   0.82033   -6.15860  1.000 559.96390 ? 120 DA A C6    1 
ATOM 184 N N6    . DA A 1 9  ? 1.81787   -0.10709  -6.59078  1.000 571.21918 ? 120 DA A N6    1 
ATOM 185 N N1    . DA A 1 9  ? 1.44247   1.94763   -5.59034  1.000 561.31771 ? 120 DA A N1    1 
ATOM 186 C C2    . DA A 1 9  ? 0.57763   2.87266   -5.15579  1.000 550.40902 ? 120 DA A C2    1 
ATOM 187 N N3    . DA A 1 9  ? -0.75437  2.86576   -5.20843  1.000 537.57313 ? 120 DA A N3    1 
ATOM 188 C C4    . DA A 1 9  ? -1.20314  1.73618   -5.77928  1.000 536.07328 ? 120 DA A C4    1 
ATOM 189 P P     . DG A 1 10 ? -5.10930  5.55439   -4.65675  1.000 520.03630 ? 121 DG A P     1 
ATOM 190 O OP1   . DG A 1 10 ? -5.53108  6.00357   -3.30981  1.000 519.69027 ? 121 DG A OP1   1 
ATOM 191 O OP2   . DG A 1 10 ? -5.55885  6.31428   -5.84007  1.000 517.98474 ? 121 DG A OP2   1 
ATOM 192 O "O5'" . DG A 1 10 ? -3.50779  5.41994   -4.69528  1.000 530.44260 ? 121 DG A "O5'" 1 
ATOM 193 C "C5'" . DG A 1 10 ? -2.67261  6.47376   -4.21673  1.000 539.43539 ? 121 DG A "C5'" 1 
ATOM 194 C "C4'" . DG A 1 10 ? -1.89234  7.11598   -5.35479  1.000 545.44344 ? 121 DG A "C4'" 1 
ATOM 195 O "O4'" . DG A 1 10 ? -0.89906  6.18858   -5.87382  1.000 549.21345 ? 121 DG A "O4'" 1 
ATOM 196 C "C3'" . DG A 1 10 ? -2.74079  7.53825   -6.55415  1.000 539.72071 ? 121 DG A "C3'" 1 
ATOM 197 O "O3'" . DG A 1 10 ? -2.40554  8.85326   -6.94465  1.000 545.40264 ? 121 DG A "O3'" 1 
ATOM 198 C "C2'" . DG A 1 10 ? -2.36956  6.52325   -7.63383  1.000 538.43791 ? 121 DG A "C2'" 1 
ATOM 199 C "C1'" . DG A 1 10 ? -0.92785  6.22957   -7.28420  1.000 547.78768 ? 121 DG A "C1'" 1 
ATOM 200 N N9    . DG A 1 10 ? -0.46450  4.94742   -7.80186  1.000 546.94378 ? 121 DG A N9    1 
ATOM 201 C C8    . DG A 1 10 ? -1.24407  3.93816   -8.31175  1.000 538.37967 ? 121 DG A C8    1 
ATOM 202 N N7    . DG A 1 10 ? -0.56068  2.89975   -8.69843  1.000 539.88887 ? 121 DG A N7    1 
ATOM 203 C C5    . DG A 1 10 ? 0.75750   3.24041   -8.43093  1.000 550.11913 ? 121 DG A C5    1 
ATOM 204 C C6    . DG A 1 10 ? 1.94516   2.50599   -8.64044  1.000 556.17108 ? 121 DG A C6    1 
ATOM 205 O O6    . DG A 1 10 ? 2.06474   1.36896   -9.11611  1.000 553.50342 ? 121 DG A O6    1 
ATOM 206 N N1    . DG A 1 10 ? 3.07054   3.21587   -8.22997  1.000 566.35643 ? 121 DG A N1    1 
ATOM 207 C C2    . DG A 1 10 ? 3.04812   4.47802   -7.68619  1.000 570.19147 ? 121 DG A C2    1 
ATOM 208 N N2    . DG A 1 10 ? 4.23379   5.00445   -7.34992  1.000 580.36646 ? 121 DG A N2    1 
ATOM 209 N N3    . DG A 1 10 ? 1.93922   5.17840   -7.48578  1.000 564.54539 ? 121 DG A N3    1 
ATOM 210 C C4    . DG A 1 10 ? 0.83484   4.49975   -7.88155  1.000 554.60625 ? 121 DG A C4    1 
ATOM 211 P P     . DT A 1 11 ? -3.31298  9.63097   -8.01958  1.000 568.31009 ? 122 DT A P     1 
ATOM 212 O OP1   . DT A 1 11 ? -3.68817  10.92809  -7.40960  1.000 564.62353 ? 122 DT A OP1   1 
ATOM 213 O OP2   . DT A 1 11 ? -4.37246  8.71607   -8.50253  1.000 559.54614 ? 122 DT A OP2   1 
ATOM 214 O "O5'" . DT A 1 11 ? -2.31050  9.90239   -9.23445  1.000 571.26499 ? 122 DT A "O5'" 1 
ATOM 215 C "C5'" . DT A 1 11 ? -1.33693  10.92282  -9.11881  1.000 579.11206 ? 122 DT A "C5'" 1 
ATOM 216 C "C4'" . DT A 1 11 ? 0.05742   10.34201  -8.95840  1.000 594.40556 ? 122 DT A "C4'" 1 
ATOM 217 O "O4'" . DT A 1 11 ? 0.01601   8.88446   -8.99370  1.000 597.33834 ? 122 DT A "O4'" 1 
ATOM 218 C "C3'" . DT A 1 11 ? 1.04134   10.76317  -10.04903 1.000 600.88326 ? 122 DT A "C3'" 1 
ATOM 219 O "O3'" . DT A 1 11 ? 2.24964   11.19465  -9.46889  1.000 614.49626 ? 122 DT A "O3'" 1 
ATOM 220 C "C2'" . DT A 1 11 ? 1.23815   9.48818   -10.85975 1.000 602.85731 ? 122 DT A "C2'" 1 
ATOM 221 C "C1'" . DT A 1 11 ? 1.08801   8.43024   -9.78629  1.000 606.97351 ? 122 DT A "C1'" 1 
ATOM 222 N N1    . DT A 1 11 ? 0.76277   7.08943   -10.33492 1.000 604.03060 ? 122 DT A N1    1 
ATOM 223 C C2    . DT A 1 11 ? 1.75883   6.14382   -10.45069 1.000 617.34466 ? 122 DT A C2    1 
ATOM 224 O O2    . DT A 1 11 ? 2.91264   6.34081   -10.10915 1.000 631.50835 ? 122 DT A O2    1 
ATOM 225 N N3    . DT A 1 11 ? 1.35428   4.95020   -10.98324 1.000 613.60621 ? 122 DT A N3    1 
ATOM 226 C C4    . DT A 1 11 ? 0.08237   4.61323   -11.40466 1.000 598.16010 ? 122 DT A C4    1 
ATOM 227 O O4    . DT A 1 11 ? -0.18541  3.50880   -11.86914 1.000 595.83808 ? 122 DT A O4    1 
ATOM 228 C C5    . DT A 1 11 ? -0.91033  5.65195   -11.26014 1.000 584.72187 ? 122 DT A C5    1 
ATOM 229 C C7    . DT A 1 11 ? -2.32570  5.40514   -11.68355 1.000 566.97442 ? 122 DT A C7    1 
ATOM 230 C C6    . DT A 1 11 ? -0.52427  6.82565   -10.74263 1.000 588.46523 ? 122 DT A C6    1 
ATOM 231 P P     . DG A 1 12 ? 3.12997   12.31168  -10.21118 1.000 617.01063 ? 123 DG A P     1 
ATOM 232 O OP1   . DG A 1 12 ? 3.86588   13.06311  -9.17020  1.000 625.42884 ? 123 DG A OP1   1 
ATOM 233 O OP2   . DG A 1 12 ? 2.23819   13.01775  -11.16191 1.000 612.24829 ? 123 DG A OP2   1 
ATOM 234 O "O5'" . DG A 1 12 ? 4.18073   11.46942  -11.06773 1.000 621.11525 ? 123 DG A "O5'" 1 
ATOM 235 C "C5'" . DG A 1 12 ? 5.32937   12.10712  -11.58364 1.000 630.88214 ? 123 DG A "C5'" 1 
ATOM 236 C "C4'" . DG A 1 12 ? 6.42153   11.09578  -11.85143 1.000 635.28067 ? 123 DG A "C4'" 1 
ATOM 237 O "O4'" . DG A 1 12 ? 6.05575   9.82555   -11.26453 1.000 629.20182 ? 123 DG A "O4'" 1 
ATOM 238 C "C3'" . DG A 1 12 ? 6.67302   10.81712  -13.31867 1.000 635.01145 ? 123 DG A "C3'" 1 
ATOM 239 O "O3'" . DG A 1 12 ? 7.66951   11.71587  -13.79286 1.000 644.66871 ? 123 DG A "O3'" 1 
ATOM 240 C "C2'" . DG A 1 12 ? 7.17660   9.37520   -13.30690 1.000 634.10543 ? 123 DG A "C2'" 1 
ATOM 241 C "C1'" . DG A 1 12 ? 6.43683   8.76528   -12.11769 1.000 627.94155 ? 123 DG A "C1'" 1 
ATOM 242 N N9    . DG A 1 12 ? 5.24118   8.01042   -12.47825 1.000 616.82819 ? 123 DG A N9    1 
ATOM 243 C C8    . DG A 1 12 ? 3.93809   8.38677   -12.28363 1.000 608.93001 ? 123 DG A C8    1 
ATOM 244 N N7    . DG A 1 12 ? 3.07275   7.50426   -12.69759 1.000 599.87877 ? 123 DG A N7    1 
ATOM 245 C C5    . DG A 1 12 ? 3.85163   6.47030   -13.18793 1.000 601.84363 ? 123 DG A C5    1 
ATOM 246 C C6    . DG A 1 12 ? 3.47221   5.23638   -13.77160 1.000 595.08564 ? 123 DG A C6    1 
ATOM 247 O O6    . DG A 1 12 ? 2.32796   4.80109   -13.96441 1.000 585.73208 ? 123 DG A O6    1 
ATOM 248 N N1    . DG A 1 12 ? 4.58136   4.47972   -14.14137 1.000 600.31689 ? 123 DG A N1    1 
ATOM 249 C C2    . DG A 1 12 ? 5.88917   4.87104   -13.97251 1.000 610.80174 ? 123 DG A C2    1 
ATOM 250 N N2    . DG A 1 12 ? 6.83085   4.01049   -14.38201 1.000 616.52785 ? 123 DG A N2    1 
ATOM 251 N N3    . DG A 1 12 ? 6.25619   6.02064   -13.42436 1.000 617.26361 ? 123 DG A N3    1 
ATOM 252 C C4    . DG A 1 12 ? 5.18931   6.76461   -13.06180 1.000 612.22894 ? 123 DG A C4    1 
ATOM 253 P P     . DC A 1 13 ? 7.56378   12.36277  -15.25986 1.000 637.15948 ? 124 DC A P     1 
ATOM 254 O OP1   . DC A 1 13 ? 8.43760   13.55788  -15.28555 1.000 641.08361 ? 124 DC A OP1   1 
ATOM 255 O OP2   . DC A 1 13 ? 6.13096   12.48450  -15.61653 1.000 622.16045 ? 124 DC A OP2   1 
ATOM 256 O "O5'" . DC A 1 13 ? 8.21828   11.25141  -16.19732 1.000 647.13122 ? 124 DC A "O5'" 1 
ATOM 257 C "C5'" . DC A 1 13 ? 9.37252   10.55524  -15.75534 1.000 658.73665 ? 124 DC A "C5'" 1 
ATOM 258 C "C4'" . DC A 1 13 ? 9.50894   9.23879   -16.48772 1.000 665.30465 ? 124 DC A "C4'" 1 
ATOM 259 O "O4'" . DC A 1 13 ? 8.68912   8.22775   -15.85665 1.000 662.30114 ? 124 DC A "O4'" 1 
ATOM 260 C "C3'" . DC A 1 13 ? 9.02058   9.26030   -17.91923 1.000 660.34061 ? 124 DC A "C3'" 1 
ATOM 261 O "O3'" . DC A 1 13 ? 10.01002  9.85755   -18.78727 1.000 667.63968 ? 124 DC A "O3'" 1 
ATOM 262 C "C2'" . DC A 1 13 ? 8.79993   7.77573   -18.19170 1.000 664.23622 ? 124 DC A "C2'" 1 
ATOM 263 C "C1'" . DC A 1 13 ? 8.30739   7.26542   -16.83199 1.000 661.41932 ? 124 DC A "C1'" 1 
ATOM 264 N N1    . DC A 1 13 ? 6.82768   7.06451   -16.77606 1.000 645.63181 ? 124 DC A N1    1 
ATOM 265 C C2    . DC A 1 13 ? 6.27832   5.87314   -17.26485 1.000 642.07826 ? 124 DC A C2    1 
ATOM 266 O O2    . DC A 1 13 ? 7.03675   5.00870   -17.72846 1.000 652.86783 ? 124 DC A O2    1 
ATOM 267 N N3    . DC A 1 13 ? 4.93534   5.69923   -17.21825 1.000 626.78642 ? 124 DC A N3    1 
ATOM 268 C C4    . DC A 1 13 ? 4.15871   6.66006   -16.70679 1.000 616.06469 ? 124 DC A C4    1 
ATOM 269 N N4    . DC A 1 13 ? 2.84214   6.44727   -16.67914 1.000 601.10446 ? 124 DC A N4    1 
ATOM 270 C C5    . DC A 1 13 ? 4.69946   7.88190   -16.20690 1.000 620.12185 ? 124 DC A C5    1 
ATOM 271 C C6    . DC A 1 13 ? 6.02538   8.04065   -16.26242 1.000 634.60788 ? 124 DC A C6    1 
ATOM 272 P P     . DA A 1 14 ? 11.34338  9.06780   -19.23207 1.000 620.17655 ? 125 DA A P     1 
ATOM 273 O OP1   . DA A 1 14 ? 11.82330  8.17903   -18.14946 1.000 632.80692 ? 125 DA A OP1   1 
ATOM 274 O OP2   . DA A 1 14 ? 12.26576  10.08893  -19.77411 1.000 618.73496 ? 125 DA A OP2   1 
ATOM 275 O "O5'" . DA A 1 14 ? 10.86651  8.16648   -20.45662 1.000 617.60295 ? 125 DA A "O5'" 1 
ATOM 276 C "C5'" . DA A 1 14 ? 11.14275  6.77173   -20.47496 1.000 623.23108 ? 125 DA A "C5'" 1 
ATOM 277 C "C4'" . DA A 1 14 ? 10.57233  6.17107   -21.73064 1.000 608.14180 ? 125 DA A "C4'" 1 
ATOM 278 O "O4'" . DA A 1 14 ? 9.19288   5.76645   -21.50548 1.000 601.65189 ? 125 DA A "O4'" 1 
ATOM 279 C "C3'" . DA A 1 14 ? 10.55398  7.14276   -22.89361 1.000 598.10793 ? 125 DA A "C3'" 1 
ATOM 280 O "O3'" . DA A 1 14 ? 10.93202  6.48402   -24.06396 1.000 591.41438 ? 125 DA A "O3'" 1 
ATOM 281 C "C2'" . DA A 1 14 ? 9.10659   7.62560   -22.94256 1.000 596.53687 ? 125 DA A "C2'" 1 
ATOM 282 C "C1'" . DA A 1 14 ? 8.33287   6.42294   -22.41564 1.000 595.00051 ? 125 DA A "C1'" 1 
ATOM 283 N N9    . DA A 1 14 ? 7.09854   6.78633   -21.70743 1.000 587.94267 ? 125 DA A N9    1 
ATOM 284 C C8    . DA A 1 14 ? 6.93952   7.80773   -20.81393 1.000 590.67053 ? 125 DA A C8    1 
ATOM 285 N N7    . DA A 1 14 ? 5.72808   7.90400   -20.31902 1.000 582.81792 ? 125 DA A N7    1 
ATOM 286 C C5    . DA A 1 14 ? 5.03371   6.87677   -20.93512 1.000 574.33856 ? 125 DA A C5    1 
ATOM 287 C C6    . DA A 1 14 ? 3.69341   6.44868   -20.83747 1.000 563.81705 ? 125 DA A C6    1 
ATOM 288 N N6    . DA A 1 14 ? 2.78830   7.03321   -20.04753 1.000 559.93610 ? 125 DA A N6    1 
ATOM 289 N N1    . DA A 1 14 ? 3.31961   5.39066   -21.58769 1.000 557.50547 ? 125 DA A N1    1 
ATOM 290 C C2    . DA A 1 14 ? 4.23046   4.80734   -22.37776 1.000 561.43775 ? 125 DA A C2    1 
ATOM 291 N N3    . DA A 1 14 ? 5.51765   5.12060   -22.55178 1.000 571.15366 ? 125 DA A N3    1 
ATOM 292 C C4    . DA A 1 14 ? 5.86003   6.17662   -21.79389 1.000 577.31568 ? 125 DA A C4    1 
ATOM 293 P P     . DC A 1 15 ? 11.60434  7.30565   -25.26403 1.000 607.61019 ? 126 DC A P     1 
ATOM 294 O OP1   . DC A 1 15 ? 13.00108  6.82929   -25.40808 1.000 613.35084 ? 126 DC A OP1   1 
ATOM 295 O OP2   . DC A 1 15 ? 11.34913  8.74866   -25.02325 1.000 598.02642 ? 126 DC A OP2   1 
ATOM 296 O "O5'" . DC A 1 15 ? 10.74668  6.83061   -26.52595 1.000 597.44879 ? 126 DC A "O5'" 1 
ATOM 297 C "C5'" . DC A 1 15 ? 10.03360  5.59497   -26.46083 1.000 600.89629 ? 126 DC A "C5'" 1 
ATOM 298 C "C4'" . DC A 1 15 ? 8.62695   5.74278   -27.01683 1.000 583.97184 ? 126 DC A "C4'" 1 
ATOM 299 O "O4'" . DC A 1 15 ? 7.69716   5.96655   -25.94480 1.000 585.37639 ? 126 DC A "O4'" 1 
ATOM 300 C "C3'" . DC A 1 15 ? 8.41803   6.92879   -27.94191 1.000 565.53832 ? 126 DC A "C3'" 1 
ATOM 301 O "O3'" . DC A 1 15 ? 8.74384   6.56555   -29.27959 1.000 557.63956 ? 126 DC A "O3'" 1 
ATOM 302 C "C2'" . DC A 1 15 ? 6.91655   7.24373   -27.78578 1.000 564.52148 ? 126 DC A "C2'" 1 
ATOM 303 C "C1'" . DC A 1 15 ? 6.51550   6.49900   -26.50039 1.000 569.62892 ? 126 DC A "C1'" 1 
ATOM 304 N N1    . DC A 1 15 ? 5.83090   7.35785   -25.47122 1.000 575.75079 ? 126 DC A N1    1 
ATOM 305 C C2    . DC A 1 15 ? 4.46476   7.18275   -25.22785 1.000 567.44367 ? 126 DC A C2    1 
ATOM 306 O O2    . DC A 1 15 ? 3.84892   6.32640   -25.87213 1.000 560.15172 ? 126 DC A O2    1 
ATOM 307 N N3    . DC A 1 15 ? 3.85655   7.95732   -24.29238 1.000 566.28815 ? 126 DC A N3    1 
ATOM 308 C C4    . DC A 1 15 ? 4.56593   8.87290   -23.62306 1.000 574.49334 ? 126 DC A C4    1 
ATOM 309 N N4    . DC A 1 15 ? 3.92864   9.61725   -22.71099 1.000 573.04049 ? 126 DC A N4    1 
ATOM 310 C C5    . DC A 1 15 ? 5.95928   9.06318   -23.85913 1.000 584.62509 ? 126 DC A C5    1 
ATOM 311 C C6    . DC A 1 15 ? 6.54056   8.29592   -24.78753 1.000 582.36970 ? 126 DC A C6    1 
ATOM 312 P P     . DC B 2 1  ? 0.65208   12.39687  18.21923  1.000 596.10830 ? 131 DC B P     1 
ATOM 313 O OP1   . DC B 2 1  ? 1.23650   12.81732  19.51251  1.000 599.64677 ? 131 DC B OP1   1 
ATOM 314 O OP2   . DC B 2 1  ? 0.49782   13.36972  17.11298  1.000 598.80191 ? 131 DC B OP2   1 
ATOM 315 O "O5'" . DC B 2 1  ? 1.47611   11.14934  17.65658  1.000 598.90483 ? 131 DC B "O5'" 1 
ATOM 316 C "C5'" . DC B 2 1  ? 1.95143   10.14704  18.54076  1.000 598.89309 ? 131 DC B "C5'" 1 
ATOM 317 C "C4'" . DC B 2 1  ? 2.06065   8.82161   17.81206  1.000 597.65365 ? 131 DC B "C4'" 1 
ATOM 318 O "O4'" . DC B 2 1  ? 1.40500   7.78841   18.59263  1.000 590.83663 ? 131 DC B "O4'" 1 
ATOM 319 C "C3'" . DC B 2 1  ? 1.37914   8.79461   16.45043  1.000 594.50642 ? 131 DC B "C3'" 1 
ATOM 320 O "O3'" . DC B 2 1  ? 2.04083   7.86781   15.57856  1.000 598.12884 ? 131 DC B "O3'" 1 
ATOM 321 C "C2'" . DC B 2 1  ? -0.03397  8.33704   16.80713  1.000 584.09325 ? 131 DC B "C2'" 1 
ATOM 322 C "C1'" . DC B 2 1  ? 0.24330   7.33638   17.92404  1.000 583.15344 ? 131 DC B "C1'" 1 
ATOM 323 N N1    . DC B 2 1  ? -0.86535  7.20787   18.92886  1.000 575.29158 ? 131 DC B N1    1 
ATOM 324 C C2    . DC B 2 1  ? -1.01614  6.01086   19.62589  1.000 572.16027 ? 131 DC B C2    1 
ATOM 325 O O2    . DC B 2 1  ? -0.22799  5.08601   19.39630  1.000 575.92245 ? 131 DC B O2    1 
ATOM 326 N N3    . DC B 2 1  ? -2.01682  5.89713   20.53373  1.000 565.59362 ? 131 DC B N3    1 
ATOM 327 C C4    . DC B 2 1  ? -2.83797  6.92315   20.75331  1.000 562.20347 ? 131 DC B C4    1 
ATOM 328 N N4    . DC B 2 1  ? -3.80825  6.76333   21.65809  1.000 556.21536 ? 131 DC B N4    1 
ATOM 329 C C5    . DC B 2 1  ? -2.70154  8.15573   20.05156  1.000 565.30188 ? 131 DC B C5    1 
ATOM 330 C C6    . DC B 2 1  ? -1.71018  8.25391   19.15745  1.000 571.80758 ? 131 DC B C6    1 
ATOM 331 P P     . DA B 2 2  ? 1.97876   8.05764   13.97925  1.000 600.02807 ? 132 DA B P     1 
ATOM 332 O OP1   . DA B 2 2  ? 2.94565   7.09724   13.40336  1.000 605.76731 ? 132 DA B OP1   1 
ATOM 333 O OP2   . DA B 2 2  ? 2.10248   9.50120   13.66000  1.000 604.23695 ? 132 DA B OP2   1 
ATOM 334 O "O5'" . DA B 2 2  ? 0.49072   7.60467   13.58288  1.000 589.55740 ? 132 DA B "O5'" 1 
ATOM 335 C "C5'" . DA B 2 2  ? 0.22876   6.26921   13.12761  1.000 585.97201 ? 132 DA B "C5'" 1 
ATOM 336 C "C4'" . DA B 2 2  ? 0.49492   5.24398   14.22420  1.000 584.93484 ? 132 DA B "C4'" 1 
ATOM 337 O "O4'" . DA B 2 2  ? -0.31468  5.54242   15.39346  1.000 578.83182 ? 132 DA B "O4'" 1 
ATOM 338 C "C3'" . DA B 2 2  ? 0.17571   3.79208   13.84958  1.000 581.23189 ? 132 DA B "C3'" 1 
ATOM 339 O "O3'" . DA B 2 2  ? 1.24062   2.93642   14.26471  1.000 587.08918 ? 132 DA B "O3'" 1 
ATOM 340 C "C2'" . DA B 2 2  ? -1.11414  3.50501   14.62546  1.000 571.55110 ? 132 DA B "C2'" 1 
ATOM 341 C "C1'" . DA B 2 2  ? -0.90591  4.35518   15.86359  1.000 572.94945 ? 132 DA B "C1'" 1 
ATOM 342 N N9    . DA B 2 2  ? -2.12579  4.70557   16.59818  1.000 565.09710 ? 132 DA B N9    1 
ATOM 343 C C8    . DA B 2 2  ? -2.74410  5.92266   16.60574  1.000 562.97933 ? 132 DA B C8    1 
ATOM 344 N N7    . DA B 2 2  ? -3.80161  5.97298   17.37426  1.000 556.17256 ? 132 DA B N7    1 
ATOM 345 C C5    . DA B 2 2  ? -3.87559  4.71176   17.93251  1.000 553.68755 ? 132 DA B C5    1 
ATOM 346 C C6    . DA B 2 2  ? -4.78199  4.13405   18.84018  1.000 547.33506 ? 132 DA B C6    1 
ATOM 347 N N6    . DA B 2 2  ? -5.82034  4.80007   19.35244  1.000 542.11765 ? 132 DA B N6    1 
ATOM 348 N N1    . DA B 2 2  ? -4.58280  2.85208   19.20277  1.000 547.04776 ? 132 DA B N1    1 
ATOM 349 C C2    . DA B 2 2  ? -3.54023  2.19154   18.67680  1.000 552.74035 ? 132 DA B C2    1 
ATOM 350 N N3    . DA B 2 2  ? -2.61332  2.63337   17.81531  1.000 559.07528 ? 132 DA B N3    1 
ATOM 351 C C4    . DA B 2 2  ? -2.84335  3.91421   17.47706  1.000 559.16000 ? 132 DA B C4    1 
ATOM 352 P P     . DC B 2 3  ? 1.94751   1.94257   13.21560  1.000 600.36841 ? 133 DC B P     1 
ATOM 353 O OP1   . DC B 2 3  ? 3.22509   1.51324   13.82092  1.000 608.34623 ? 133 DC B OP1   1 
ATOM 354 O OP2   . DC B 2 3  ? 1.96378   2.59717   11.88800  1.000 602.77033 ? 133 DC B OP2   1 
ATOM 355 O "O5'" . DC B 2 3  ? 0.95819   0.68458   13.14306  1.000 592.51207 ? 133 DC B "O5'" 1 
ATOM 356 C "C5'" . DC B 2 3  ? 0.64590   -0.04366  14.32743  1.000 588.74614 ? 133 DC B "C5'" 1 
ATOM 357 C "C4'" . DC B 2 3  ? -0.68292  -0.76695  14.19044  1.000 579.45517 ? 133 DC B "C4'" 1 
ATOM 358 O "O4'" . DC B 2 3  ? -1.72497  -0.01559  14.85507  1.000 572.43309 ? 133 DC B "O4'" 1 
ATOM 359 C "C3'" . DC B 2 3  ? -1.16815  -0.97296  12.75002  1.000 577.24735 ? 133 DC B "C3'" 1 
ATOM 360 O "O3'" . DC B 2 3  ? -1.12175  -2.36002  12.41658  1.000 577.33482 ? 133 DC B "O3'" 1 
ATOM 361 C "C2'" . DC B 2 3  ? -2.61177  -0.42647  12.74789  1.000 567.82385 ? 133 DC B "C2'" 1 
ATOM 362 C "C1'" . DC B 2 3  ? -2.94102  -0.32956  14.23059  1.000 564.69342 ? 133 DC B "C1'" 1 
ATOM 363 N N1    . DC B 2 3  ? -3.97150  0.72523   14.57033  1.000 558.58789 ? 133 DC B N1    1 
ATOM 364 C C2    . DC B 2 3  ? -5.01826  0.41281   15.44807  1.000 551.41378 ? 133 DC B C2    1 
ATOM 365 O O2    . DC B 2 3  ? -5.08044  -0.72234  15.93779  1.000 550.19675 ? 133 DC B O2    1 
ATOM 366 N N3    . DC B 2 3  ? -5.94428  1.36656   15.74104  1.000 546.41641 ? 133 DC B N3    1 
ATOM 367 C C4    . DC B 2 3  ? -5.84429  2.58061   15.19194  1.000 548.40442 ? 133 DC B C4    1 
ATOM 368 N N4    . DC B 2 3  ? -6.77375  3.49039   15.51009  1.000 543.78908 ? 133 DC B N4    1 
ATOM 369 C C5    . DC B 2 3  ? -4.79001  2.91427   14.29286  1.000 555.70022 ? 133 DC B C5    1 
ATOM 370 C C6    . DC B 2 3  ? -3.89189  1.96288   14.00541  1.000 560.51239 ? 133 DC B C6    1 
ATOM 371 P P     . DA B 2 4  ? -1.58432  -2.87410  10.96458  1.000 567.14028 ? 134 DA B P     1 
ATOM 372 O OP1   . DA B 2 4  ? -0.63822  -3.93996  10.56526  1.000 574.02874 ? 134 DA B OP1   1 
ATOM 373 O OP2   . DA B 2 4  ? -1.73955  -1.69641  10.08442  1.000 567.34578 ? 134 DA B OP2   1 
ATOM 374 O "O5'" . DA B 2 4  ? -3.03917  -3.50581  11.22449  1.000 556.79652 ? 134 DA B "O5'" 1 
ATOM 375 C "C5'" . DA B 2 4  ? -3.21042  -4.49982  12.23777  1.000 554.87787 ? 134 DA B "C5'" 1 
ATOM 376 C "C4'" . DA B 2 4  ? -4.68263  -4.81062  12.49423  1.000 544.98570 ? 134 DA B "C4'" 1 
ATOM 377 O "O4'" . DA B 2 4  ? -5.41581  -3.59147  12.77729  1.000 540.12426 ? 134 DA B "O4'" 1 
ATOM 378 C "C3'" . DA B 2 4  ? -5.43939  -5.48535  11.34010  1.000 540.66159 ? 134 DA B "C3'" 1 
ATOM 379 O "O3'" . DA B 2 4  ? -6.23863  -6.55798  11.85017  1.000 535.46896 ? 134 DA B "O3'" 1 
ATOM 380 C "C2'" . DA B 2 4  ? -6.33345  -4.35990  10.82054  1.000 535.04973 ? 134 DA B "C2'" 1 
ATOM 381 C "C1'" . DA B 2 4  ? -6.65667  -3.68679  12.12942  1.000 532.44832 ? 134 DA B "C1'" 1 
ATOM 382 N N9    . DA B 2 4  ? -7.24759  -2.36216  12.02371  1.000 529.13155 ? 134 DA B N9    1 
ATOM 383 C C8    . DA B 2 4  ? -6.74571  -1.26748  11.37700  1.000 533.15811 ? 134 DA B C8    1 
ATOM 384 N N7    . DA B 2 4  ? -7.50646  -0.20155  11.48410  1.000 529.04766 ? 134 DA B N7    1 
ATOM 385 C C5    . DA B 2 4  ? -8.56979  -0.63118  12.26546  1.000 521.83311 ? 134 DA B C5    1 
ATOM 386 C C6    . DA B 2 4  ? -9.72328  0.01724   12.74766  1.000 515.27469 ? 134 DA B C6    1 
ATOM 387 N N6    . DA B 2 4  ? -10.00250 1.29854   12.49440  1.000 514.90310 ? 134 DA B N6    1 
ATOM 388 N N1    . DA B 2 4  ? -10.58083 -0.70971  13.50858  1.000 509.59286 ? 134 DA B N1    1 
ATOM 389 C C2    . DA B 2 4  ? -10.29105 -1.99280  13.74876  1.000 510.51624 ? 134 DA B C2    1 
ATOM 390 N N3    . DA B 2 4  ? -9.24610  -2.70327  13.34619  1.000 516.41827 ? 134 DA B N3    1 
ATOM 391 C C4    . DA B 2 4  ? -8.41675  -1.95657  12.60448  1.000 521.87419 ? 134 DA B C4    1 
ATOM 392 P P     . DC B 2 5  ? -5.77366  -8.09164  11.70369  1.000 542.17764 ? 135 DC B P     1 
ATOM 393 O OP1   . DC B 2 5  ? -6.40859  -8.83983  12.81404  1.000 538.24845 ? 135 DC B OP1   1 
ATOM 394 O OP2   . DC B 2 5  ? -4.30062  -8.11348  11.55530  1.000 552.05480 ? 135 DC B OP2   1 
ATOM 395 O "O5'" . DC B 2 5  ? -6.42453  -8.57566  10.31761  1.000 538.71135 ? 135 DC B "O5'" 1 
ATOM 396 C "C5'" . DC B 2 5  ? -6.09193  -7.90714  9.09881   1.000 541.19256 ? 135 DC B "C5'" 1 
ATOM 397 C "C4'" . DC B 2 5  ? -5.71420  -8.88672  8.00849   1.000 544.97615 ? 135 DC B "C4'" 1 
ATOM 398 O "O4'" . DC B 2 5  ? -4.53105  -8.40623  7.31256   1.000 553.49402 ? 135 DC B "O4'" 1 
ATOM 399 C "C3'" . DC B 2 5  ? -5.37605  -10.29001 8.47677   1.000 548.01917 ? 135 DC B "C3'" 1 
ATOM 400 O "O3'" . DC B 2 5  ? -5.73923  -11.19570 7.45471   1.000 546.97457 ? 135 DC B "O3'" 1 
ATOM 401 C "C2'" . DC B 2 5  ? -3.86109  -10.21313 8.66232   1.000 558.40526 ? 135 DC B "C2'" 1 
ATOM 402 C "C1'" . DC B 2 5  ? -3.44854  -9.29537  7.51593   1.000 561.54612 ? 135 DC B "C1'" 1 
ATOM 403 N N1    . DC B 2 5  ? -2.20735  -8.47341  7.78373   1.000 569.71391 ? 135 DC B N1    1 
ATOM 404 C C2    . DC B 2 5  ? -1.14694  -8.48972  6.86376   1.000 578.50964 ? 135 DC B C2    1 
ATOM 405 O O2    . DC B 2 5  ? -1.23485  -9.19812  5.85420   1.000 579.50717 ? 135 DC B O2    1 
ATOM 406 N N3    . DC B 2 5  ? -0.04637  -7.73266  7.11216   1.000 586.03083 ? 135 DC B N3    1 
ATOM 407 C C4    . DC B 2 5  ? 0.01241   -6.97883  8.21097   1.000 584.79511 ? 135 DC B C4    1 
ATOM 408 N N4    . DC B 2 5  ? 1.11785   -6.25096  8.41312   1.000 592.53670 ? 135 DC B N4    1 
ATOM 409 C C5    . DC B 2 5  ? -1.05655  -6.94494  9.15612   1.000 575.91349 ? 135 DC B C5    1 
ATOM 410 C C6    . DC B 2 5  ? -2.13734  -7.69501  8.90265   1.000 568.71960 ? 135 DC B C6    1 
ATOM 411 P P     . DC B 2 6  ? -5.78778  -12.78067 7.70463   1.000 545.30442 ? 136 DC B P     1 
ATOM 412 O OP1   . DC B 2 6  ? -7.21040  -13.18749 7.69892   1.000 535.98412 ? 136 DC B OP1   1 
ATOM 413 O OP2   . DC B 2 6  ? -4.92976  -13.12790 8.85882   1.000 551.11581 ? 136 DC B OP2   1 
ATOM 414 O "O5'" . DC B 2 6  ? -5.09342  -13.34428 6.38664   1.000 551.79907 ? 136 DC B "O5'" 1 
ATOM 415 C "C5'" . DC B 2 6  ? -4.20172  -12.49717 5.66635   1.000 557.79959 ? 136 DC B "C5'" 1 
ATOM 416 C "C4'" . DC B 2 6  ? -2.79253  -13.04549 5.71462   1.000 568.81488 ? 136 DC B "C4'" 1 
ATOM 417 O "O4'" . DC B 2 6  ? -1.84661  -12.01017 6.13049   1.000 574.20692 ? 136 DC B "O4'" 1 
ATOM 418 C "C3'" . DC B 2 6  ? -2.58737  -14.19936 6.70144   1.000 571.02974 ? 136 DC B "C3'" 1 
ATOM 419 O "O3'" . DC B 2 6  ? -1.72584  -15.14356 6.11477   1.000 579.52920 ? 136 DC B "O3'" 1 
ATOM 420 C "C2'" . DC B 2 6  ? -1.89707  -13.49872 7.86062   1.000 574.10894 ? 136 DC B "C2'" 1 
ATOM 421 C "C1'" . DC B 2 6  ? -0.97801  -12.60754 7.05870   1.000 580.48756 ? 136 DC B "C1'" 1 
ATOM 422 N N1    . DC B 2 6  ? -0.23912  -11.57132 7.85386   1.000 583.95834 ? 136 DC B N1    1 
ATOM 423 C C2    . DC B 2 6  ? 0.99120   -11.09111 7.38689   1.000 593.28361 ? 136 DC B C2    1 
ATOM 424 O O2    . DC B 2 6  ? 1.44387   -11.50886 6.31674   1.000 598.59560 ? 136 DC B O2    1 
ATOM 425 N N3    . DC B 2 6  ? 1.65682   -10.17141 8.12149   1.000 596.55709 ? 136 DC B N3    1 
ATOM 426 C C4    . DC B 2 6  ? 1.15302   -9.74288  9.27423   1.000 591.01183 ? 136 DC B C4    1 
ATOM 427 N N4    . DC B 2 6  ? 1.85309   -8.82619  9.95188   1.000 594.73745 ? 136 DC B N4    1 
ATOM 428 C C5    . DC B 2 6  ? -0.09338  -10.22265 9.77344   1.000 581.71487 ? 136 DC B C5    1 
ATOM 429 C C6    . DC B 2 6  ? -0.74008  -11.13897 9.04440   1.000 578.58615 ? 136 DC B C6    1 
ATOM 430 P P     . DG B 2 7  ? -1.84545  -16.70087 6.47451   1.000 581.10597 ? 137 DG B P     1 
ATOM 431 O OP1   . DG B 2 7  ? -2.91990  -17.26117 5.62242   1.000 574.82304 ? 137 DG B OP1   1 
ATOM 432 O OP2   . DG B 2 7  ? -1.95189  -16.81512 7.94798   1.000 579.36861 ? 137 DG B OP2   1 
ATOM 433 O "O5'" . DG B 2 7  ? -0.42216  -17.29028 6.02215   1.000 593.61343 ? 137 DG B "O5'" 1 
ATOM 434 C "C5'" . DG B 2 7  ? 0.23607   -16.76285 4.86225   1.000 598.98277 ? 137 DG B "C5'" 1 
ATOM 435 C "C4'" . DG B 2 7  ? 1.75420   -16.69719 5.04684   1.000 610.73840 ? 137 DG B "C4'" 1 
ATOM 436 O "O4'" . DG B 2 7  ? 2.11626   -15.53418 5.83699   1.000 610.43644 ? 137 DG B "O4'" 1 
ATOM 437 C "C3'" . DG B 2 7  ? 2.40495   -17.88462 5.75013   1.000 617.58042 ? 137 DG B "C3'" 1 
ATOM 438 O "O3'" . DG B 2 7  ? 3.72613   -18.07854 5.21518   1.000 629.51047 ? 137 DG B "O3'" 1 
ATOM 439 C "C2'" . DG B 2 7  ? 2.44242   -17.42160 7.21093   1.000 615.15902 ? 137 DG B "C2'" 1 
ATOM 440 C "C1'" . DG B 2 7  ? 2.74300   -15.93657 7.04876   1.000 614.69245 ? 137 DG B "C1'" 1 
ATOM 441 N N9    . DG B 2 7  ? 2.21091   -15.08300 8.11102   1.000 607.68120 ? 137 DG B N9    1 
ATOM 442 C C8    . DG B 2 7  ? 0.90034   -14.97097 8.49276   1.000 596.95164 ? 137 DG B C8    1 
ATOM 443 N N7    . DG B 2 7  ? 0.70463   -14.09804 9.44234   1.000 593.09986 ? 137 DG B N7    1 
ATOM 444 C C5    . DG B 2 7  ? 1.96591   -13.58708 9.69868   1.000 601.60352 ? 137 DG B C5    1 
ATOM 445 C C6    . DG B 2 7  ? 2.37697   -12.60729 10.62925  1.000 602.33174 ? 137 DG B C6    1 
ATOM 446 O O6    . DG B 2 7  ? 1.67714   -11.97996 11.43064  1.000 595.46024 ? 137 DG B O6    1 
ATOM 447 N N1    . DG B 2 7  ? 3.74947   -12.38066 10.56815  1.000 612.57081 ? 137 DG B N1    1 
ATOM 448 C C2    . DG B 2 7  ? 4.61482   -13.02468 9.71507   1.000 621.27381 ? 137 DG B C2    1 
ATOM 449 N N2    . DG B 2 7  ? 5.90749   -12.67782 9.79973   1.000 630.91773 ? 137 DG B N2    1 
ATOM 450 N N3    . DG B 2 7  ? 4.24009   -13.94694 8.83710   1.000 620.86079 ? 137 DG B N3    1 
ATOM 451 C C4    . DG B 2 7  ? 2.90678   -14.17607 8.88372   1.000 610.68693 ? 137 DG B C4    1 
ATOM 452 P P     . DT B 2 8  ? 4.68387   -19.25941 5.74611   1.000 637.88273 ? 138 DT B P     1 
ATOM 453 O OP1   . DT B 2 8  ? 5.81836   -19.35734 4.79686   1.000 643.33791 ? 138 DT B OP1   1 
ATOM 454 O OP2   . DT B 2 8  ? 3.85273   -20.45015 6.04036   1.000 630.02846 ? 138 DT B OP2   1 
ATOM 455 O "O5'" . DT B 2 8  ? 5.24969   -18.70191 7.13458   1.000 641.02227 ? 138 DT B "O5'" 1 
ATOM 456 C "C5'" . DT B 2 8  ? 6.64940   -18.52144 7.31703   1.000 652.02007 ? 138 DT B "C5'" 1 
ATOM 457 C "C4'" . DT B 2 8  ? 6.98463   -18.43317 8.79207   1.000 652.63847 ? 138 DT B "C4'" 1 
ATOM 458 O "O4'" . DT B 2 8  ? 6.32830   -17.28728 9.36354   1.000 643.74945 ? 138 DT B "O4'" 1 
ATOM 459 C "C3'" . DT B 2 8  ? 6.48817   -19.60769 9.61955   1.000 650.59650 ? 138 DT B "C3'" 1 
ATOM 460 O "O3'" . DT B 2 8  ? 7.48777   -20.62368 9.68012   1.000 659.94656 ? 138 DT B "O3'" 1 
ATOM 461 C "C2'" . DT B 2 8  ? 6.21475   -18.99426 11.00410  1.000 645.25880 ? 138 DT B "C2'" 1 
ATOM 462 C "C1'" . DT B 2 8  ? 6.24210   -17.47745 10.75402  1.000 641.91109 ? 138 DT B "C1'" 1 
ATOM 463 N N1    . DT B 2 8  ? 5.04104   -16.75081 11.28132  1.000 630.09722 ? 138 DT B N1    1 
ATOM 464 C C2    . DT B 2 8  ? 5.22501   -15.61289 12.03146  1.000 628.36113 ? 138 DT B C2    1 
ATOM 465 O O2    . DT B 2 8  ? 6.32464   -15.15744 12.29229  1.000 635.82359 ? 138 DT B O2    1 
ATOM 466 N N3    . DT B 2 8  ? 4.07524   -15.02882 12.48537  1.000 617.85949 ? 138 DT B N3    1 
ATOM 467 C C4    . DT B 2 8  ? 2.77707   -15.44691 12.25370  1.000 608.99230 ? 138 DT B C4    1 
ATOM 468 O O4    . DT B 2 8  ? 1.80451   -14.84815 12.70845  1.000 600.22341 ? 138 DT B O4    1 
ATOM 469 C C5    . DT B 2 8  ? 2.65046   -16.64920 11.45993  1.000 611.15291 ? 138 DT B C5    1 
ATOM 470 C C7    . DT B 2 8  ? 1.29474   -17.20665 11.14914  1.000 602.32948 ? 138 DT B C7    1 
ATOM 471 C C6    . DT B 2 8  ? 3.77597   -17.23515 11.01705  1.000 621.51324 ? 138 DT B C6    1 
ATOM 472 P P     . DG C 3 1  ? -3.84042  16.23784  -29.45781 1.000 499.98951 ? 196 DG D P     1 
ATOM 473 O OP1   . DG C 3 1  ? -2.44111  16.69438  -29.28868 1.000 498.22326 ? 196 DG D OP1   1 
ATOM 474 O OP2   . DG C 3 1  ? -4.13797  14.86368  -29.93397 1.000 499.86628 ? 196 DG D OP2   1 
ATOM 475 O "O5'" . DG C 3 1  ? -4.64107  16.53063  -28.10979 1.000 509.44317 ? 196 DG D "O5'" 1 
ATOM 476 C "C5'" . DG C 3 1  ? -3.96863  17.10258  -27.00909 1.000 514.77811 ? 196 DG D "C5'" 1 
ATOM 477 C "C4'" . DG C 3 1  ? -3.94154  16.14374  -25.83724 1.000 524.13717 ? 196 DG D "C4'" 1 
ATOM 478 O "O4'" . DG C 3 1  ? -3.40864  14.85996  -26.25287 1.000 523.44580 ? 196 DG D "O4'" 1 
ATOM 479 C "C3'" . DG C 3 1  ? -3.07674  16.59969  -24.66457 1.000 529.51087 ? 196 DG D "C3'" 1 
ATOM 480 O "O3'" . DG C 3 1  ? -3.69319  16.26638  -23.40569 1.000 538.73054 ? 196 DG D "O3'" 1 
ATOM 481 C "C2'" . DG C 3 1  ? -1.79444  15.79624  -24.87233 1.000 528.00368 ? 196 DG D "C2'" 1 
ATOM 482 C "C1'" . DG C 3 1  ? -2.37737  14.48537  -25.37032 1.000 528.58388 ? 196 DG D "C1'" 1 
ATOM 483 N N9    . DG C 3 1  ? -1.43760  13.64376  -26.10212 1.000 524.43276 ? 196 DG D N9    1 
ATOM 484 C C8    . DG C 3 1  ? -0.07402  13.78910  -26.18647 1.000 521.36651 ? 196 DG D C8    1 
ATOM 485 N N7    . DG C 3 1  ? 0.49906   12.87614  -26.92468 1.000 517.71296 ? 196 DG D N7    1 
ATOM 486 C C5    . DG C 3 1  ? -0.55206  12.07674  -27.35622 1.000 518.54521 ? 196 DG D C5    1 
ATOM 487 C C6    . DG C 3 1  ? -0.55024  10.92811  -28.18267 1.000 515.84055 ? 196 DG D C6    1 
ATOM 488 O O6    . DG C 3 1  ? 0.41720   10.36835  -28.71811 1.000 511.99538 ? 196 DG D O6    1 
ATOM 489 N N1    . DG C 3 1  ? -1.83447  10.42089  -28.36592 1.000 517.85816 ? 196 DG D N1    1 
ATOM 490 C C2    . DG C 3 1  ? -2.97626  10.95918  -27.82298 1.000 521.72312 ? 196 DG D C2    1 
ATOM 491 N N2    . DG C 3 1  ? -4.12662  10.32958  -28.11053 1.000 522.80125 ? 196 DG D N2    1 
ATOM 492 N N3    . DG C 3 1  ? -2.99251  12.03025  -27.04542 1.000 524.26387 ? 196 DG D N3    1 
ATOM 493 C C4    . DG C 3 1  ? -1.74987  12.53579  -26.85698 1.000 522.57921 ? 196 DG D C4    1 
ATOM 494 P P     . DA C 3 2  ? -5.29300  16.17587  -23.21567 1.000 553.47566 ? 197 DA D P     1 
ATOM 495 O OP1   . DA C 3 2  ? -5.97955  17.22168  -24.00981 1.000 547.29958 ? 197 DA D OP1   1 
ATOM 496 O OP2   . DA C 3 2  ? -5.52455  16.16975  -21.75621 1.000 562.31813 ? 197 DA D OP2   1 
ATOM 497 O "O5'" . DA C 3 2  ? -5.66374  14.69413  -23.70994 1.000 553.86828 ? 197 DA D "O5'" 1 
ATOM 498 C "C5'" . DA C 3 2  ? -5.87860  13.64235  -22.74110 1.000 562.23489 ? 197 DA D "C5'" 1 
ATOM 499 C "C4'" . DA C 3 2  ? -6.08374  12.29678  -23.42589 1.000 561.43945 ? 197 DA D "C4'" 1 
ATOM 500 O "O4'" . DA C 3 2  ? -4.91454  11.98837  -24.23575 1.000 556.26182 ? 197 DA D "O4'" 1 
ATOM 501 C "C3'" . DA C 3 2  ? -6.27103  11.10003  -22.48419 1.000 568.91853 ? 197 DA D "C3'" 1 
ATOM 502 O "O3'" . DA C 3 2  ? -7.24376  10.18214  -23.01935 1.000 570.01595 ? 197 DA D "O3'" 1 
ATOM 503 C "C2'" . DA C 3 2  ? -4.87592  10.48058  -22.44812 1.000 568.76158 ? 197 DA D "C2'" 1 
ATOM 504 C "C1'" . DA C 3 2  ? -4.40438  10.72115  -23.87142 1.000 561.36285 ? 197 DA D "C1'" 1 
ATOM 505 N N9    . DA C 3 2  ? -2.94408  10.74036  -24.01820 1.000 558.90321 ? 197 DA D N9    1 
ATOM 506 C C8    . DA C 3 2  ? -2.06642  11.59258  -23.41257 1.000 559.36464 ? 197 DA D C8    1 
ATOM 507 N N7    . DA C 3 2  ? -0.81289  11.37902  -23.73947 1.000 556.27230 ? 197 DA D N7    1 
ATOM 508 C C5    . DA C 3 2  ? -0.87013  10.31632  -24.62112 1.000 553.65973 ? 197 DA D C5    1 
ATOM 509 C C6    . DA C 3 2  ? 0.12171   9.60761   -25.33005 1.000 549.62094 ? 197 DA D C6    1 
ATOM 510 N N6    . DA C 3 2  ? 1.42886   9.89464   -25.24705 1.000 547.35007 ? 197 DA D N6    1 
ATOM 511 N N1    . DA C 3 2  ? -0.27496  8.59828   -26.13000 1.000 547.74662 ? 197 DA D N1    1 
ATOM 512 C C2    . DA C 3 2  ? -1.58188  8.31147   -26.20593 1.000 549.86036 ? 197 DA D C2    1 
ATOM 513 N N3    . DA C 3 2  ? -2.60621  8.90614   -25.59554 1.000 553.46858 ? 197 DA D N3    1 
ATOM 514 C C4    . DA C 3 2  ? -2.18317  9.90549   -24.80902 1.000 555.27503 ? 197 DA D C4    1 
ATOM 515 P P     . DG C 3 3  ? -7.78049  8.94364   -22.13488 1.000 587.88511 ? 198 DG D P     1 
ATOM 516 O OP1   . DG C 3 3  ? -9.24922  9.07272   -22.02372 1.000 589.39683 ? 198 DG D OP1   1 
ATOM 517 O OP2   . DG C 3 3  ? -6.97357  8.84886   -20.89803 1.000 587.69916 ? 198 DG D OP2   1 
ATOM 518 O "O5'" . DG C 3 3  ? -7.45578  7.65402   -23.02867 1.000 589.38580 ? 198 DG D "O5'" 1 
ATOM 519 C "C5'" . DG C 3 3  ? -6.44679  7.71903   -24.03269 1.000 584.88353 ? 198 DG D "C5'" 1 
ATOM 520 C "C4'" . DG C 3 3  ? -5.87471  6.34435   -24.32378 1.000 586.92629 ? 198 DG D "C4'" 1 
ATOM 521 O "O4'" . DG C 3 3  ? -4.43049  6.43830   -24.45975 1.000 584.69911 ? 198 DG D "O4'" 1 
ATOM 522 C "C3'" . DG C 3 3  ? -6.12849  5.30173   -23.24616 1.000 592.56942 ? 198 DG D "C3'" 1 
ATOM 523 O "O3'" . DG C 3 3  ? -6.29969  4.01759   -23.83957 1.000 595.27052 ? 198 DG D "O3'" 1 
ATOM 524 C "C2'" . DG C 3 3  ? -4.86629  5.37467   -22.38866 1.000 592.11684 ? 198 DG D "C2'" 1 
ATOM 525 C "C1'" . DG C 3 3  ? -3.78600  5.73659   -23.40740 1.000 590.45654 ? 198 DG D "C1'" 1 
ATOM 526 N N9    . DG C 3 3  ? -2.73547  6.59491   -22.85031 1.000 588.92225 ? 198 DG D N9    1 
ATOM 527 C C8    . DG C 3 3  ? -2.88406  7.52058   -21.84441 1.000 587.97111 ? 198 DG D C8    1 
ATOM 528 N N7    . DG C 3 3  ? -1.78196  8.14951   -21.54496 1.000 587.24212 ? 198 DG D N7    1 
ATOM 529 C C5    . DG C 3 3  ? -0.83234  7.61116   -22.40217 1.000 587.60791 ? 198 DG D C5    1 
ATOM 530 C C6    . DG C 3 3  ? 0.54844   7.90895   -22.53809 1.000 587.18356 ? 198 DG D C6    1 
ATOM 531 O O6    . DG C 3 3  ? 1.22130   8.73345   -21.89736 1.000 587.19674 ? 198 DG D O6    1 
ATOM 532 N N1    . DG C 3 3  ? 1.15241   7.13643   -23.52771 1.000 582.49339 ? 198 DG D N1    1 
ATOM 533 C C2    . DG C 3 3  ? 0.49910   6.19750   -24.29296 1.000 581.31913 ? 198 DG D C2    1 
ATOM 534 N N2    . DG C 3 3  ? 1.24666   5.54841   -25.19816 1.000 576.21910 ? 198 DG D N2    1 
ATOM 535 N N3    . DG C 3 3  ? -0.79703  5.90678   -24.17938 1.000 584.65068 ? 198 DG D N3    1 
ATOM 536 C C4    . DG C 3 3  ? -1.39855  6.65176   -23.21669 1.000 588.54602 ? 198 DG D C4    1 
ATOM 537 P P     . DT C 3 4  ? -6.50571  2.72236   -22.91203 1.000 570.45704 ? 199 DT D P     1 
ATOM 538 O OP1   . DT C 3 4  ? -7.22446  1.70251   -23.70887 1.000 573.33661 ? 199 DT D OP1   1 
ATOM 539 O OP2   . DT C 3 4  ? -7.08942  3.17678   -21.62863 1.000 569.96050 ? 199 DT D OP2   1 
ATOM 540 O "O5'" . DT C 3 4  ? -5.00852  2.22917   -22.63059 1.000 571.07963 ? 199 DT D "O5'" 1 
ATOM 541 C "C5'" . DT C 3 4  ? -4.74878  0.87561   -22.26432 1.000 574.62682 ? 199 DT D "C5'" 1 
ATOM 542 C "C4'" . DT C 3 4  ? -3.39291  0.43377   -22.79491 1.000 575.59144 ? 199 DT D "C4'" 1 
ATOM 543 O "O4'" . DT C 3 4  ? -2.68781  1.59018   -23.33065 1.000 572.20381 ? 199 DT D "O4'" 1 
ATOM 544 C "C3'" . DT C 3 4  ? -2.44185  -0.16027  -21.76189 1.000 578.14235 ? 199 DT D "C3'" 1 
ATOM 545 O "O3'" . DT C 3 4  ? -2.66517  -1.56575  -21.60877 1.000 582.27103 ? 199 DT D "O3'" 1 
ATOM 546 C "C2'" . DT C 3 4  ? -1.08591  0.11526   -22.40228 1.000 577.58870 ? 199 DT D "C2'" 1 
ATOM 547 C "C1'" . DT C 3 4  ? -1.30154  1.48772   -23.04576 1.000 573.06475 ? 199 DT D "C1'" 1 
ATOM 548 N N1    . DT C 3 4  ? -0.89351  2.66241   -22.18085 1.000 574.44066 ? 199 DT D N1    1 
ATOM 549 C C2    . DT C 3 4  ? 0.39109   3.16168   -22.26854 1.000 584.96062 ? 199 DT D C2    1 
ATOM 550 O O2    . DT C 3 4  ? 1.24146   2.69538   -23.00534 1.000 578.10867 ? 199 DT D O2    1 
ATOM 551 N N3    . DT C 3 4  ? 0.64612   4.23305   -21.44823 1.000 606.20464 ? 199 DT D N3    1 
ATOM 552 C C4    . DT C 3 4  ? -0.23900  4.84275   -20.57506 1.000 618.53466 ? 199 DT D C4    1 
ATOM 553 O O4    . DT C 3 4  ? 0.07919   5.79997   -19.88113 1.000 624.05375 ? 199 DT D O4    1 
ATOM 554 C C5    . DT C 3 4  ? -1.56437  4.27401   -20.53682 1.000 606.95697 ? 199 DT D C5    1 
ATOM 555 C C7    . DT C 3 4  ? -2.60831  4.85109   -19.62569 1.000 615.43852 ? 199 DT D C7    1 
ATOM 556 C C6    . DT C 3 4  ? -1.82445  3.22946   -21.33390 1.000 585.01398 ? 199 DT D C6    1 
ATOM 557 P P     . DG C 3 5  ? -2.22651  -2.31570  -20.25276 1.000 556.66812 ? 200 DG D P     1 
ATOM 558 O OP1   . DG C 3 5  ? -2.66401  -3.72524  -20.37285 1.000 560.74595 ? 200 DG D OP1   1 
ATOM 559 O OP2   . DG C 3 5  ? -2.69670  -1.48221  -19.11941 1.000 554.50727 ? 200 DG D OP2   1 
ATOM 560 O "O5'" . DG C 3 5  ? -0.61800  -2.29129  -20.27948 1.000 558.08502 ? 200 DG D "O5'" 1 
ATOM 561 C "C5'" . DG C 3 5  ? 0.12039   -3.39736  -20.84073 1.000 562.04181 ? 200 DG D "C5'" 1 
ATOM 562 C "C4'" . DG C 3 5  ? 1.59341   -3.04108  -21.03397 1.000 562.58891 ? 200 DG D "C4'" 1 
ATOM 563 O "O4'" . DG C 3 5  ? 1.69351   -1.66773  -21.46603 1.000 557.68758 ? 200 DG D "O4'" 1 
ATOM 564 C "C3'" . DG C 3 5  ? 2.46649   -3.17794  -19.78794 1.000 565.95249 ? 200 DG D "C3'" 1 
ATOM 565 O "O3'" . DG C 3 5  ? 3.20878   -4.40735  -19.85431 1.000 571.55980 ? 200 DG D "O3'" 1 
ATOM 566 C "C2'" . DG C 3 5  ? 3.40816   -1.96767  -19.83458 1.000 563.57154 ? 200 DG D "C2'" 1 
ATOM 567 C "C1'" . DG C 3 5  ? 2.78583   -1.01493  -20.85384 1.000 557.98068 ? 200 DG D "C1'" 1 
ATOM 568 N N9    . DG C 3 5  ? 2.29128   0.23350   -20.27622 1.000 554.15235 ? 200 DG D N9    1 
ATOM 569 C C8    . DG C 3 5  ? 0.98233   0.55901   -20.04707 1.000 551.63986 ? 200 DG D C8    1 
ATOM 570 N N7    . DG C 3 5  ? 0.81513   1.74171   -19.53738 1.000 548.75210 ? 200 DG D N7    1 
ATOM 571 C C5    . DG C 3 5  ? 2.10021   2.23961   -19.40867 1.000 549.39059 ? 200 DG D C5    1 
ATOM 572 C C6    . DG C 3 5  ? 2.53844   3.48161   -18.90465 1.000 547.59109 ? 200 DG D C6    1 
ATOM 573 O O6    . DG C 3 5  ? 1.85258   4.41120   -18.46063 1.000 544.91559 ? 200 DG D O6    1 
ATOM 574 N N1    . DG C 3 5  ? 3.92186   3.59677   -18.94868 1.000 549.64265 ? 200 DG D N1    1 
ATOM 575 C C2    . DG C 3 5  ? 4.77496   2.62700   -19.41974 1.000 553.05189 ? 200 DG D C2    1 
ATOM 576 N N2    . DG C 3 5  ? 6.08046   2.92489   -19.37608 1.000 555.09669 ? 200 DG D N2    1 
ATOM 577 N N3    . DG C 3 5  ? 4.37878   1.45135   -19.89834 1.000 554.75855 ? 200 DG D N3    1 
ATOM 578 C C4    . DG C 3 5  ? 3.02895   1.32746   -19.86086 1.000 552.74222 ? 200 DG D C4    1 
ATOM 579 P P     . DC C 3 6  ? 3.65806   -5.18485  -18.51724 1.000 583.38827 ? 201 DC D P     1 
ATOM 580 O OP1   . DC C 3 6  ? 4.29766   -6.45400  -18.93458 1.000 589.08003 ? 201 DC D OP1   1 
ATOM 581 O OP2   . DC C 3 6  ? 2.49644   -5.24448  -17.60380 1.000 582.23779 ? 201 DC D OP2   1 
ATOM 582 O "O5'" . DC C 3 6  ? 4.76532   -4.22797  -17.86250 1.000 583.54646 ? 201 DC D "O5'" 1 
ATOM 583 C "C5'" . DC C 3 6  ? 6.00156   -4.00024  -18.53522 1.000 584.80327 ? 201 DC D "C5'" 1 
ATOM 584 C "C4'" . DC C 3 6  ? 6.71681   -2.77960  -17.97425 1.000 583.44559 ? 201 DC D "C4'" 1 
ATOM 585 O "O4'" . DC C 3 6  ? 5.80623   -1.64850  -17.91234 1.000 577.26701 ? 201 DC D "O4'" 1 
ATOM 586 C "C3'" . DC C 3 6  ? 7.29273   -2.94610  -16.55759 1.000 606.29908 ? 201 DC D "C3'" 1 
ATOM 587 O "O3'" . DC C 3 6  ? 8.70824   -2.66736  -16.57433 1.000 611.38090 ? 201 DC D "O3'" 1 
ATOM 588 C "C2'" . DC C 3 6  ? 6.50616   -1.92228  -15.72066 1.000 614.50149 ? 201 DC D "C2'" 1 
ATOM 589 C "C1'" . DC C 3 6  ? 6.11671   -0.89318  -16.76957 1.000 595.23713 ? 201 DC D "C1'" 1 
ATOM 590 N N1    . DC C 3 6  ? 4.92247   -0.03504  -16.39022 1.000 590.63508 ? 201 DC D N1    1 
ATOM 591 C C2    . DC C 3 6  ? 5.12839   1.24299   -15.84473 1.000 596.64361 ? 201 DC D C2    1 
ATOM 592 O O2    . DC C 3 6  ? 6.28678   1.64221   -15.68057 1.000 607.08104 ? 201 DC D O2    1 
ATOM 593 N N3    . DC C 3 6  ? 4.04890   2.00034   -15.50984 1.000 589.69293 ? 201 DC D N3    1 
ATOM 594 C C4    . DC C 3 6  ? 2.81502   1.52940   -15.70399 1.000 579.17084 ? 201 DC D C4    1 
ATOM 595 N N4    . DC C 3 6  ? 1.78201   2.30821   -15.36221 1.000 572.82588 ? 201 DC D N4    1 
ATOM 596 C C5    . DC C 3 6  ? 2.58514   0.23449   -16.25931 1.000 573.86726 ? 201 DC D C5    1 
ATOM 597 C C6    . DC C 3 6  ? 3.65492   -0.50443  -16.58444 1.000 579.03479 ? 201 DC D C6    1 
ATOM 598 P P     . DA C 3 7  ? 9.63258   -2.87664  -15.26912 1.000 599.76668 ? 202 DA D P     1 
ATOM 599 O OP1   . DA C 3 7  ? 10.67750  -3.86564  -15.61748 1.000 606.51943 ? 202 DA D OP1   1 
ATOM 600 O OP2   . DA C 3 7  ? 8.78931   -3.13082  -14.08003 1.000 600.24385 ? 202 DA D OP2   1 
ATOM 601 O "O5'" . DA C 3 7  ? 10.31638  -1.44206  -15.07780 1.000 597.86264 ? 202 DA D "O5'" 1 
ATOM 602 C "C5'" . DA C 3 7  ? 9.52592   -0.25594  -15.21928 1.000 590.68715 ? 202 DA D "C5'" 1 
ATOM 603 C "C4'" . DA C 3 7  ? 9.59530   0.59390   -13.96574 1.000 591.37366 ? 202 DA D "C4'" 1 
ATOM 604 O "O4'" . DA C 3 7  ? 8.30708   1.23709   -13.72414 1.000 585.37112 ? 202 DA D "O4'" 1 
ATOM 605 C "C3'" . DA C 3 7  ? 9.90245   -0.18164  -12.68995 1.000 603.17314 ? 202 DA D "C3'" 1 
ATOM 606 O "O3'" . DA C 3 7  ? 10.62432  0.64846   -11.80400 1.000 604.29910 ? 202 DA D "O3'" 1 
ATOM 607 C "C2'" . DA C 3 7  ? 8.50478   -0.44800  -12.15117 1.000 599.63753 ? 202 DA D "C2'" 1 
ATOM 608 C "C1'" . DA C 3 7  ? 7.87755   0.90695   -12.41987 1.000 587.81854 ? 202 DA D "C1'" 1 
ATOM 609 N N9    . DA C 3 7  ? 6.41255   0.92659   -12.36532 1.000 582.77673 ? 202 DA D N9    1 
ATOM 610 C C8    . DA C 3 7  ? 5.55781   -0.06837  -12.74869 1.000 582.05167 ? 202 DA D C8    1 
ATOM 611 N N7    . DA C 3 7  ? 4.28856   0.23028   -12.58656 1.000 577.61121 ? 202 DA D N7    1 
ATOM 612 C C5    . DA C 3 7  ? 4.30990   1.51033   -12.05946 1.000 575.15313 ? 202 DA D C5    1 
ATOM 613 C C6    . DA C 3 7  ? 3.28160   2.39229   -11.66628 1.000 570.65859 ? 202 DA D C6    1 
ATOM 614 N N6    . DA C 3 7  ? 1.98217   2.09044   -11.75002 1.000 567.79563 ? 202 DA D N6    1 
ATOM 615 N N1    . DA C 3 7  ? 3.64292   3.59570   -11.17572 1.000 569.69955 ? 202 DA D N1    1 
ATOM 616 C C2    . DA C 3 7  ? 4.94522   3.89045   -11.08872 1.000 573.08415 ? 202 DA D C2    1 
ATOM 617 N N3    . DA C 3 7  ? 5.99997   3.14731   -11.43178 1.000 577.52969 ? 202 DA D N3    1 
ATOM 618 C C4    . DA C 3 7  ? 5.60921   1.95712   -11.91539 1.000 578.27605 ? 202 DA D C4    1 
ATOM 619 P P     . DC C 3 8  ? 12.21652  0.81002   -11.93358 1.000 620.14483 ? 203 DC D P     1 
ATOM 620 O OP1   . DC C 3 8  ? 12.54741  1.34080   -13.27651 1.000 616.08158 ? 203 DC D OP1   1 
ATOM 621 O OP2   . DC C 3 8  ? 12.80870  -0.47415  -11.50047 1.000 628.19543 ? 203 DC D OP2   1 
ATOM 622 O "O5'" . DC C 3 8  ? 12.55924  1.93669   -10.84391 1.000 621.57714 ? 203 DC D "O5'" 1 
ATOM 623 C "C5'" . DC C 3 8  ? 12.26750  1.71484   -9.45389  1.000 624.99678 ? 203 DC D "C5'" 1 
ATOM 624 C "C4'" . DC C 3 8  ? 11.46551  2.87015   -8.86466  1.000 619.73236 ? 203 DC D "C4'" 1 
ATOM 625 O "O4'" . DC C 3 8  ? 10.08693  2.78604   -9.32930  1.000 612.38839 ? 203 DC D "O4'" 1 
ATOM 626 C "C3'" . DC C 3 8  ? 11.39836  2.90313   -7.32666  1.000 623.85324 ? 203 DC D "C3'" 1 
ATOM 627 O "O3'" . DC C 3 8  ? 11.53677  4.25863   -6.83550  1.000 622.59619 ? 203 DC D "O3'" 1 
ATOM 628 C "C2'" . DC C 3 8  ? 10.01335  2.33190   -7.03427  1.000 619.54550 ? 203 DC D "C2'" 1 
ATOM 629 C "C1'" . DC C 3 8  ? 9.21265   2.84559   -8.22262  1.000 611.39088 ? 203 DC D "C1'" 1 
ATOM 630 N N1    . DC C 3 8  ? 7.96948   2.04027   -8.52416  1.000 607.43400 ? 203 DC D N1    1 
ATOM 631 C C2    . DC C 3 8  ? 6.71132   2.63285   -8.36889  1.000 601.27346 ? 203 DC D C2    1 
ATOM 632 O O2    . DC C 3 8  ? 6.65048   3.80888   -7.99371  1.000 599.10053 ? 203 DC D O2    1 
ATOM 633 N N3    . DC C 3 8  ? 5.59864   1.90458   -8.64102  1.000 598.30331 ? 203 DC D N3    1 
ATOM 634 C C4    . DC C 3 8  ? 5.71171   0.63723   -9.04263  1.000 601.18904 ? 203 DC D C4    1 
ATOM 635 N N4    . DC C 3 8  ? 4.58905   -0.04387  -9.29861  1.000 598.52947 ? 203 DC D N4    1 
ATOM 636 C C5    . DC C 3 8  ? 6.98311   0.01190   -9.20063  1.000 607.41957 ? 203 DC D C5    1 
ATOM 637 C C6    . DC C 3 8  ? 8.07487   0.74286   -8.93670  1.000 610.37106 ? 203 DC D C6    1 
ATOM 638 P P     . DT C 3 9  ? 11.89399  4.55639   -5.28828  1.000 633.35573 ? 204 DT D P     1 
ATOM 639 O OP1   . DT C 3 9  ? 13.14990  5.33844   -5.25666  1.000 618.71670 ? 204 DT D OP1   1 
ATOM 640 O OP2   . DT C 3 9  ? 11.81197  3.29694   -4.51811  1.000 649.09034 ? 204 DT D OP2   1 
ATOM 641 O "O5'" . DT C 3 9  ? 10.70218  5.50483   -4.79202  1.000 615.90017 ? 204 DT D "O5'" 1 
ATOM 642 C "C5'" . DT C 3 9  ? 9.35213   5.12332   -5.01969  1.000 618.47111 ? 204 DT D "C5'" 1 
ATOM 643 C "C4'" . DT C 3 9  ? 8.38823   6.14871   -4.45561  1.000 599.98832 ? 204 DT D "C4'" 1 
ATOM 644 O "O4'" . DT C 3 9  ? 7.04108   5.81315   -4.86715  1.000 600.71424 ? 204 DT D "O4'" 1 
ATOM 645 C "C3'" . DT C 3 9  ? 8.30974   6.18535   -2.94792  1.000 598.28791 ? 204 DT D "C3'" 1 
ATOM 646 O "O3'" . DT C 3 9  ? 7.71449   7.40525   -2.54694  1.000 590.77918 ? 204 DT D "O3'" 1 
ATOM 647 C "C2'" . DT C 3 9  ? 7.38953   4.99962   -2.67235  1.000 603.98503 ? 204 DT D "C2'" 1 
ATOM 648 C "C1'" . DT C 3 9  ? 6.37459   5.13580   -3.81017  1.000 602.50699 ? 204 DT D "C1'" 1 
ATOM 649 N N1    . DT C 3 9  ? 5.86516   3.82595   -4.34274  1.000 615.88443 ? 204 DT D N1    1 
ATOM 650 C C2    . DT C 3 9  ? 4.50689   3.63441   -4.49251  1.000 608.70182 ? 204 DT D C2    1 
ATOM 651 O O2    . DT C 3 9  ? 3.67427   4.47512   -4.19737  1.000 592.92297 ? 204 DT D O2    1 
ATOM 652 N N3    . DT C 3 9  ? 4.15705   2.40762   -5.00258  1.000 618.45181 ? 204 DT D N3    1 
ATOM 653 C C4    . DT C 3 9  ? 5.00505   1.38293   -5.37605  1.000 633.76904 ? 204 DT D C4    1 
ATOM 654 O O4    . DT C 3 9  ? 4.59600   0.31579   -5.82201  1.000 638.87304 ? 204 DT D O4    1 
ATOM 655 C C5    . DT C 3 9  ? 6.40646   1.64797   -5.19618  1.000 641.00467 ? 204 DT D C5    1 
ATOM 656 C C7    . DT C 3 9  ? 7.41318   0.60083   -5.56084  1.000 654.89127 ? 204 DT D C7    1 
ATOM 657 C C6    . DT C 3 9  ? 6.76794   2.84273   -4.69824  1.000 632.28805 ? 204 DT D C6    1 
ATOM 658 P P     . DC C 3 10 ? 7.65370   7.80713   -0.99612  1.000 592.17220 ? 205 DC D P     1 
ATOM 659 O OP1   . DC C 3 10 ? 7.38949   9.26195   -0.93708  1.000 585.14286 ? 205 DC D OP1   1 
ATOM 660 O OP2   . DC C 3 10 ? 8.86294   7.25081   -0.34792  1.000 595.61411 ? 205 DC D OP2   1 
ATOM 661 O "O5'" . DC C 3 10 ? 6.37258   7.01852   -0.44398  1.000 590.39455 ? 205 DC D "O5'" 1 
ATOM 662 C "C5'" . DC C 3 10 ? 5.09340   7.22777   -1.04080  1.000 588.76884 ? 205 DC D "C5'" 1 
ATOM 663 C "C4'" . DC C 3 10 ? 4.04279   6.32228   -0.41421  1.000 587.44050 ? 205 DC D "C4'" 1 
ATOM 664 O "O4'" . DC C 3 10 ? 3.82426   5.15095   -1.24441  1.000 594.48435 ? 205 DC D "O4'" 1 
ATOM 665 C "C3'" . DC C 3 10 ? 4.38335   5.79282   0.98589   1.000 584.18103 ? 205 DC D "C3'" 1 
ATOM 666 O "O3'" . DC C 3 10 ? 3.37007   6.18414   1.90812   1.000 575.88059 ? 205 DC D "O3'" 1 
ATOM 667 C "C2'" . DC C 3 10 ? 4.42469   4.26797   0.80424   1.000 590.31244 ? 205 DC D "C2'" 1 
ATOM 668 C "C1'" . DC C 3 10 ? 3.52428   4.06722   -0.40093  1.000 594.02766 ? 205 DC D "C1'" 1 
ATOM 669 N N1    . DC C 3 10 ? 3.77690   2.77077   -1.13815  1.000 601.51519 ? 205 DC D N1    1 
ATOM 670 C C2    . DC C 3 10 ? 2.69468   1.99282   -1.59765  1.000 597.74349 ? 205 DC D C2    1 
ATOM 671 O O2    . DC C 3 10 ? 1.53801   2.38506   -1.40241  1.000 592.70435 ? 205 DC D O2    1 
ATOM 672 N N3    . DC C 3 10 ? 2.95457   0.82425   -2.25429  1.000 600.19375 ? 205 DC D N3    1 
ATOM 673 C C4    . DC C 3 10 ? 4.21513   0.43265   -2.44459  1.000 606.19884 ? 205 DC D C4    1 
ATOM 674 N N4    . DC C 3 10 ? 4.42774   -0.71980  -3.09590  1.000 615.08025 ? 205 DC D N4    1 
ATOM 675 C C5    . DC C 3 10 ? 5.32078   1.20688   -1.98030  1.000 610.97450 ? 205 DC D C5    1 
ATOM 676 C C6    . DC C 3 10 ? 5.05873   2.35219   -1.33805  1.000 607.05298 ? 205 DC D C6    1 
ATOM 677 P P     . DT C 3 11 ? 3.55470   5.95294   3.49060   1.000 556.72042 ? 206 DT D P     1 
ATOM 678 O OP1   . DT C 3 11 ? 3.50122   7.29091   4.12265   1.000 548.49425 ? 206 DT D OP1   1 
ATOM 679 O OP2   . DT C 3 11 ? 4.74472   5.10565   3.73403   1.000 573.02797 ? 206 DT D OP2   1 
ATOM 680 O "O5'" . DT C 3 11 ? 2.23655   5.13321   3.90060   1.000 553.42731 ? 206 DT D "O5'" 1 
ATOM 681 C "C5'" . DT C 3 11 ? 0.94768   5.72372   3.69081   1.000 549.02896 ? 206 DT D "C5'" 1 
ATOM 682 C "C4'" . DT C 3 11 ? -0.15283  4.67366   3.58534   1.000 562.03513 ? 206 DT D "C4'" 1 
ATOM 683 O "O4'" . DT C 3 11 ? 0.17706   3.70617   2.55904   1.000 603.96560 ? 206 DT D "O4'" 1 
ATOM 684 C "C3'" . DT C 3 11 ? -0.42824  3.87916   4.86511   1.000 560.23538 ? 206 DT D "C3'" 1 
ATOM 685 O "O3'" . DT C 3 11 ? -1.78693  4.05516   5.26370   1.000 538.86277 ? 206 DT D "O3'" 1 
ATOM 686 C "C2'" . DT C 3 11 ? -0.13044  2.42464   4.48306   1.000 600.74720 ? 206 DT D "C2'" 1 
ATOM 687 C "C1'" . DT C 3 11 ? -0.25279  2.43171   2.96611   1.000 619.69094 ? 206 DT D "C1'" 1 
ATOM 688 N N1    . DT C 3 11 ? 0.62485   1.42696   2.31955   1.000 639.51116 ? 206 DT D N1    1 
ATOM 689 C C2    . DT C 3 11 ? 0.07081   0.35762   1.64487   1.000 644.66722 ? 206 DT D C2    1 
ATOM 690 O O2    . DT C 3 11 ? -1.12998  0.18219   1.53660   1.000 643.00617 ? 206 DT D O2    1 
ATOM 691 N N3    . DT C 3 11 ? 0.98999   -0.50593  1.09428   1.000 651.90830 ? 206 DT D N3    1 
ATOM 692 C C4    . DT C 3 11 ? 2.37136   -0.39993  1.15933   1.000 654.70774 ? 206 DT D C4    1 
ATOM 693 O O4    . DT C 3 11 ? 3.12169   -1.21746  0.63890   1.000 661.12416 ? 206 DT D O4    1 
ATOM 694 C C5    . DT C 3 11 ? 2.87269   0.74002   1.88337   1.000 649.50740 ? 206 DT D C5    1 
ATOM 695 C C7    . DT C 3 11 ? 4.34998   0.95390   2.01962   1.000 652.44478 ? 206 DT D C7    1 
ATOM 696 C C6    . DT C 3 11 ? 1.98747   1.58454   2.42225   1.000 642.07107 ? 206 DT D C6    1 
ATOM 697 P P     . DG C 3 12 ? -2.37076  3.27631   6.54326   1.000 554.37144 ? 207 DG D P     1 
ATOM 698 O OP1   . DG C 3 12 ? -3.46627  4.09187   7.11167   1.000 544.64179 ? 207 DG D OP1   1 
ATOM 699 O OP2   . DG C 3 12 ? -1.24244  2.87146   7.40933   1.000 553.24164 ? 207 DG D OP2   1 
ATOM 700 O "O5'" . DG C 3 12 ? -2.99367  1.95010   5.91755   1.000 560.60682 ? 207 DG D "O5'" 1 
ATOM 701 C "C5'" . DG C 3 12 ? -3.94224  2.04175   4.86813   1.000 565.00397 ? 207 DG D "C5'" 1 
ATOM 702 C "C4'" . DG C 3 12 ? -4.64488  0.71432   4.68055   1.000 568.10063 ? 207 DG D "C4'" 1 
ATOM 703 O "O4'" . DG C 3 12 ? -3.81853  -0.16186  3.87117   1.000 577.74718 ? 207 DG D "O4'" 1 
ATOM 704 C "C3'" . DG C 3 12 ? -4.93696  -0.02681  5.97776   1.000 560.07180 ? 207 DG D "C3'" 1 
ATOM 705 O "O3'" . DG C 3 12 ? -6.24505  -0.58630  5.95032   1.000 558.28898 ? 207 DG D "O3'" 1 
ATOM 706 C "C2'" . DG C 3 12 ? -3.84465  -1.09693  6.05544   1.000 565.01567 ? 207 DG D "C2'" 1 
ATOM 707 C "C1'" . DG C 3 12 ? -3.43755  -1.31599  4.59587   1.000 576.53087 ? 207 DG D "C1'" 1 
ATOM 708 N N9    . DG C 3 12 ? -1.99078  -1.50935  4.42711   1.000 581.71477 ? 207 DG D N9    1 
ATOM 709 C C8    . DG C 3 12 ? -0.99893  -0.70414  4.92700   1.000 579.38774 ? 207 DG D C8    1 
ATOM 710 N N7    . DG C 3 12 ? 0.20510   -1.10634  4.63059   1.000 585.52217 ? 207 DG D N7    1 
ATOM 711 C C5    . DG C 3 12 ? 0.00851   -2.26099  3.88286   1.000 591.93186 ? 207 DG D C5    1 
ATOM 712 C C6    . DG C 3 12 ? 0.95889   -3.13299  3.28841   1.000 599.66735 ? 207 DG D C6    1 
ATOM 713 O O6    . DG C 3 12 ? 2.19542   -3.04747  3.31186   1.000 602.77446 ? 207 DG D O6    1 
ATOM 714 N N1    . DG C 3 12 ? 0.34675   -4.19129  2.61558   1.000 603.86624 ? 207 DG D N1    1 
ATOM 715 C C2    . DG C 3 12 ? -1.01365  -4.38148  2.52917   1.000 601.47568 ? 207 DG D C2    1 
ATOM 716 N N2    . DG C 3 12 ? -1.41677  -5.46228  1.83559   1.000 606.52587 ? 207 DG D N2    1 
ATOM 717 N N3    . DG C 3 12 ? -1.92054  -3.56879  3.08309   1.000 594.55379 ? 207 DG D N3    1 
ATOM 718 C C4    . DG C 3 12 ? -1.33767  -2.53085  3.74374   1.000 589.83381 ? 207 DG D C4    1 
ATOM 719 P P     . DT C 3 13 ? -7.37435  -0.02355  6.94685   1.000 575.32727 ? 208 DT D P     1 
ATOM 720 O OP1   . DT C 3 13 ? -7.27052  1.45038   6.95202   1.000 571.60063 ? 208 DT D OP1   1 
ATOM 721 O OP2   . DT C 3 13 ? -7.26470  -0.76819  8.22012   1.000 567.56386 ? 208 DT D OP2   1 
ATOM 722 O "O5'" . DT C 3 13 ? -8.75342  -0.44699  6.25884   1.000 578.31928 ? 208 DT D "O5'" 1 
ATOM 723 C "C5'" . DT C 3 13 ? -9.39605  -1.65290  6.64946   1.000 576.62129 ? 208 DT D "C5'" 1 
ATOM 724 C "C4'" . DT C 3 13 ? -9.16979  -2.74687  5.62161   1.000 587.95306 ? 208 DT D "C4'" 1 
ATOM 725 O "O4'" . DT C 3 13 ? -7.78512  -2.77338  5.23055   1.000 594.08416 ? 208 DT D "O4'" 1 
ATOM 726 C "C3'" . DT C 3 13 ? -9.43710  -4.15397  6.11666   1.000 586.48241 ? 208 DT D "C3'" 1 
ATOM 727 O "O3'" . DT C 3 13 ? -10.82359 -4.45303  6.00725   1.000 584.99568 ? 208 DT D "O3'" 1 
ATOM 728 C "C2'" . DT C 3 13 ? -8.59713  -5.01215  5.16102   1.000 597.51454 ? 208 DT D "C2'" 1 
ATOM 729 C "C1'" . DT C 3 13 ? -7.49185  -4.04895  4.69190   1.000 601.43634 ? 208 DT D "C1'" 1 
ATOM 730 N N1    . DT C 3 13 ? -6.10965  -4.45701  5.11811   1.000 602.09384 ? 208 DT D N1    1 
ATOM 731 C C2    . DT C 3 13 ? -5.33251  -5.20515  4.25656   1.000 611.28471 ? 208 DT D C2    1 
ATOM 732 O O2    . DT C 3 13 ? -5.70750  -5.55997  3.14967   1.000 618.80665 ? 208 DT D O2    1 
ATOM 733 N N3    . DT C 3 13 ? -4.08990  -5.52623  4.73941   1.000 611.28996 ? 208 DT D N3    1 
ATOM 734 C C4    . DT C 3 13 ? -3.55422  -5.18584  5.96815   1.000 603.64640 ? 208 DT D C4    1 
ATOM 735 O O4    . DT C 3 13 ? -2.42498  -5.52635  6.30829   1.000 604.95907 ? 208 DT D O4    1 
ATOM 736 C C5    . DT C 3 13 ? -4.41626  -4.40388  6.82429   1.000 593.96060 ? 208 DT D C5    1 
ATOM 737 C C7    . DT C 3 13 ? -3.93838  -3.97688  8.18128   1.000 584.82248 ? 208 DT D C7    1 
ATOM 738 C C6    . DT C 3 13 ? -5.63973  -4.08001  6.36409   1.000 593.43946 ? 208 DT D C6    1 
ATOM 739 P P     . DC D 4 1  ? -15.52233 15.51967  11.64638  1.000 477.33807 ? 106 DC X P     1 
ATOM 740 O OP1   . DC D 4 1  ? -16.32680 16.62944  12.20088  1.000 480.81771 ? 106 DC X OP1   1 
ATOM 741 O OP2   . DC D 4 1  ? -14.04349 15.58487  11.69657  1.000 473.43320 ? 106 DC X OP2   1 
ATOM 742 O "O5'" . DC D 4 1  ? -15.98911 14.17655  12.37302  1.000 474.26622 ? 106 DC X "O5'" 1 
ATOM 743 C "C5'" . DC D 4 1  ? -16.86236 13.26589  11.71910  1.000 476.15907 ? 106 DC X "C5'" 1 
ATOM 744 C "C4'" . DC D 4 1  ? -16.47792 11.84512  12.06821  1.000 471.69806 ? 106 DC X "C4'" 1 
ATOM 745 O "O4'" . DC D 4 1  ? -15.31949 11.47410  11.27655  1.000 469.55128 ? 106 DC X "O4'" 1 
ATOM 746 C "C3'" . DC D 4 1  ? -16.08810 11.64063  13.53694  1.000 467.38351 ? 106 DC X "C3'" 1 
ATOM 747 O "O3'" . DC D 4 1  ? -16.65873 10.42727  14.06345  1.000 465.79022 ? 106 DC X "O3'" 1 
ATOM 748 C "C2'" . DC D 4 1  ? -14.56211 11.58727  13.49596  1.000 463.42058 ? 106 DC X "C2'" 1 
ATOM 749 C "C1'" . DC D 4 1  ? -14.29735 11.00052  12.11686  1.000 464.38628 ? 106 DC X "C1'" 1 
ATOM 750 N N1    . DC D 4 1  ? -12.95784 11.39220  11.54284  1.000 462.78207 ? 106 DC X N1    1 
ATOM 751 C C2    . DC D 4 1  ? -12.43056 10.68142  10.45856  1.000 462.37550 ? 106 DC X C2    1 
ATOM 752 O O2    . DC D 4 1  ? -13.08276 9.74850   9.97687   1.000 463.44040 ? 106 DC X O2    1 
ATOM 753 N N3    . DC D 4 1  ? -11.21992 11.04173  9.96030   1.000 460.96865 ? 106 DC X N3    1 
ATOM 754 C C4    . DC D 4 1  ? -10.54454 12.05388  10.50672  1.000 460.00859 ? 106 DC X C4    1 
ATOM 755 N N4    . DC D 4 1  ? -9.35497  12.36848  9.98225   1.000 458.73956 ? 106 DC X N4    1 
ATOM 756 C C5    . DC D 4 1  ? -11.05957 12.78682  11.61614  1.000 460.43238 ? 106 DC X C5    1 
ATOM 757 C C6    . DC D 4 1  ? -12.25452 12.42348  12.10019  1.000 461.77453 ? 106 DC X C6    1 
ATOM 758 P P     . DT D 4 2  ? -17.30466 10.41024  15.54106  1.000 491.11960 ? 107 DT X P     1 
ATOM 759 O OP1   . DT D 4 2  ? -18.71871 10.81497  15.38822  1.000 495.82465 ? 107 DT X OP1   1 
ATOM 760 O OP2   . DT D 4 2  ? -16.42647 11.18581  16.45248  1.000 488.47604 ? 107 DT X OP2   1 
ATOM 761 O "O5'" . DT D 4 2  ? -17.25052 8.86572   15.98206  1.000 487.78042 ? 107 DT X "O5'" 1 
ATOM 762 C "C5'" . DT D 4 2  ? -18.45079 8.08398   16.02517  1.000 489.68327 ? 107 DT X "C5'" 1 
ATOM 763 C "C4'" . DT D 4 2  ? -18.25471 6.74641   15.33162  1.000 488.60169 ? 107 DT X "C4'" 1 
ATOM 764 O "O4'" . DT D 4 2  ? -17.21089 6.86657   14.32023  1.000 487.89092 ? 107 DT X "O4'" 1 
ATOM 765 C "C3'" . DT D 4 2  ? -17.82140 5.58448   16.25020  1.000 484.44477 ? 107 DT X "C3'" 1 
ATOM 766 O "O3'" . DT D 4 2  ? -18.64467 4.41773   16.01999  1.000 485.63881 ? 107 DT X "O3'" 1 
ATOM 767 C "C2'" . DT D 4 2  ? -16.37676 5.33972   15.83223  1.000 481.26324 ? 107 DT X "C2'" 1 
ATOM 768 C "C1'" . DT D 4 2  ? -16.44992 5.68805   14.36376  1.000 484.39971 ? 107 DT X "C1'" 1 
ATOM 769 N N1    . DT D 4 2  ? -15.11112 5.88429   13.73854  1.000 482.39875 ? 107 DT X N1    1 
ATOM 770 C C2    . DT D 4 2  ? -14.57479 4.84816   13.02616  1.000 481.15778 ? 107 DT X C2    1 
ATOM 771 O O2    . DT D 4 2  ? -15.15444 3.79205   12.86151  1.000 481.76922 ? 107 DT X O2    1 
ATOM 772 N N3    . DT D 4 2  ? -13.33594 5.08420   12.50026  1.000 479.33843 ? 107 DT X N3    1 
ATOM 773 C C4    . DT D 4 2  ? -12.58459 6.23195   12.62276  1.000 478.64494 ? 107 DT X C4    1 
ATOM 774 O O4    . DT D 4 2  ? -11.47574 6.34890   12.10869  1.000 477.06675 ? 107 DT X O4    1 
ATOM 775 C C5    . DT D 4 2  ? -13.19413 7.28539   13.39386  1.000 480.06749 ? 107 DT X C5    1 
ATOM 776 C C7    . DT D 4 2  ? -12.46233 8.57558   13.59746  1.000 479.70004 ? 107 DT X C7    1 
ATOM 777 C C6    . DT D 4 2  ? -14.41717 7.06377   13.91768  1.000 481.83355 ? 107 DT X C6    1 
ATOM 778 P P     . DT D 4 3  ? -18.13242 2.93947   16.43050  1.000 497.78204 ? 108 DT X P     1 
ATOM 779 O OP1   . DT D 4 3  ? -17.22130 2.45173   15.36607  1.000 496.87442 ? 108 DT X OP1   1 
ATOM 780 O OP2   . DT D 4 3  ? -19.32605 2.14672   16.80068  1.000 499.47159 ? 108 DT X OP2   1 
ATOM 781 O "O5'" . DT D 4 3  ? -17.28086 3.14652   17.77847  1.000 493.68289 ? 108 DT X "O5'" 1 
ATOM 782 C "C5'" . DT D 4 3  ? -17.53102 2.32492   18.93544  1.000 491.81061 ? 108 DT X "C5'" 1 
ATOM 783 C "C4'" . DT D 4 3  ? -16.85021 0.96258   18.82754  1.000 489.40518 ? 108 DT X "C4'" 1 
ATOM 784 O "O4'" . DT D 4 3  ? -16.15905 0.86459   17.57095  1.000 489.61272 ? 108 DT X "O4'" 1 
ATOM 785 C "C3'" . DT D 4 3  ? -15.79641 0.68256   19.89253  1.000 485.28505 ? 108 DT X "C3'" 1 
ATOM 786 O "O3'" . DT D 4 3  ? -16.39650 0.01997   21.01150  1.000 484.74937 ? 108 DT X "O3'" 1 
ATOM 787 C "C2'" . DT D 4 3  ? -14.78925 -0.23124  19.18298  1.000 483.55666 ? 108 DT X "C2'" 1 
ATOM 788 C "C1'" . DT D 4 3  ? -15.05224 -0.00375  17.69076  1.000 486.38742 ? 108 DT X "C1'" 1 
ATOM 789 N N1    . DT D 4 3  ? -13.91462 0.60918   16.92401  1.000 485.28507 ? 108 DT X N1    1 
ATOM 790 C C2    . DT D 4 3  ? -12.92474 -0.19144  16.38276  1.000 483.45786 ? 108 DT X C2    1 
ATOM 791 O O2    . DT D 4 3  ? -12.87883 -1.40079  16.53437  1.000 482.63105 ? 108 DT X O2    1 
ATOM 792 N N3    . DT D 4 3  ? -11.96136 0.49774   15.68149  1.000 482.73564 ? 108 DT X N3    1 
ATOM 793 C C4    . DT D 4 3  ? -11.90955 1.85566   15.44329  1.000 483.82819 ? 108 DT X C4    1 
ATOM 794 O O4    . DT D 4 3  ? -11.00885 2.37967   14.80124  1.000 483.20240 ? 108 DT X O4    1 
ATOM 795 C C5    . DT D 4 3  ? -12.97906 2.62211   16.01717  1.000 485.91129 ? 108 DT X C5    1 
ATOM 796 C C7    . DT D 4 3  ? -13.01461 4.10669   15.83117  1.000 487.55941 ? 108 DT X C7    1 
ATOM 797 C C6    . DT D 4 3  ? -13.92226 1.97196   16.71130  1.000 486.50313 ? 108 DT X C6    1 
ATOM 798 P P     . DG D 4 4  ? -15.61192 -0.10177  22.41216  1.000 506.56863 ? 109 DG X P     1 
ATOM 799 O OP1   . DG D 4 4  ? -16.61150 0.07709   23.48885  1.000 507.46583 ? 109 DG X OP1   1 
ATOM 800 O OP2   . DG D 4 4  ? -14.41442 0.76444   22.36321  1.000 504.45051 ? 109 DG X OP2   1 
ATOM 801 O "O5'" . DG D 4 4  ? -15.09627 -1.61570  22.44174  1.000 504.90281 ? 109 DG X "O5'" 1 
ATOM 802 C "C5'" . DG D 4 4  ? -13.90394 -1.95088  23.14864  1.000 501.50182 ? 109 DG X "C5'" 1 
ATOM 803 C "C4'" . DG D 4 4  ? -12.84228 -2.44576  22.18165  1.000 500.39733 ? 109 DG X "C4'" 1 
ATOM 804 O "O4'" . DG D 4 4  ? -12.75724 -1.54734  21.06567  1.000 501.73589 ? 109 DG X "O4'" 1 
ATOM 805 C "C3'" . DG D 4 4  ? -11.42541 -2.51121  22.73647  1.000 496.96239 ? 109 DG X "C3'" 1 
ATOM 806 O "O3'" . DG D 4 4  ? -11.15375 -3.83041  23.19810  1.000 495.92201 ? 109 DG X "O3'" 1 
ATOM 807 C "C2'" . DG D 4 4  ? -10.52989 -2.13821  21.52953  1.000 496.63210 ? 109 DG X "C2'" 1 
ATOM 808 C "C1'" . DG D 4 4  ? -11.52516 -1.75613  20.42563  1.000 499.96892 ? 109 DG X "C1'" 1 
ATOM 809 N N9    . DG D 4 4  ? -11.16081 -0.53937  19.67912  1.000 500.50477 ? 109 DG X N9    1 
ATOM 810 C C8    . DG D 4 4  ? -11.75005 0.69967   19.77794  1.000 502.10963 ? 109 DG X C8    1 
ATOM 811 N N7    . DG D 4 4  ? -11.22551 1.59602   18.98718  1.000 502.54018 ? 109 DG X N7    1 
ATOM 812 C C5    . DG D 4 4  ? -10.21632 0.91768   18.31843  1.000 500.96912 ? 109 DG X C5    1 
ATOM 813 C C6    . DG D 4 4  ? -9.30086  1.37616   17.33485  1.000 500.66494 ? 109 DG X C6    1 
ATOM 814 O O6    . DG D 4 4  ? -9.19830  2.51371   16.84848  1.000 501.83971 ? 109 DG X O6    1 
ATOM 815 N N1    . DG D 4 4  ? -8.44053  0.36710   16.91748  1.000 498.97786 ? 109 DG X N1    1 
ATOM 816 C C2    . DG D 4 4  ? -8.46678  -0.92630  17.38666  1.000 497.92279 ? 109 DG X C2    1 
ATOM 817 N N2    . DG D 4 4  ? -7.55082  -1.75362  16.86072  1.000 496.60423 ? 109 DG X N2    1 
ATOM 818 N N3    . DG D 4 4  ? -9.31404  -1.37414  18.31113  1.000 498.28326 ? 109 DG X N3    1 
ATOM 819 C C4    . DG D 4 4  ? -10.16023 -0.40067  18.73080  1.000 499.73759 ? 109 DG X C4    1 
ATOM 820 P P     . DT D 4 5  ? -10.97413 -4.12104  24.76746  1.000 457.24411 ? 110 DT X P     1 
ATOM 821 O OP1   . DT D 4 5  ? -10.08116 -5.29661  24.89968  1.000 455.73505 ? 110 DT X OP1   1 
ATOM 822 O OP2   . DT D 4 5  ? -12.32493 -4.15875  25.37652  1.000 459.14991 ? 110 DT X OP2   1 
ATOM 823 O "O5'" . DT D 4 5  ? -10.24531 -2.80236  25.30923  1.000 455.29372 ? 110 DT X "O5'" 1 
ATOM 824 C "C5'" . DT D 4 5  ? -8.87496  -2.82858  25.68137  1.000 452.49454 ? 110 DT X "C5'" 1 
ATOM 825 C "C4'" . DT D 4 5  ? -7.96265  -3.06371  24.48538  1.000 452.03745 ? 110 DT X "C4'" 1 
ATOM 826 O "O4'" . DT D 4 5  ? -8.15052  -2.02058  23.48890  1.000 453.34326 ? 110 DT X "O4'" 1 
ATOM 827 C "C3'" . DT D 4 5  ? -6.47493  -3.04846  24.83285  1.000 449.18371 ? 110 DT X "C3'" 1 
ATOM 828 O "O3'" . DT D 4 5  ? -5.82205  -4.15348  24.25576  1.000 448.79758 ? 110 DT X "O3'" 1 
ATOM 829 C "C2'" . DT D 4 5  ? -5.97993  -1.73896  24.23876  1.000 448.86166 ? 110 DT X "C2'" 1 
ATOM 830 C "C1'" . DT D 4 5  ? -6.88842  -1.57978  23.04256  1.000 451.59428 ? 110 DT X "C1'" 1 
ATOM 831 N N1    . DT D 4 5  ? -7.01562  -0.17575  22.59206  1.000 452.53113 ? 110 DT X N1    1 
ATOM 832 C C2    . DT D 4 5  ? -6.19599  0.29814   21.58864  1.000 452.26973 ? 110 DT X C2    1 
ATOM 833 O O2    . DT D 4 5  ? -5.35364  -0.38644  21.03595  1.000 451.18725 ? 110 DT X O2    1 
ATOM 834 N N3    . DT D 4 5  ? -6.40412  1.61444   21.25592  1.000 453.52060 ? 110 DT X N3    1 
ATOM 835 C C4    . DT D 4 5  ? -7.33311  2.47624   21.82133  1.000 455.03032 ? 110 DT X C4    1 
ATOM 836 O O4    . DT D 4 5  ? -7.45253  3.64062   21.46271  1.000 456.39049 ? 110 DT X O4    1 
ATOM 837 C C5    . DT D 4 5  ? -8.15323  1.90638   22.86716  1.000 455.09033 ? 110 DT X C5    1 
ATOM 838 C C7    . DT D 4 5  ? -9.19244  2.73995   23.55761  1.000 456.72937 ? 110 DT X C7    1 
ATOM 839 C C6    . DT D 4 5  ? -7.95330  0.62764   23.19485  1.000 453.83306 ? 110 DT X C6    1 
ATOM 840 P P     . DG D 4 6  ? -5.24622  -5.31586  25.19901  1.000 477.45787 ? 111 DG X P     1 
ATOM 841 O OP1   . DG D 4 6  ? -5.50310  -6.59649  24.49777  1.000 478.98828 ? 111 DG X OP1   1 
ATOM 842 O OP2   . DG D 4 6  ? -5.81175  -5.09301  26.55233  1.000 477.17712 ? 111 DG X OP2   1 
ATOM 843 O "O5'" . DG D 4 6  ? -3.66749  -5.02816  25.24583  1.000 474.89367 ? 111 DG X "O5'" 1 
ATOM 844 C "C5'" . DG D 4 6  ? -3.17567  -3.79836  25.78654  1.000 473.35192 ? 111 DG X "C5'" 1 
ATOM 845 C "C4'" . DG D 4 6  ? -2.10251  -3.19735  24.89509  1.000 472.32244 ? 111 DG X "C4'" 1 
ATOM 846 O "O4'" . DG D 4 6  ? -2.71376  -2.46638  23.80559  1.000 474.04425 ? 111 DG X "O4'" 1 
ATOM 847 C "C3'" . DG D 4 6  ? -1.21667  -2.16657  25.56227  1.000 470.35427 ? 111 DG X "C3'" 1 
ATOM 848 O "O3'" . DG D 4 6  ? -0.21304  -2.80799  26.35687  1.000 468.46411 ? 111 DG X "O3'" 1 
ATOM 849 C "C2'" . DG D 4 6  ? -0.62851  -1.46439  24.34341  1.000 470.41956 ? 111 DG X "C2'" 1 
ATOM 850 C "C1'" . DG D 4 6  ? -1.84238  -1.41535  23.40647  1.000 473.02094 ? 111 DG X "C1'" 1 
ATOM 851 N N9    . DG D 4 6  ? -2.56577  -0.15862  23.49208  1.000 474.18576 ? 111 DG X N9    1 
ATOM 852 C C8    . DG D 4 6  ? -3.53840  0.16708   24.39750  1.000 474.96804 ? 111 DG X C8    1 
ATOM 853 N N7    . DG D 4 6  ? -4.01296  1.36683   24.24591  1.000 476.20018 ? 111 DG X N7    1 
ATOM 854 C C5    . DG D 4 6  ? -3.29306  1.88208   23.18380  1.000 476.22768 ? 111 DG X C5    1 
ATOM 855 C C6    . DG D 4 6  ? -3.36550  3.15074   22.56976  1.000 477.56594 ? 111 DG X C6    1 
ATOM 856 O O6    . DG D 4 6  ? -4.10088  4.10325   22.86614  1.000 479.07644 ? 111 DG X O6    1 
ATOM 857 N N1    . DG D 4 6  ? -2.45644  3.26551   21.52491  1.000 477.19988 ? 111 DG X N1    1 
ATOM 858 C C2    . DG D 4 6  ? -1.58870  2.27393   21.12722  1.000 475.68173 ? 111 DG X C2    1 
ATOM 859 N N2    . DG D 4 6  ? -0.78898  2.56154   20.09483  1.000 475.60901 ? 111 DG X N2    1 
ATOM 860 N N3    . DG D 4 6  ? -1.51967  1.07775   21.68801  1.000 474.54087 ? 111 DG X N3    1 
ATOM 861 C C4    . DG D 4 6  ? -2.39516  0.95544   22.70755  1.000 474.90842 ? 111 DG X C4    1 
# 
loop_
_atom_site_anisotrop.id 
_atom_site_anisotrop.type_symbol 
_atom_site_anisotrop.pdbx_label_atom_id 
_atom_site_anisotrop.pdbx_label_alt_id 
_atom_site_anisotrop.pdbx_label_comp_id 
_atom_site_anisotrop.pdbx_label_asym_id 
_atom_site_anisotrop.pdbx_label_seq_id 
_atom_site_anisotrop.pdbx_PDB_ins_code 
_atom_site_anisotrop.U[1][1] 
_atom_site_anisotrop.U[2][2] 
_atom_site_anisotrop.U[3][3] 
_atom_site_anisotrop.U[1][2] 
_atom_site_anisotrop.U[1][3] 
_atom_site_anisotrop.U[2][3] 
_atom_site_anisotrop.pdbx_auth_seq_id 
_atom_site_anisotrop.pdbx_auth_comp_id 
_atom_site_anisotrop.pdbx_auth_asym_id 
_atom_site_anisotrop.pdbx_auth_atom_id 
1   P P     . DA A 1  ? 10.23851 3.52770  5.49999 -0.99369 -1.36087 1.22621  112 DA A P     
2   O OP1   . DA A 1  ? 10.16751 3.55892  5.47060 -1.07076 -1.26003 1.26618  112 DA A OP1   
3   O OP2   . DA A 1  ? 10.32100 3.57731  5.52514 -0.97735 -1.37548 1.26152  112 DA A OP2   
4   O "O5'" . DA A 1  ? 10.42759 3.57679  5.50431 -1.00794 -1.62551 1.18692  112 DA A "O5'" 
5   C "C5'" . DA A 1  ? 10.59727 3.70741  5.48976 -1.11419 -1.78716 1.22830  112 DA A "C5'" 
6   C "C4'" . DA A 1  ? 10.78215 3.83331  5.52203 -1.13437 -1.99291 1.27070  112 DA A "C4'" 
7   O "O4'" . DA A 1  ? 10.78793 3.76944  5.56797 -1.01868 -2.08752 1.21480  112 DA A "O4'" 
8   C "C3'" . DA A 1  ? 10.79236 3.91194  5.52102 -1.17685 -1.88741 1.34895  112 DA A "C3'" 
9   O "O3'" . DA A 1  ? 10.85679 4.05463  5.48778 -1.30442 -1.89990 1.42363  112 DA A "O3'" 
10  C "C2'" . DA A 1  ? 10.90591 3.97088  5.57057 -1.12047 -2.07087 1.35810  112 DA A "C2'" 
11  C "C1'" . DA A 1  ? 10.89940 3.87582  5.60478 -1.01579 -2.21514 1.26548  112 DA A "C1'" 
12  N N9    . DA A 1  ? 10.84190 3.78072  5.64558 -0.88839 -2.17857 1.21604  112 DA A N9    
13  C C8    . DA A 1  ? 10.68576 3.65503  5.63109 -0.82891 -1.92758 1.18902  112 DA A C8    
14  N N7    . DA A 1  ? 10.66669 3.60150  5.67241 -0.71555 -1.95486 1.14649  112 DA A N7    
15  C C5    . DA A 1  ? 10.80882 3.69374  5.72742 -0.68603 -2.25244 1.13988  112 DA A C5    
16  C C6    . DA A 1  ? 10.83362 3.69892  5.80274 -0.55655 -2.43385 1.09352  112 DA A C6    
17  N N6    . DA A 1  ? 10.72982 3.59621  5.81814 -0.44243 -2.31206 1.04376  112 DA A N6    
18  N N1    . DA A 1  ? 10.91911 3.82708  5.86548 -0.53082 -2.74582 1.09971  112 DA A N1    
19  C C2    . DA A 1  ? 10.99170 3.95152  5.83653 -0.64395 -2.85691 1.15878  112 DA A C2    
20  N N3    . DA A 1  ? 11.00843 3.95036  5.75800 -0.78506 -2.69899 1.20589  112 DA A N3    
21  C C4    . DA A 1  ? 10.90865 3.81207  5.71210 -0.79275 -2.39786 1.18833  112 DA A C4    
22  P P     . DC A 2  ? 11.02645 4.24280  5.47509 -1.39241 -2.18300 1.47178  113 DC A P     
23  O OP1   . DC A 2  ? 11.05582 4.19441  5.47970 -1.36145 -2.34271 1.40595  113 DC A OP1   
24  O OP2   . DC A 2  ? 11.02906 4.37157  5.43111 -1.51153 -2.09155 1.54774  113 DC A OP2   
25  O "O5'" . DC A 2  ? 11.11860 4.37356  5.51473 -1.35503 -2.37199 1.51716  113 DC A "O5'" 
26  C "C5'" . DC A 2  ? 11.19850 4.56173  5.52461 -1.33806 -2.69155 1.53311  113 DC A "C5'" 
27  C "C4'" . DC A 2  ? 11.21474 4.78447  5.54207 -1.31317 -2.83433 1.59800  113 DC A "C4'" 
28  O "O4'" . DC A 2  ? 11.19400 4.63246  5.61865 -1.17848 -2.84221 1.54614  113 DC A "O4'" 
29  C "C3'" . DC A 2  ? 11.21922 4.88046  5.50428 -1.42245 -2.65545 1.69305  113 DC A "C3'" 
30  O "O3'" . DC A 2  ? 11.21099 5.26022  5.45611 -1.47972 -2.84643 1.75820  113 DC A "O3'" 
31  C "C2'" . DC A 2  ? 11.20220 4.74551  5.55812 -1.34249 -2.53783 1.68593  113 DC A "C2'" 
32  C "C1'" . DC A 2  ? 11.19902 4.70150  5.62854 -1.19085 -2.76432 1.61247  113 DC A "C1'" 
33  N N1    . DC A 2  ? 11.16537 4.45548  5.67881 -1.07979 -2.61049 1.54621  113 DC A N1    
34  C C2    . DC A 2  ? 11.06066 4.44298  5.72744 -0.91196 -2.74648 1.51481  113 DC A C2    
35  O O2    . DC A 2  ? 10.95766 4.66734  5.72941 -0.83868 -3.00375 1.53126  113 DC A O2    
36  N N3    . DC A 2  ? 10.90661 4.21081  5.72646 -0.78902 -2.54091 1.45692  113 DC A N3    
37  C C4    . DC A 2  ? 10.94696 4.07080  5.70613 -0.84582 -2.27452 1.42591  113 DC A C4    
38  N N4    . DC A 2  ? 10.75537 3.89366  5.69729 -0.71822 -2.08277 1.37252  113 DC A N4    
39  C C5    . DC A 2  ? 11.01962 4.10386  5.66281 -0.99411 -2.14922 1.45430  113 DC A C5    
40  C C6    . DC A 2  ? 11.09447 4.26771  5.64221 -1.09952 -2.30046 1.51356  113 DC A C6    
41  P P     . DG A 3  ? 11.00039 5.21600  5.15842 -1.63409 -2.73940 1.82345  114 DG A P     
42  O OP1   . DG A 3  ? 11.01800 5.03048  5.14056 -1.66506 -2.65663 1.77664  114 DG A OP1   
43  O OP2   . DG A 3  ? 10.99419 5.18490  5.15876 -1.69712 -2.50693 1.89886  114 DG A OP2   
44  O "O5'" . DG A 3  ? 10.79872 5.73315  5.19805 -1.61412 -2.94749 1.71570  114 DG A "O5'" 
45  C "C5'" . DG A 3  ? 10.72048 6.03019  5.18962 -1.67228 -2.92964 1.76490  114 DG A "C5'" 
46  C "C4'" . DG A 3  ? 10.56809 6.29609  5.28575 -1.56595 -3.12923 1.69926  114 DG A "C4'" 
47  O "O4'" . DG A 3  ? 10.64894 5.99623  5.33895 -1.45798 -3.14901 1.70516  114 DG A "O4'" 
48  C "C3'" . DG A 3  ? 10.49354 6.54710  5.28661 -1.61947 -3.09274 1.77657  114 DG A "C3'" 
49  O "O3'" . DG A 3  ? 10.27110 6.91834  5.38486 -1.52877 -3.32657 1.68137  114 DG A "O3'" 
50  C "C2'" . DG A 3  ? 10.65643 6.19945  5.27916 -1.60918 -2.95006 1.89129  114 DG A "C2'" 
51  C "C1'" . DG A 3  ? 10.67282 5.98679  5.35374 -1.46106 -3.08432 1.79936  114 DG A "C1'" 
52  N N9    . DG A 3  ? 10.82901 5.52144  5.31787 -1.42298 -2.90808 1.86887  114 DG A N9    
53  C C8    . DG A 3  ? 10.98145 5.24277  5.27434 -1.52720 -2.63289 1.93688  114 DG A C8    
54  N N7    . DG A 3  ? 10.99886 4.93156  5.32628 -1.44349 -2.47736 1.88340  114 DG A N7    
55  C C5    . DG A 3  ? 10.83718 4.91391  5.33823 -1.25872 -2.64844 1.84269  114 DG A C5    
56  C C6    . DG A 3  ? 10.70938 4.63310  5.36807 -1.08385 -2.56071 1.77159  114 DG A C6    
57  O O6    . DG A 3  ? 10.70861 4.37599  5.38299 -1.06283 -2.31273 1.72296  114 DG A O6    
58  N N1    . DG A 3  ? 10.50824 4.73681  5.38153 -0.90314 -2.79093 1.72454  114 DG A N1    
59  C C2    . DG A 3  ? 10.27969 5.16610  5.42906 -0.87242 -2.98178 1.62710  114 DG A C2    
60  N N2    . DG A 3  ? 9.96722  5.28053  5.49455 -0.66853 -3.10770 1.49022  114 DG A N2    
61  N N3    . DG A 3  ? 10.35062 5.46493  5.41434 -1.03073 -3.04258 1.66062  114 DG A N3    
62  C C4    . DG A 3  ? 10.67791 5.29396  5.34715 -1.22653 -2.89471 1.80251  114 DG A C4    
63  P P     . DG A 4  ? 10.24245 7.46332  5.63821 -1.48594 -3.26477 1.70746  115 DG A P     
64  O OP1   . DG A 4  ? 10.00537 7.92727  5.69557 -1.45766 -3.47383 1.59499  115 DG A OP1   
65  O OP2   . DG A 4  ? 10.42103 7.36812  5.55370 -1.64533 -3.04025 1.86596  115 DG A OP2   
66  O "O5'" . DG A 4  ? 9.97163  7.26170  5.65148 -1.24461 -3.20106 1.65212  115 DG A "O5'" 
67  C "C5'" . DG A 4  ? 9.69093  7.42468  5.74080 -1.04932 -3.38934 1.49431  115 DG A "C5'" 
68  C "C4'" . DG A 4  ? 9.48291  7.21540  5.76164 -0.83840 -3.29195 1.46142  115 DG A "C4'" 
69  O "O4'" . DG A 4  ? 9.73392  6.71585  5.70431 -0.85948 -3.16229 1.53216  115 DG A "O4'" 
70  C "C3'" . DG A 4  ? 9.20530  7.27189  5.68167 -0.78205 -3.11434 1.51802  115 DG A "C3'" 
71  O "O3'" . DG A 4  ? 8.81590  7.66193  5.76455 -0.61805 -3.23020 1.39997  115 DG A "O3'" 
72  C "C2'" . DG A 4  ? 9.27558  6.82465  5.64467 -0.70191 -2.91666 1.57967  115 DG A "C2'" 
73  C "C1'" . DG A 4  ? 9.54853  6.51905  5.68042 -0.71229 -3.00113 1.54821  115 DG A "C1'" 
74  N N9    . DG A 4  ? 9.85834  6.07508  5.62464 -0.78943 -2.80726 1.66723  115 DG A N9    
75  C C8    . DG A 4  ? 10.20459 5.94664  5.56355 -1.00245 -2.69137 1.80257  115 DG A C8    
76  N N7    . DG A 4  ? 10.42543 5.52840  5.52379 -1.02207 -2.52541 1.88637  115 DG A N7    
77  C C5    . DG A 4  ? 10.21088 5.37024  5.56105 -0.80895 -2.52887 1.80106  115 DG A C5    
78  C C6    . DG A 4  ? 10.30059 4.94230  5.54610 -0.72821 -2.38788 1.83113  115 DG A C6    
79  O O6    . DG A 4  ? 10.45754 4.69151  5.54669 -0.81278 -2.15324 1.84303  115 DG A O6    
80  N N1    . DG A 4  ? 10.00503 4.92653  5.60077 -0.50340 -2.44906 1.71160  115 DG A N1    
81  C C2    . DG A 4  ? 9.66551  5.27717  5.66125 -0.37215 -2.62404 1.58086  115 DG A C2    
82  N N2    . DG A 4  ? 9.44792  5.22988  5.74155 -0.15933 -2.65426 1.47794  115 DG A N2    
83  N N3    . DG A 4  ? 9.57772  5.67825  5.67553 -0.44446 -2.75932 1.55138  115 DG A N3    
84  C C4    . DG A 4  ? 9.86159  5.70217  5.62344 -0.66386 -2.70141 1.66577  115 DG A C4    
85  P P     . DA A 5  ? 8.37675  7.50560  5.67763 -0.38556 -3.39725 1.23570  116 DA A P     
86  O OP1   . DA A 5  ? 8.50497  7.59868  5.74232 -0.42151 -3.62688 1.14711  116 DA A OP1   
87  O OP2   . DA A 5  ? 7.95722  7.80987  5.68844 -0.24476 -3.40315 1.17548  116 DA A OP2   
88  O "O5'" . DA A 5  ? 8.46002  7.02722  5.66262 -0.28104 -3.25014 1.26358  116 DA A "O5'" 
89  C "C5'" . DA A 5  ? 8.34675  6.89581  5.73033 -0.10292 -3.36452 1.14218  116 DA A "C5'" 
90  C "C4'" . DA A 5  ? 8.14365  6.67269  5.71730 0.07207  -3.21122 1.13885  116 DA A "C4'" 
91  O "O4'" . DA A 5  ? 8.43580  6.24371  5.65818 -0.00418 -3.00600 1.26122  116 DA A "O4'" 
92  C "C3'" . DA A 5  ? 7.81517  6.91730  5.68548 0.14062  -3.11177 1.15477  116 DA A "C3'" 
93  O "O3'" . DA A 5  ? 7.48274  6.90903  5.72803 0.37059  -3.13049 1.05063  116 DA A "O3'" 
94  C "C2'" . DA A 5  ? 8.01870  6.65621  5.59651 0.02989  -2.85295 1.31627  116 DA A "C2'" 
95  C "C1'" . DA A 5  ? 8.28172  6.19850  5.60185 0.04201  -2.80159 1.33300  116 DA A "C1'" 
96  N N9    . DA A 5  ? 8.61061  5.89670  5.52534 -0.11369 -2.59692 1.48845  116 DA A N9    
97  C C8    . DA A 5  ? 8.87135  5.96159  5.47417 -0.33168 -2.54911 1.59978  116 DA A C8    
98  N N7    . DA A 5  ? 9.13942  5.63348  5.40944 -0.43270 -2.34965 1.73014  116 DA A N7    
99  C C5    . DA A 5  ? 9.04222  5.33635  5.41817 -0.26825 -2.25818 1.70238  116 DA A C5    
100 C C6    . DA A 5  ? 9.21339  4.92304  5.37011 -0.26990 -2.04879 1.79458  116 DA A C6    
101 N N6    . DA A 5  ? 9.52971  4.72958  5.30001 -0.44810 -1.88804 1.94038  116 DA A N6    
102 N N1    . DA A 5  ? 9.04521  4.71587  5.39875 -0.07936 -2.01048 1.72868  116 DA A N1    
103 C C2    . DA A 5  ? 8.73049  4.90985  5.47000 0.09804  -2.17049 1.58226  116 DA A C2    
104 N N3    . DA A 5  ? 8.54621  5.29452  5.51966 0.11932  -2.37406 1.48583  116 DA A N3    
105 C C4    . DA A 5  ? 8.71830  5.49460  5.48942 -0.07241 -2.40735 1.55420  116 DA A C4    
106 P P     . DC A 6  ? 7.32683  7.33130  5.91955 0.48720  -3.02167 1.05126  117 DC A P     
107 O OP1   . DC A 6  ? 6.97435  7.43900  5.99112 0.71532  -3.14307 0.90015  117 DC A OP1   
108 O OP2   . DC A 6  ? 7.31202  7.67927  5.88371 0.34473  -3.02678 1.10962  117 DC A OP2   
109 O "O5'" . DC A 6  ? 7.45184  6.94503  5.84859 0.48273  -2.74984 1.17384  117 DC A "O5'" 
110 C "C5'" . DC A 6  ? 7.54435  6.54063  5.86501 0.58011  -2.68991 1.15534  117 DC A "C5'" 
111 C "C4'" . DC A 6  ? 7.66867  6.21854  5.78978 0.55112  -2.42340 1.28515  117 DC A "C4'" 
112 O "O4'" . DC A 6  ? 8.05192  6.08202  5.72870 0.32546  -2.33024 1.42363  117 DC A "O4'" 
113 C "C3'" . DC A 6  ? 7.38428  6.38586  5.74673 0.62279  -2.28055 1.32189  117 DC A "C3'" 
114 O "O3'" . DC A 6  ? 7.25217  6.11867  5.74610 0.78751  -2.14857 1.30560  117 DC A "O3'" 
115 C "C2'" . DC A 6  ? 7.64189  6.35688  5.66072 0.41413  -2.11743 1.48726  117 DC A "C2'" 
116 C "C1'" . DC A 6  ? 8.05997  6.00568  5.65154 0.28177  -2.10218 1.54615  117 DC A "C1'" 
117 N N1    . DC A 6  ? 8.38543  6.01975  5.59110 0.03844  -2.03668 1.67985  117 DC A N1    
118 C C2    . DC A 6  ? 8.66470  5.68866  5.51887 -0.07084 -1.81657 1.82382  117 DC A C2    
119 O O2    . DC A 6  ? 8.63843  5.38880  5.50487 0.03493  -1.67657 1.83988  117 DC A O2    
120 N N3    . DC A 6  ? 8.95696  5.71040  5.46753 -0.29100 -1.76329 1.94040  117 DC A N3    
121 C C4    . DC A 6  ? 8.97588  6.04188  5.48675 -0.40041 -1.91792 1.91603  117 DC A C4    
122 N N4    . DC A 6  ? 9.26788  6.05374  5.43667 -0.61784 -1.85739 2.03139  117 DC A N4    
123 C C5    . DC A 6  ? 8.69582  6.37970  5.55950 -0.29210 -2.14130 1.77077  117 DC A C5    
124 C C6    . DC A 6  ? 8.41052  6.35441  5.60886 -0.07544 -2.19298 1.65820  117 DC A C6    
125 P P     . DA A 7  ? 7.12510  6.58470  6.01801 0.95631  -2.06272 1.27388  118 DA A P     
126 O OP1   . DA A 7  ? 6.85324  6.57494  6.09438 1.17507  -2.17299 1.12321  118 DA A OP1   
127 O OP2   . DA A 7  ? 6.99732  6.99632  5.99307 0.87561  -2.09736 1.30204  118 DA A OP2   
128 O "O5'" . DA A 7  ? 7.25676  6.24246  5.94316 0.93799  -1.78615 1.40372  118 DA A "O5'" 
129 C "C5'" . DA A 7  ? 7.57661  6.13046  5.86646 0.73201  -1.64306 1.56084  118 DA A "C5'" 
130 C "C4'" . DA A 7  ? 7.62719  5.73504  5.75985 0.74951  -1.39043 1.66379  118 DA A "C4'" 
131 O "O4'" . DA A 7  ? 7.94927  5.48185  5.62820 0.53615  -1.26790 1.81246  118 DA A "O4'" 
132 C "C3'" . DA A 7  ? 7.26479  5.80295  5.63242 0.83749  -1.24712 1.69706  118 DA A "C3'" 
133 O "O3'" . DA A 7  ? 7.19606  5.37407  5.52429 0.92972  -1.05433 1.73712  118 DA A "O3'" 
134 C "C2'" . DA A 7  ? 7.38222  5.89768  5.50225 0.63435  -1.16699 1.83056  118 DA A "C2'" 
135 C "C1'" . DA A 7  ? 7.82582  5.60018  5.48077 0.45123  -1.14613 1.91335  118 DA A "C1'" 
136 N N9    . DA A 7  ? 8.02400  5.85407  5.49490 0.26088  -1.24969 1.95158  118 DA A N9    
137 C C8    . DA A 7  ? 7.97349  6.30059  5.63988 0.26132  -1.46875 1.85373  118 DA A C8    
138 N N7    . DA A 7  ? 8.17925  6.43762  5.60969 0.06689  -1.51815 1.91446  118 DA A N7    
139 C C5    . DA A 7  ? 8.38313  6.05555  5.43421 -0.07244 -1.31708 2.06403  118 DA A C5    
140 C C6    . DA A 7  ? 8.65089  5.97826  5.32137 -0.30210 -1.25798 2.18641  118 DA A C6    
141 N N6    . DA A 7  ? 8.75042  6.29557  5.36705 -0.43380 -1.40376 2.17321  118 DA A N6    
142 N N1    . DA A 7  ? 8.90456  5.65913  5.25384 -0.39146 -1.04245 2.32161  118 DA A N1    
143 C C2    . DA A 7  ? 8.82996  5.37514  5.23943 -0.25678 -0.89751 2.33126  118 DA A C2    
144 N N3    . DA A 7  ? 8.52760  5.35986  5.28434 -0.03780 -0.93397 2.22171  118 DA A N3    
145 C C4    . DA A 7  ? 8.29483  5.69350  5.36325 0.04445  -1.14926 2.08997  118 DA A C4    
146 P P     . DG A 8  ? 7.13201  5.34960  5.44361 0.93055  -0.81096 1.85405  119 DG A P     
147 O OP1   . DG A 8  ? 7.04824  5.04038  5.44808 1.08815  -0.68026 1.83343  119 DG A OP1   
148 O OP2   . DG A 8  ? 6.84424  5.78575  5.43626 0.95812  -0.85190 1.83658  119 DG A OP2   
149 O "O5'" . DG A 8  ? 7.56343  5.13891  5.37142 0.69578  -0.67799 2.01838  119 DG A "O5'" 
150 C "C5'" . DG A 8  ? 7.67677  4.91976  5.29876 0.66155  -0.43453 2.14555  119 DG A "C5'" 
151 C "C4'" . DG A 8  ? 7.79806  5.11815  5.23213 0.48549  -0.35480 2.27060  119 DG A "C4'" 
152 O "O4'" . DG A 8  ? 7.93428  5.32359  5.25486 0.34078  -0.53106 2.25365  119 DG A "O4'" 
153 C "C3'" . DG A 8  ? 7.46635  5.47334  5.21452 0.56669  -0.31912 2.26445  119 DG A "C3'" 
154 O "O3'" . DG A 8  ? 7.43805  5.30774  5.15461 0.61710  -0.08165 2.35527  119 DG A "O3'" 
155 C "C2'" . DG A 8  ? 7.58199  5.77644  5.18854 0.37719  -0.37895 2.32669  119 DG A "C2'" 
156 C "C1'" . DG A 8  ? 7.92814  5.61029  5.20724 0.22261  -0.48490 2.33556  119 DG A "C1'" 
157 N N9    . DG A 8  ? 7.89785  5.94969  5.24827 0.14525  -0.69933 2.27122  119 DG A N9    
158 C C8    . DG A 8  ? 7.61228  6.21960  5.32151 0.27012  -0.90897 2.12186  119 DG A C8    
159 N N7    . DG A 8  ? 7.66264  6.49726  5.34317 0.15468  -1.06866 2.09796  119 DG A N7    
160 C C5    . DG A 8  ? 8.00278  6.40623  5.28048 -0.06159 -0.95618 2.24042  119 DG A C5    
161 C C6    . DG A 8  ? 8.20473  6.60350  5.27144 -0.26205 -1.03865 2.28430  119 DG A C6    
162 O O6    . DG A 8  ? 8.11946  6.91039  5.31883 -0.28836 -1.23622 2.20239  119 DG A O6    
163 N N1    . DG A 8  ? 8.54057  6.40966  5.19998 -0.44565 -0.86495 2.43961  119 DG A N1    
164 C C2    . DG A 8  ? 8.66305  6.06884  5.14399 -0.43404 -0.64101 2.53984  119 DG A C2    
165 N N2    . DG A 8  ? 8.99284  5.92481  5.07891 -0.62695 -0.49553 2.68575  119 DG A N2    
166 N N3    . DG A 8  ? 8.47484  5.88590  5.15187 -0.24681 -0.56299 2.49940  119 DG A N3    
167 C C4    . DG A 8  ? 8.15021  6.06821  5.22140 -0.06885 -0.72852 2.34863  119 DG A C4    
168 P P     . DA A 9  ? 7.86346  5.22863  5.15798 0.42851  0.13635  2.54201  120 DA A P     
169 O OP1   . DA A 9  ? 8.23618  5.03759  5.16279 0.23364  0.09148  2.58316  120 DA A OP1   
170 O OP2   . DA A 9  ? 7.77284  4.99758  5.13565 0.52122  0.32947  2.55170  120 DA A OP2   
171 O "O5'" . DA A 9  ? 7.73913  5.64516  5.12285 0.35362  0.14356  2.59282  120 DA A "O5'" 
172 C "C5'" . DA A 9  ? 7.94559  5.60714  5.04104 0.20540  0.33698  2.75347  120 DA A "C5'" 
173 C "C4'" . DA A 9  ? 8.25191  5.51932  5.07574 -0.06410 0.28185  2.75868  120 DA A "C4'" 
174 O "O4'" . DA A 9  ? 8.35845  5.66155  5.07843 -0.07346 0.08697  2.74497  120 DA A "O4'" 
175 C "C3'" . DA A 9  ? 8.29664  5.71726  5.07954 -0.26145 0.35384  2.82642  120 DA A "C3'" 
176 O "O3'" . DA A 9  ? 8.38560  5.58697  5.21630 -0.36204 0.41139  2.80026  120 DA A "O3'" 
177 C "C2'" . DA A 9  ? 8.38926  6.04182  4.99256 -0.25353 0.25198  2.89496  120 DA A "C2'" 
178 C "C1'" . DA A 9  ? 8.47589  5.93251  5.05299 -0.25438 0.05342  2.80921  120 DA A "C1'" 
179 N N9    . DA A 9  ? 8.34208  6.36903  5.19131 -0.22184 -0.18606 2.68358  120 DA A N9    
180 C C8    . DA A 9  ? 8.09499  6.59669  5.34559 -0.02668 -0.33355 2.53342  120 DA A C8    
181 N N7    . DA A 9  ? 8.06621  7.01080  5.48145 -0.04636 -0.54171 2.44410  120 DA A N7    
182 C C5    . DA A 9  ? 8.30703  7.05190  5.40600 -0.27160 -0.53058 2.54123  120 DA A C5    
183 C C6    . DA A 9  ? 8.39717  7.40544  5.47346 -0.40065 -0.69535 2.51427  120 DA A C6    
184 N N6    . DA A 9  ? 8.25177  7.80723  5.64473 -0.31404 -0.91236 2.37652  120 DA A N6    
185 N N1    . DA A 9  ? 8.64080  7.33057  5.35616 -0.62321 -0.62670 2.63398  120 DA A N1    
186 C C2    . DA A 9  ? 8.79213  6.93108  5.18982 -0.70875 -0.40876 2.77191  120 DA A C2    
187 N N3    . DA A 9  ? 8.73269  6.57793  5.11470 -0.60299 -0.23932 2.81192  120 DA A N3    
188 C C4    . DA A 9  ? 8.48215  6.65792  5.22829 -0.38303 -0.31250 2.68947  120 DA A C4    
189 P P     . DG A 10 ? 8.54552  5.84409  5.36940 -0.48397 0.51534  2.85030  121 DG A P     
190 O OP1   . DG A 10 ? 8.62035  5.63763  5.48787 -0.54803 0.54312  2.77727  121 DG A OP1   
191 O OP2   . DG A 10 ? 8.37523  5.99211  5.31373 -0.51695 0.56461  2.88665  121 DG A OP2   
192 O "O5'" . DG A 10 ? 8.77620  6.07300  5.30521 -0.52365 0.43973  2.86238  121 DG A "O5'" 
193 C "C5'" . DG A 10 ? 8.94508  6.19358  5.35742 -0.65476 0.47303  2.86068  121 DG A "C5'" 
194 C "C4'" . DG A 10 ? 8.95468  6.49927  5.27043 -0.68928 0.49837  2.90609  121 DG A "C4'" 
195 O "O4'" . DG A 10 ? 8.95123  6.74997  5.16640 -0.75629 0.25443  2.91500  121 DG A "O4'" 
196 C "C3'" . DG A 10 ? 8.76764  6.52068  5.21860 -0.55411 0.67041  2.94389  121 DG A "C3'" 
197 O "O3'" . DG A 10 ? 8.81515  6.66061  5.24706 -0.60084 0.79481  2.95152  121 DG A "O3'" 
198 C "C2'" . DG A 10 ? 8.66870  6.71981  5.06968 -0.55594 0.48340  2.93260  121 DG A "C2'" 
199 C "C1'" . DG A 10 ? 8.72186  7.00782  5.08375 -0.70964 0.25156  2.96396  121 DG A "C1'" 
200 N N9    . DG A 10 ? 8.45027  7.26076  5.07034 -0.63722 0.00835  2.95980  121 DG A N9    
201 C C8    . DG A 10 ? 8.16574  7.18596  5.10427 -0.41052 -0.01154 2.86202  121 DG A C8    
202 N N7    . DG A 10 ? 7.90847  7.43132  5.17353 -0.30472 -0.22033 2.71888  121 DG A N7    
203 C C5    . DG A 10 ? 8.02832  7.68738  5.18633 -0.47070 -0.34828 2.72118  121 DG A C5    
204 C C6    . DG A 10 ? 7.86289  8.01683  5.25224 -0.45470 -0.58613 2.59863  121 DG A C6    
205 O O6    . DG A 10 ? 7.56925  8.14755  5.31382 -0.28446 -0.73493 2.46055  121 DG A O6    
206 N N1    . DG A 10 ? 8.07533  8.20024  5.24339 -0.66328 -0.64601 2.64767  121 DG A N1    
207 C C2    . DG A 10 ? 8.40678  8.07878  5.17913 -0.86317 -0.49349 2.79682  121 DG A C2    
208 N N2    . DG A 10 ? 8.57288  8.29528  5.18313 -1.04898 -0.58152 2.81994  121 DG A N2    
209 N N3    . DG A 10 ? 8.56562  7.76817  5.11636 -0.88006 -0.26930 2.91425  121 DG A N3    
210 C C4    . DG A 10 ? 8.36089  7.58783  5.12379 -0.67714 -0.20952 2.86802  121 DG A C4    
211 P P     . DT A 11 ? 9.03639  6.96954  5.58727 -0.48621 0.97480  2.87401  122 DT A P     
212 O OP1   . DT A 11 ? 8.74015  6.98944  5.72353 -0.57726 0.97451  2.98715  122 DT A OP1   
213 O OP2   . DT A 11 ? 9.10348  6.76970  5.38702 -0.72787 0.73438  2.70663  122 DT A OP2   
214 O "O5'" . DT A 11 ? 9.11456  7.22213  5.36878 -0.65629 0.89625  2.88295  122 DT A "O5'" 
215 C "C5'" . DT A 11 ? 9.18590  7.39947  5.41824 -0.74144 0.92773  2.91929  122 DT A "C5'" 
216 C "C4'" . DT A 11 ? 9.24904  7.82630  5.50935 -0.89078 0.67667  2.96420  122 DT A "C4'" 
217 O "O4'" . DT A 11 ? 9.17199  7.97382  5.55033 -0.85088 0.48509  2.98769  122 DT A "O4'" 
218 C "C3'" . DT A 11 ? 9.10065  8.25353  5.47663 -0.98407 0.59758  2.99665  122 DT A "C3'" 
219 O "O3'" . DT A 11 ? 9.31028  8.46846  5.56932 -1.14267 0.50848  3.00729  122 DT A "O3'" 
220 C "C2'" . DT A 11 ? 8.81487  8.61638  5.47458 -0.91797 0.40694  3.04553  122 DT A "C2'" 
221 C "C1'" . DT A 11 ? 8.99999  8.49469  5.56755 -0.90615 0.28646  3.04268  122 DT A "C1'" 
222 N N1    . DT A 11 ? 8.72196  8.66418  5.56427 -0.75290 0.15184  3.08078  122 DT A N1    
223 C C2    . DT A 11 ? 8.66023  9.04678  5.74928 -0.71107 -0.08953 2.94974  122 DT A C2    
224 O O2    . DT A 11 ? 8.84304  9.31634  5.83506 -0.85748 -0.21290 2.94034  122 DT A O2    
225 N N3    . DT A 11 ? 8.37573  9.10223  5.83629 -0.48786 -0.18147 2.82108  122 DT A N3    
226 C C4    . DT A 11 ? 8.14908  8.82354  5.75473 -0.30889 -0.05933 2.81462  122 DT A C4    
227 O O4    . DT A 11 ? 7.89725  8.89895  5.84293 -0.11473 -0.15670 2.69123  122 DT A O4    
228 C C5    . DT A 11 ? 8.22620  8.43508  5.55549 -0.36621 0.19149  2.96196  122 DT A C5    
229 C C7    . DT A 11 ? 7.99125  8.10571  5.44549 -0.18550 0.34212  2.96716  122 DT A C7    
230 C C6    . DT A 11 ? 8.50742  8.37040  5.48118 -0.57856 0.28339  3.07050  122 DT A C6    
231 P P     . DG A 12 ? 9.23124  8.69932  5.51303 -1.24365 0.54069  3.01885  123 DG A P     
232 O OP1   . DG A 12 ? 9.51066  8.65542  5.59737 -1.37165 0.54732  3.00835  123 DG A OP1   
233 O OP2   . DG A 12 ? 9.14404  8.61614  5.50246 -1.13354 0.73139  2.99950  123 DG A OP2   
234 O "O5'" . DG A 12 ? 8.94865  9.19743  5.45347 -1.29694 0.30603  3.06323  123 DG A "O5'" 
235 C "C5'" . DG A 12 ? 8.92938  9.56785  5.47342 -1.41797 0.25109  3.07577  123 DG A "C5'" 
236 C "C4'" . DG A 12 ? 8.72618  9.98935  5.42224 -1.46661 -0.00732 3.09952  123 DG A "C4'" 
237 O "O4'" . DG A 12 ? 8.67753  9.84976  5.37952 -1.39297 -0.13683 3.10157  123 DG A "O4'" 
238 C "C3'" . DG A 12 ? 8.34034  10.41302 5.37418 -1.36937 -0.05802 3.11325  123 DG A "C3'" 
239 O "O3'" . DG A 12 ? 8.36950  10.71452 5.41045 -1.49358 -0.05618 3.11054  123 DG A "O3'" 
240 C "C2'" . DG A 12 ? 8.11409  10.60322 5.37583 -1.27711 -0.30868 3.03323  123 DG A "C2'" 
241 C "C1'" . DG A 12 ? 8.30616  10.16937 5.38339 -1.25087 -0.31368 3.02420  123 DG A "C1'" 
242 N N9    . DG A 12 ? 8.09439  9.95620  5.38608 -1.02892 -0.25834 2.97922  123 DG A N9    
243 C C8    . DG A 12 ? 8.20359  9.60024  5.33275 -0.98619 -0.05223 3.07106  123 DG A C8    
244 N N7    . DG A 12 ? 7.95811  9.48185  5.35270 -0.77189 -0.05240 2.99635  123 DG A N7    
245 C C5    . DG A 12 ? 7.66977  9.77394  5.42360 -0.66586 -0.27334 2.84606  123 DG A C5    
246 C C6    . DG A 12 ? 7.32689  9.80892  5.47473 -0.43407 -0.37455 2.71171  123 DG A C6    
247 O O6    . DG A 12 ? 7.20939  9.57809  5.46766 -0.27297 -0.28474 2.69806  123 DG A O6    
248 N N1    . DG A 12 ? 7.11413  10.15423 5.54095 -0.39825 -0.60271 2.58302  123 DG A N1    
249 C C2    . DG A 12 ? 7.21856  10.43301 5.55611 -0.56519 -0.71796 2.58329  123 DG A C2    
250 N N2    . DG A 12 ? 7.00389  10.77315 5.64821 -0.49897 -0.93834 2.44723  123 DG A N2    
251 N N3    . DG A 12 ? 7.53884  10.40451 5.50986 -0.78363 -0.62491 2.70653  123 DG A N3    
252 C C4    . DG A 12 ? 7.74846  10.06868 5.44477 -0.82075 -0.40309 2.83356  123 DG A C4    
253 P P     . DC A 13 ? 8.02871  10.86209 5.31835 -1.41528 0.05460  3.11054  124 DC A P     
254 O OP1   . DC A 13 ? 8.13655  10.91701 5.30470 -1.57747 0.09862  3.10618  124 DC A OP1   
255 O OP2   . DC A 13 ? 7.90506  10.48189 5.25231 -1.25479 0.23671  3.10656  124 DC A OP2   
256 O "O5'" . DC A 13 ? 7.74558  11.47252 5.36995 -1.31685 -0.14809 3.09984  124 DC A "O5'" 
257 C "C5'" . DC A 13 ? 7.80261  11.75085 5.47553 -1.37975 -0.38595 3.01663  124 DC A "C5'" 
258 C "C4'" . DC A 13 ? 7.53522  12.07182 5.67152 -1.16295 -0.56443 2.85409  124 DC A "C4'" 
259 O "O4'" . DC A 13 ? 7.59181  11.80764 5.76498 -1.02894 -0.60578 2.79296  124 DC A "O4'" 
260 C "C3'" . DC A 13 ? 7.18576  12.25351 5.65067 -0.99317 -0.48083 2.84248  124 DC A "C3'" 
261 O "O3'" . DC A 13 ? 7.06779  12.65666 5.64281 -1.06675 -0.50793 2.84200  124 DC A "O3'" 
262 C "C2'" . DC A 13 ? 7.00256  12.39014 5.84524 -0.76928 -0.64389 2.68553  124 DC A "C2'" 
263 C "C1'" . DC A 13 ? 7.26555  11.99471 5.87066 -0.79108 -0.66974 2.68171  124 DC A "C1'" 
264 N N1    . DC A 13 ? 7.18687  11.56526 5.77895 -0.64986 -0.51530 2.71674  124 DC A N1    
265 C C2    . DC A 13 ? 6.92634  11.59336 5.87634 -0.41641 -0.59398 2.59659  124 DC A C2    
266 O O2    . DC A 13 ? 6.77778  11.98235 6.04588 -0.33185 -0.79129 2.46486  124 DC A O2    
267 N N3    . DC A 13 ? 6.84109  11.19352 5.78042 -0.29003 -0.45178 2.62635  124 DC A N3    
268 C C4    . DC A 13 ? 7.01512  10.78871 5.60383 -0.38827 -0.24088 2.76979  124 DC A C4    
269 N N4    . DC A 13 ? 6.92088  10.40437 5.51398 -0.25759 -0.10672 2.79205  124 DC A N4    
270 C C5    . DC A 13 ? 7.29040  10.76095 5.51046 -0.62494 -0.15759 2.89523  124 DC A C5    
271 C C6    . DC A 13 ? 7.36281  11.15049 5.59891 -0.74851 -0.29854 2.86341  124 DC A C6    
272 P P     . DA A 14 ? 6.23084  12.22950 5.10354 -0.99625 -0.75119 2.60675  125 DA A P     
273 O OP1   . DA A 14 ? 6.45011  12.31946 5.27422 -1.04005 -0.94803 2.54991  125 DA A OP1   
274 O OP2   . DA A 14 ? 6.24638  12.22502 5.03771 -1.08549 -0.69775 2.55917  125 DA A OP2   
275 O "O5'" . DA A 14 ? 5.84281  12.43321 5.19009 -0.74566 -0.79804 2.50582  125 DA A "O5'" 
276 C "C5'" . DA A 14 ? 5.69408  12.62809 5.35777 -0.60525 -1.01721 2.35939  125 DA A "C5'" 
277 C "C4'" . DA A 14 ? 5.19780  12.63283 5.27598 -0.37541 -1.00959 2.28118  125 DA A "C4'" 
278 O "O4'" . DA A 14 ? 5.14357  12.48131 5.23515 -0.25437 -0.90441 2.37592  125 DA A "O4'" 
279 C "C3'" . DA A 14 ? 5.01062  12.57284 5.14192 -0.36898 -0.85845 2.29123  125 DA A "C3'" 
280 O "O3'" . DA A 14 ? 4.63649  12.64558 5.18898 -0.21293 -0.95325 2.11151  125 DA A "O3'" 
281 C "C2'" . DA A 14 ? 5.08278  12.48794 5.09496 -0.32167 -0.62599 2.46688  125 DA A "C2'" 
282 C "C1'" . DA A 14 ? 5.00739  12.44614 5.15379 -0.17703 -0.70179 2.45715  125 DA A "C1'" 
283 N N9    . DA A 14 ? 5.24027  11.99746 5.10142 -0.18239 -0.51514 2.55860  125 DA A N9    
284 C C8    . DA A 14 ? 5.62900  11.76563 5.04816 -0.37422 -0.37610 2.69652  125 DA A C8    
285 N N7    . DA A 14 ? 5.76512  11.36956 5.00974 -0.32974 -0.22382 2.76241  125 DA A N7    
286 C C5    . DA A 14 ? 5.44285  11.33909 5.04032 -0.09180 -0.26360 2.66014  125 DA A C5    
287 C C6    . DA A 14 ? 5.39484  11.00192 5.02572 0.06175  -0.15689 2.66140  125 DA A C6    
288 N N6    . DA A 14 ? 5.68474  10.61669 4.97359 -0.00563 0.01755  2.77487  125 DA A N6    
289 N N1    . DA A 14 ? 5.03563  11.07870 5.06834 0.28765  -0.23643 2.53932  125 DA A N1    
290 C C2    . DA A 14 ? 4.74600  11.46533 5.12074 0.35448  -0.41135 2.42572  125 DA A C2    
291 N N3    . DA A 14 ? 4.75586  11.80629 5.13908 0.22663  -0.52583 2.41232  125 DA A N3    
292 C C4    . DA A 14 ? 5.11683  11.72188 5.09666 0.00220  -0.44229 2.53422  125 DA A C4    
293 P P     . DC A 15 ? 4.75935  12.91352 5.41353 -0.23907 -0.89055 2.04446  126 DC A P     
294 O OP1   . DC A 15 ? 4.82343  12.88114 5.59995 -0.26578 -1.02201 1.82694  126 DC A OP1   
295 O OP2   . DC A 15 ? 4.86482  12.71506 5.14239 -0.39506 -0.69936 2.22414  126 DC A OP2   
296 O "O5'" . DC A 15 ? 4.48271  12.77922 5.43840 -0.03704 -0.75989 1.94880  126 DC A "O5'" 
297 C "C5'" . DC A 15 ? 4.50204  12.72243 5.60685 0.12091  -0.76790 1.85071  126 DC A "C5'" 
298 C "C4'" . DC A 15 ? 4.23622  12.55906 5.39299 0.25075  -0.59828 1.94703  126 DC A "C4'" 
299 O "O4'" . DC A 15 ? 4.30305  12.64584 5.29274 0.23636  -0.56758 2.18178  126 DC A "O4'" 
300 C "C3'" . DC A 15 ? 3.95867  12.43493 5.09427 0.22618  -0.45545 2.04349  126 DC A "C3'" 
301 O "O3'" . DC A 15 ? 3.83664  12.22341 5.12771 0.31074  -0.43484 1.83070  126 DC A "O3'" 
302 C "C2'" . DC A 15 ? 3.93166  12.49432 5.02327 0.31610  -0.30434 2.24726  126 DC A "C2'" 
303 C "C1'" . DC A 15 ? 4.05970  12.51455 5.06905 0.33341  -0.38962 2.31971  126 DC A "C1'" 
304 N N1    . DC A 15 ? 4.41161  12.44879 5.01550 0.21127  -0.23623 2.55925  126 DC A N1    
305 C C2    . DC A 15 ? 4.43995  12.12831 4.99202 0.32679  -0.09797 2.60893  126 DC A C2    
306 O O2    . DC A 15 ? 4.13834  12.12730 5.01758 0.54065  -0.12571 2.51917  126 DC A O2    
307 N N3    . DC A 15 ? 4.79762  11.78047 4.93828 0.19943  0.06261  2.73736  126 DC A N3    
308 C C4    . DC A 15 ? 5.11580  11.79896 4.91336 -0.03250 0.08711  2.83000  126 DC A C4    
309 N N4    . DC A 15 ? 5.46284  11.44953 4.86056 -0.15177 0.24782  2.95538  126 DC A N4    
310 C C5    . DC A 15 ? 5.09210  12.17814 4.94285 -0.15267 -0.05175 2.79641  126 DC A C5    
311 C C6    . DC A 15 ? 4.73719  12.40611 4.98409 -0.02312 -0.20811 2.63390  126 DC A C6    
312 P P     . DC B 1  ? 9.13721  6.01499  7.49721 -0.10783 -3.91295 -1.15027 131 DC B P     
313 O OP1   . DC B 1  ? 9.11987  6.04484  7.61914 0.05790  -4.12144 -1.12229 131 DC B OP1   
314 O OP2   . DC B 1  ? 9.21069  6.01573  7.52532 -0.30477 -4.07026 -1.13062 131 DC B OP2   
315 O "O5'" . DC B 1  ? 9.10238  6.08061  7.57265 -0.16271 -3.54012 -1.05731 131 DC B "O5'" 
316 C "C5'" . DC B 1  ? 9.04469  6.10444  7.60607 -0.00443 -3.36147 -1.03679 131 DC B "C5'" 
317 C "C4'" . DC B 1  ? 9.01942  6.12226  7.56644 -0.06269 -2.97362 -1.01873 131 DC B "C4'" 
318 O "O4'" . DC B 1  ? 8.97388  6.06442  7.41079 0.09621  -2.79936 -1.10503 131 DC B "O4'" 
319 C "C3'" . DC B 1  ? 9.04963  6.09138  7.44751 -0.24842 -2.85716 -1.05692 131 DC B "C3'" 
320 O "O3'" . DC B 1  ? 9.04101  6.16086  7.52429 -0.34805 -2.54994 -0.98390 131 DC B "O3'" 
321 C "C2'" . DC B 1  ? 9.02746  5.98097  7.18446 -0.15819 -2.79280 -1.20730 131 DC B "C2'" 
322 C "C1'" . DC B 1  ? 8.97620  5.98922  7.19176 0.03210  -2.64520 -1.20763 131 DC B "C1'" 
323 N N1    . DC B 1  ? 8.95295  5.91048  6.99503 0.19058  -2.71246 -1.33727 131 DC B N1    
324 C C2    . DC B 1  ? 8.91513  5.90045  6.92390 0.32511  -2.49027 -1.36598 131 DC B C2    
325 O O2    . DC B 1  ? 8.90350  5.94935  7.02958 0.31562  -2.24734 -1.28614 131 DC B O2    
326 N N3    . DC B 1  ? 8.89734  5.84624  6.74640 0.46070  -2.55087 -1.48138 131 DC B N3    
327 C C4    . DC B 1  ? 8.91217  5.80500  6.64399 0.47121  -2.82027 -1.57256 131 DC B C4    
328 N N4    . DC B 1  ? 8.89290  5.76964  6.47110 0.60673  -2.86845 -1.69002 131 DC B N4    
329 C C5    . DC B 1  ? 8.95325  5.80661  6.71904 0.34132  -3.05556 -1.54856 131 DC B C5    
330 C C6    . DC B 1  ? 8.97422  5.85891  6.89295 0.20118  -2.99267 -1.42696 131 DC B C6    
331 P P     . DA B 2  ? 9.08373  6.19360  7.52100 -0.58809 -2.45754 -0.95602 132 DA B P     
332 O OP1   . DA B 2  ? 9.06698  6.29637  7.65306 -0.64455 -2.16566 -0.86809 132 DA B OP1   
333 O OP2   . DA B 2  ? 9.14234  6.21299  7.60293 -0.70060 -2.78044 -0.91810 132 DA B OP2   
334 O "O5'" . DA B 2  ? 9.07849  6.07689  7.24512 -0.60279 -2.33116 -1.09631 132 DA B "O5'" 
335 C "C5'" . DA B 2  ? 9.04919  6.06563  7.14945 -0.60893 -1.97454 -1.12826 132 DA B "C5'" 
336 C "C4'" . DA B 2  ? 9.00061  6.06317  7.16107 -0.41417 -1.82548 -1.13329 132 DA B "C4'" 
337 O "O4'" . DA B 2  ? 8.98440  5.97901  7.02957 -0.25236 -2.00555 -1.22613 132 DA B "O4'" 
338 C "C3'" . DA B 2  ? 8.97777  6.04514  7.06125 -0.40440 -1.45852 -1.17233 132 DA B "C3'" 
339 O "O3'" . DA B 2  ? 8.95628  6.12370  7.22675 -0.32054 -1.29042 -1.09144 132 DA B "O3'" 
340 C "C2'" . DA B 2  ? 8.95910  5.93069  6.82656 -0.27488 -1.47201 -1.30451 132 DA B "C2'" 
341 C "C1'" . DA B 2  ? 8.95199  5.92943  6.88806 -0.13772 -1.77489 -1.29760 132 DA B "C1'" 
342 N N9    . DA B 2  ? 8.94523  5.83949  6.68640 -0.03818 -1.93123 -1.42419 132 DA B N9    
343 C C8    . DA B 2  ? 8.96929  5.79972  6.62164 -0.07010 -2.22408 -1.48195 132 DA B C8    
344 N N7    . DA B 2  ? 8.95568  5.73505  6.44131 0.04539  -2.31235 -1.60228 132 DA B N7    
345 C C5    . DA B 2  ? 8.92220  5.73228  6.38312 0.15737  -2.06356 -1.61816 132 DA B C5    
346 C C6    . DA B 2  ? 8.89896  5.69029  6.20699 0.30022  -2.01468 -1.72213 132 DA B C6    
347 N N6    . DA B 2  ? 8.89993  5.64707  6.05101 0.35938  -2.22281 -1.84014 132 DA B N6    
348 N N1    . DA B 2  ? 8.88001  5.70351  6.20180 0.37849  -1.74921 -1.70205 132 DA B N1    
349 C C2    . DA B 2  ? 8.88220  5.75379  6.36563 0.32320  -1.54618 -1.59141 132 DA B C2    
350 N N3    . DA B 2  ? 8.89760  5.80501  6.53970 0.19374  -1.56441 -1.49227 132 DA B N3    
351 C C4    . DA B 2  ? 8.91771  5.79144  6.53638 0.11146  -1.83001 -1.50892 132 DA B C4    
352 P P     . DC B 3  ? 9.06292  6.31511  7.43324 -0.42739 -0.96749 -1.03055 133 DC B P     
353 O OP1   . DC B 3  ? 9.04840  6.41269  7.65330 -0.33225 -0.91618 -0.93447 133 DC B OP1   
354 O OP2   . DC B 3  ? 9.09499  6.35700  7.45053 -0.64173 -0.99641 -1.00460 133 DC B OP2   
355 O "O5'" . DC B 3  ? 9.05017  6.23052  7.23206 -0.37683 -0.68894 -1.13149 133 DC B "O5'" 
356 C "C5'" . DC B 3  ? 9.02909  6.17674  7.16384 -0.18622 -0.63725 -1.17661 133 DC B "C5'" 
357 C "C4'" . DC B 3  ? 9.02801  6.07395  6.91470 -0.17311 -0.47572 -1.29598 133 DC B "C4'" 
358 O "O4'" . DC B 3  ? 9.02258  5.98629  6.74098 -0.11202 -0.70543 -1.38651 133 DC B "O4'" 
359 C "C3'" . DC B 3  ? 9.04477  6.06317  6.82482 -0.35376 -0.30499 -1.32893 133 DC B "C3'" 
360 O "O3'" . DC B 3  ? 9.04613  6.07395  6.81603 -0.34160 0.02382  -1.33758 133 DC B "O3'" 
361 C "C2'" . DC B 3  ? 9.04743  5.95122  6.57606 -0.37176 -0.43346 -1.44921 133 DC B "C2'" 
362 C "C1'" . DC B 3  ? 9.02901  5.90746  6.51930 -0.18007 -0.58852 -1.49082 133 DC B "C1'" 
363 N N1    . DC B 3  ? 9.03056  5.83508  6.35816 -0.16827 -0.85904 -1.58330 133 DC B N1    
364 C C2    . DC B 3  ? 9.01712  5.76687  6.16722 -0.04111 -0.87337 -1.69083 133 DC B C2    
365 O O2    . DC B 3  ? 9.00819  5.76331  6.13347 0.05480  -0.66584 -1.70145 133 DC B O2    
366 N N3    . DC B 3  ? 9.01934  5.71436  6.02763 -0.02741 -1.11933 -1.78281 133 DC B N3    
367 C C4    . DC B 3  ? 9.03981  5.71889  6.07817 -0.13387 -1.34780 -1.76679 133 DC B C4    
368 N N4    . DC B 3  ? 9.04731  5.66865  5.94554 -0.11032 -1.59355 -1.86522 133 DC B N4    
369 C C5    . DC B 3  ? 9.05893  5.78411  6.27104 -0.27082 -1.33805 -1.65080 133 DC B C5    
370 C C6    . DC B 3  ? 9.05072  5.84460  6.40159 -0.28432 -1.08785 -1.56450 133 DC B C6    
371 P P     . DA B 4  ? 8.95845  5.96600  6.62430 -0.50936 0.26157  -1.37490 134 DA B P     
372 O OP1   . DA B 4  ? 8.96429  6.05815  6.78803 -0.51455 0.52723  -1.31118 134 DA B OP1   
373 O OP2   . DA B 4  ? 8.97180  5.97557  6.60919 -0.67481 0.08702  -1.36781 134 DA B OP2   
374 O "O5'" . DA B 4  ? 8.95660  5.84224  6.35690 -0.45116 0.36460  -1.50375 134 DA B "O5'" 
375 C "C5'" . DA B 4  ? 8.95239  5.81111  6.31934 -0.28502 0.48120  -1.53024 134 DA B "C5'" 
376 C "C4'" . DA B 4  ? 8.95286  5.70191  6.05220 -0.24768 0.51712  -1.65587 134 DA B "C4'" 
377 O "O4'" . DA B 4  ? 8.94232  5.64992  5.93003 -0.25594 0.23238  -1.71413 134 DA B "O4'" 
378 C "C3'" . DA B 4  ? 8.96740  5.66257  5.91271 -0.37044 0.75843  -1.72057 134 DA B "C3'" 
379 O "O3'" . DA B 4  ? 8.97645  5.60323  5.76570 -0.27635 0.93060  -1.79350 134 DA B "O3'" 
380 C "C2'" . DA B 4  ? 8.96360  5.60672  5.75913 -0.47707 0.56588  -1.78857 134 DA B "C2'" 
381 C "C1'" . DA B 4  ? 8.94861  5.57425  5.70775 -0.33666 0.30482  -1.82007 134 DA B "C1'" 
382 N N9    . DA B 4  ? 8.94692  5.53780  5.61987 -0.39202 0.02609  -1.86890 134 DA B N9    
383 C C8    . DA B 4  ? 8.95730  5.57382  5.72647 -0.50998 -0.15368 -1.81420 134 DA B C8    
384 N N7    . DA B 4  ? 8.96273  5.52442  5.61426 -0.52778 -0.40531 -1.88249 134 DA B N7    
385 C C5    . DA B 4  ? 8.94913  5.45893  5.41922 -0.41061 -0.38462 -1.99252 134 DA B C5    
386 C C6    . DA B 4  ? 8.94686  5.39787  5.23336 -0.36276 -0.57995 -2.11056 134 DA B C6    
387 N N6    . DA B 4  ? 8.96278  5.38228  5.21892 -0.42687 -0.85217 -2.13818 134 DA B N6    
388 N N1    . DA B 4  ? 8.93297  5.36173  5.06752 -0.24635 -0.48799 -2.20114 134 DA B N1    
389 C C2    . DA B 4  ? 8.92833  5.37752  5.09145 -0.18694 -0.22249 -2.16907 134 DA B C2    
390 N N3    . DA B 4  ? 8.93364  5.42547  5.26244 -0.21841 -0.02666 -2.06364 134 DA B N3    
391 C C4    . DA B 4  ? 8.94070  5.46770  5.42044 -0.33048 -0.12007 -1.98107 134 DA B C4    
392 P P     . DC B 5  ? 9.03881  5.67260  5.88886 -0.23904 1.25460  -1.76243 135 DC B P     
393 O OP1   . DC B 5  ? 9.05109  5.62322  5.77668 -0.09042 1.30103  -1.81374 135 DC B OP1   
394 O OP2   . DC B 5  ? 9.03976  5.77812  6.15769 -0.24239 1.27515  -1.64584 135 DC B OP2   
395 O "O5'" . DC B 5  ? 9.05281  5.64333  5.77244 -0.39337 1.47602  -1.82028 135 DC B "O5'" 
396 C "C5'" . DC B 5  ? 9.04733  5.68516  5.83037 -0.56106 1.45378  -1.79107 135 DC B "C5'" 
397 C "C4'" . DC B 5  ? 9.06783  5.73512  5.90366 -0.65250 1.74988  -1.77317 135 DC B "C4'" 
398 O "O4'" . DC B 5  ? 9.06414  5.84901  6.11710 -0.74805 1.72089  -1.67808 135 DC B "O4'" 
399 C "C3'" . DC B 5  ? 9.09283  5.75179  5.97761 -0.53796 1.98296  -1.76023 135 DC B "C3'" 
400 O "O3'" . DC B 5  ? 9.11545  5.74548  5.92160 -0.62680 2.25145  -1.80355 135 DC B "O3'" 
401 C "C2'" . DC B 5  ? 9.09070  5.87010  6.25605 -0.50258 1.95286  -1.64545 135 DC B "C2'" 
402 C "C1'" . DC B 5  ? 9.07686  5.93682  6.32252 -0.67635 1.88076  -1.60846 135 DC B "C1'" 
403 N N1    . DC B 5  ? 9.06253  6.03974  6.54427 -0.67041 1.69730  -1.50289 135 DC B N1    
404 C C2    . DC B 5  ? 9.06784  6.17273  6.74016 -0.77680 1.78836  -1.42978 135 DC B C2    
405 O O2    . DC B 5  ? 9.08341  6.20449  6.73073 -0.86871 2.02068  -1.45512 135 DC B O2    
406 N N3    . DC B 5  ? 9.05691  6.27189  6.93771 -0.77616 1.61898  -1.33471 135 DC B N3    
407 C C4    . DC B 5  ? 9.04130  6.23423  6.94402 -0.67350 1.36734  -1.31223 135 DC B C4    
408 N N4    . DC B 5  ? 9.03315  6.33577  7.14477 -0.67859 1.20644  -1.21681 135 DC B N4    
409 C C5    . DC B 5  ? 9.03455  6.10042  6.74712 -0.56123 1.26994  -1.38871 135 DC B C5    
410 C C6    . DC B 5  ? 9.04542  6.01129  6.55204 -0.56603 1.44003  -1.48192 135 DC B C6    
411 P P     . DC B 6  ? 9.11970  5.69889  5.90050 -0.53489 2.52865  -1.82309 136 DC B P     
412 O OP1   . DC B 6  ? 9.13176  5.58917  5.64402 -0.54094 2.60568  -1.93044 136 DC B OP1   
413 O OP2   . DC B 6  ? 9.13127  5.74185  6.06677 -0.37567 2.48548  -1.75471 136 DC B OP2   
414 O "O5'" . DC B 6  ? 9.13561  5.78965  6.04061 -0.65375 2.75618  -1.79378 136 DC B "O5'" 
415 C "C5'" . DC B 6  ? 9.11282  5.89064  6.19038 -0.76336 2.66544  -1.72574 136 DC B "C5'" 
416 C "C4'" . DC B 6  ? 9.12720  6.02037  6.46480 -0.71356 2.76371  -1.63894 136 DC B "C4'" 
417 O "O4'" . DC B 6  ? 9.10009  6.09584  6.62132 -0.70172 2.53233  -1.55167 136 DC B "O4'" 
418 C "C3'" . DC B 6  ? 9.16225  6.00415  6.53013 -0.54041 2.88215  -1.63478 136 DC B "C3'" 
419 O "O3'" . DC B 6  ? 9.19273  6.10825  6.71849 -0.54871 3.10631  -1.60516 136 DC B "O3'" 
420 C "C2'" . DC B 6  ? 9.14158  6.02863  6.64332 -0.42706 2.64500  -1.56359 136 DC B "C2'" 
421 C "C1'" . DC B 6  ? 9.11477  6.14466  6.79646 -0.55026 2.55671  -1.49619 136 DC B "C1'" 
422 N N1    . DC B 6  ? 9.08691  6.18626  6.91459 -0.49584 2.28961  -1.41950 136 DC B N1    
423 C C2    . DC B 6  ? 9.07613  6.32896  7.13699 -0.56191 2.24450  -1.33291 136 DC B C2    
424 O O2    . DC B 6  ? 9.08791  6.42571  7.23028 -0.66596 2.42404  -1.32346 136 DC B O2    
425 N N3    . DC B 6  ? 9.05423  6.36589  7.24634 -0.51173 2.00262  -1.26291 136 DC B N3    
426 C C4    . DC B 6  ? 9.04206  6.26831  7.14538 -0.39637 1.81225  -1.27925 136 DC B C4    
427 N N4    . DC B 6  ? 9.02176  6.31131  7.26425 -0.35067 1.57401  -1.20953 136 DC B N4    
428 C C5    . DC B 6  ? 9.05147  6.13181  6.91925 -0.32628 1.85555  -1.36951 136 DC B C5    
429 C C6    . DC B 6  ? 9.07470  6.09606  6.81287 -0.37958 2.09659  -1.43483 136 DC B C6    
430 P P     . DG B 7  ? 9.25269  6.08278  6.74390 -0.43419 3.34582  -1.63692 137 DG B P     
431 O OP1   . DG B 7  ? 9.27137  6.01165  6.55764 -0.52511 3.52676  -1.72680 137 DG B OP1   
432 O OP2   . DG B 7  ? 9.26528  6.02070  6.72739 -0.26570 3.22511  -1.62076 137 DG B OP2   
433 O "O5'" . DG B 7  ? 9.27467  6.24277  7.03716 -0.42673 3.48694  -1.57288 137 DG B "O5'" 
434 C "C5'" . DG B 7  ? 9.24801  6.36570  7.14489 -0.57397 3.50640  -1.54376 137 DG B "C5'" 
435 C "C4'" . DG B 7  ? 9.24623  6.52405  7.43499 -0.52690 3.47428  -1.45378 137 DG B "C4'" 
436 O "O4'" . DG B 7  ? 9.20575  6.52342  7.46463 -0.49290 3.19638  -1.38956 137 DG B "O4'" 
437 C "C3'" . DG B 7  ? 9.29849  6.56035  7.60640 -0.36536 3.60567  -1.43660 137 DG B "C3'" 
438 O "O3'" . DG B 7  ? 9.30373  6.74309  7.87171 -0.38694 3.68615  -1.38478 137 DG B "O3'" 
439 C "C2'" . DG B 7  ? 9.28716  6.49074  7.59534 -0.22322 3.38613  -1.39399 137 DG B "C2'" 
440 C "C1'" . DG B 7  ? 9.22500  6.53156  7.59893 -0.31692 3.14832  -1.34411 137 DG B "C1'" 
441 N N9    . DG B 7  ? 9.19673  6.42408  7.46830 -0.24904 2.89896  -1.33665 137 DG B N9    
442 C C8    . DG B 7  ? 9.19394  6.27375  7.21376 -0.23485 2.84514  -1.40589 137 DG B C8    
443 N N7    . DG B 7  ? 9.16526  6.21850  7.15133 -0.17107 2.60034  -1.38762 137 DG B N7    
444 C C5    . DG B 7  ? 9.14810  6.33227  7.37783 -0.14406 2.48296  -1.29671 137 DG B C5    
445 C C6    . DG B 7  ? 9.11747  6.33716  7.43122 -0.07585 2.21761  -1.24061 137 DG B C6    
446 O O6    . DG B 7  ? 9.09882  6.24180  7.28415 -0.02210 2.02792  -1.26495 137 DG B O6    
447 N N1    . DG B 7  ? 9.11016  6.47765  7.68709 -0.07268 2.18132  -1.15199 137 DG B N1    
448 C C2    . DG B 7  ? 9.12935  6.60705  7.86917 -0.12715 2.37799  -1.12551 137 DG B C2    
449 N N2    . DG B 7  ? 9.11842  6.74569  8.10789 -0.11545 2.30681  -1.04081 137 DG B N2    
450 N N3    . DG B 7  ? 9.15827  6.60820  7.82340 -0.18813 2.62651  -1.18179 137 DG B N3    
451 C C4    . DG B 7  ? 9.16638  6.46273  7.57421 -0.19349 2.66430  -1.26395 137 DG B C4    
452 P P     . DT B 8  ? 9.32736  6.82447  8.08481 -0.22524 3.79415  -1.35355 138 DT B P     
453 O OP1   . DT B 8  ? 9.21071  7.01677  8.21642 -0.27148 3.79420  -1.29882 138 DT B OP1   
454 O OP2   . DT B 8  ? 9.31284  6.70524  7.92013 -0.12564 3.89262  -1.40584 138 DT B OP2   
455 O "O5'" . DT B 8  ? 9.34548  6.81318  8.19727 -0.09480 3.59526  -1.28571 138 DT B "O5'" 
456 C "C5'" . DT B 8  ? 9.33825  6.97088  8.46466 -0.05124 3.54261  -1.20969 138 DT B "C5'" 
457 C "C4'" . DT B 8  ? 9.34584  6.92468  8.52677 0.12078  3.38151  -1.15772 138 DT B "C4'" 
458 O "O4'" . DT B 8  ? 9.29552  6.81628  8.34775 0.10352  3.14085  -1.14550 138 DT B "O4'" 
459 C "C3'" . DT B 8  ? 9.41453  6.82108  8.48410 0.27009  3.48957  -1.19367 138 DT B "C3'" 
460 O "O3'" . DT B 8  ? 9.43717  6.93375  8.70403 0.36841  3.60400  -1.17082 138 DT B "O3'" 
461 C "C2'" . DT B 8  ? 9.39564  6.72051  8.40075 0.38241  3.25686  -1.15804 138 DT B "C2'" 
462 C "C1'" . DT B 8  ? 9.31530  6.73561  8.33879 0.27131  3.03613  -1.12559 138 DT B "C1'" 
463 N N1    . DT B 8  ? 9.28469  6.58160  8.07453 0.26325  2.86919  -1.16026 138 DT B N1    
464 C C2    . DT B 8  ? 9.23810  6.56879  8.06796 0.29372  2.60419  -1.11208 138 DT B C2    
465 O O2    . DT B 8  ? 9.21990  6.67303  8.26547 0.32386  2.49800  -1.03769 138 DT B O2    
466 N N3    . DT B 8  ? 9.21554  6.43485  7.82545 0.29128  2.46406  -1.15742 138 DT B N3    
467 C C4    . DT B 8  ? 9.23224  6.31776  7.58894 0.25693  2.56226  -1.24388 138 DT B C4    
468 O O4    . DT B 8  ? 9.20915  6.21352  7.38308 0.25975  2.41808  -1.28517 138 DT B O4    
469 C C5    . DT B 8  ? 9.28127  6.33329  7.60645 0.22217  2.84385  -1.28594 138 DT B C5    
470 C C7    . DT B 8  ? 9.30539  6.21540  7.36498 0.18174  2.97295  -1.37844 138 DT B C7    
471 C C6    . DT B 8  ? 9.30570  6.46184  7.84713 0.22834  2.98049  -1.24338 138 DT B C6    
472 P P     . DG C 1  ? 4.20089  10.46844 4.32799 -2.33909 0.04948  1.26975  196 DG D P     
473 O OP1   . DG C 1  ? 4.21836  10.58979 4.12207 -2.43666 -0.02616 1.11890  196 DG D OP1   
474 O OP2   . DG C 1  ? 4.08277  10.55577 4.35410 -2.33405 -0.06233 1.21384  196 DG D OP2   
475 O "O5'" . DG C 1  ? 4.47149  10.35391 4.53112 -2.34586 0.22477  1.47562  196 DG D "O5'" 
476 C "C5'" . DG C 1  ? 4.70517  10.35074 4.50332 -2.43161 0.28582  1.48844  196 DG D "C5'" 
477 C "C4'" . DG C 1  ? 4.87163  10.50220 4.54099 -2.57751 0.22557  1.54603  196 DG D "C4'" 
478 O "O4'" . DG C 1  ? 4.65878  10.81048 4.41930 -2.70210 -0.01062 1.40187  196 DG D "O4'" 
479 C "C3'" . DG C 1  ? 5.14776  10.49547 4.47578 -2.69322 0.25878  1.52632  196 DG D "C3'" 
480 O "O3'" . DG C 1  ? 5.47042  10.37597 4.62290 -2.71015 0.35553  1.69078  196 DG D "O3'" 
481 C "C2'" . DG C 1  ? 4.96284  10.85455 4.24434 -2.89736 0.00383  1.30511  196 DG D "C2'" 
482 C "C1'" . DG C 1  ? 4.77619  11.00850 4.29909 -2.89796 -0.11677 1.30615  196 DG D "C1'" 
483 N N9    . DG C 1  ? 4.58188  11.18726 4.15693 -2.91796 -0.29246 1.05773  196 DG D N9    
484 C C8    . DG C 1  ? 4.57790  11.22512 4.00653 -2.94417 -0.34334 0.83979  196 DG D C8    
485 N N7    . DG C 1  ? 4.45955  11.07910 4.13209 -2.78227 -0.42954 0.60945  196 DG D N7    
486 C C5    . DG C 1  ? 4.37674  11.03875 4.28687 -2.70569 -0.45086 0.68203  196 DG D C5    
487 C C6    . DG C 1  ? 4.26606  10.85450 4.47903 -2.53305 -0.54768 0.51232  196 DG D C6    
488 O O6    . DG C 1  ? 4.22492  10.65393 4.57465 -2.39211 -0.65035 0.27266  196 DG D O6    
489 N N1    . DG C 1  ? 4.21796  10.87410 4.58418 -2.52183 -0.52362 0.65962  196 DG D N1    
490 C C2    . DG C 1  ? 4.26996  10.99902 4.55411 -2.62278 -0.41942 0.94414  196 DG D C2    
491 N N2    . DG C 1  ? 4.21373  10.94667 4.70367 -2.56435 -0.40227 1.04571  196 DG D N2    
492 N N3    . DG C 1  ? 4.39219  11.08733 4.44012 -2.73988 -0.33258 1.11001  196 DG D N3    
493 C C4    . DG C 1  ? 4.43734  11.13737 4.28091 -2.79899 -0.36178 0.96463  196 DG D C4    
494 P P     . DA C 2  ? 5.73713  10.26947 5.02296 -2.53336 0.53754  1.90375  197 DA D P     
495 O OP1   . DA C 2  ? 5.67468  10.01317 5.10705 -2.32136 0.72439  1.93198  197 DA D OP1   
496 O OP2   . DA C 2  ? 6.14708  10.09205 5.12640 -2.54578 0.64708  2.02837  197 DA D OP2   
497 O "O5'" . DA C 2  ? 5.48135  10.53188 5.03124 -2.62274 0.34447  1.89507  197 DA D "O5'" 
498 C "C5'" . DA C 2  ? 5.65250  10.61289 5.09698 -2.74594 0.27665  1.98139  197 DA D "C5'" 
499 C "C4'" . DA C 2  ? 5.36099  10.87322 5.09794 -2.82249 0.09080  1.92253  197 DA D "C4'" 
500 O "O4'" . DA C 2  ? 5.08546  11.14766 4.90229 -2.92304 -0.10744 1.67276  197 DA D "O4'" 
501 C "C3'" . DA C 2  ? 5.51131  10.93684 5.16817 -2.96420 0.00885  1.99411  197 DA D "C3'" 
502 O "O3'" . DA C 2  ? 5.34227  10.99928 5.31646 -2.91195 -0.03050 2.04624  197 DA D "O3'" 
503 C "C2'" . DA C 2  ? 5.39206  11.22861 4.98968 -3.18855 -0.21181 1.76207  197 DA D "C2'" 
504 C "C1'" . DA C 2  ? 5.05413  11.37506 4.90006 -3.09017 -0.30266 1.55246  197 DA D "C1'" 
505 N N9    . DA C 2  ? 4.99120  11.50343 4.74115 -3.15406 -0.46132 1.26979  197 DA D N9    
506 C C8    . DA C 2  ? 5.13550  11.53658 4.58123 -3.27954 -0.42724 1.24648  197 DA D C8    
507 N N7    . DA C 2  ? 5.08598  11.53958 4.51025 -3.20919 -0.58379 0.93329  197 DA D N7    
508 C C5    . DA C 2  ? 4.93913  11.41878 4.67864 -2.98948 -0.67733 0.75370  197 DA D C5    
509 C C6    . DA C 2  ? 4.87137  11.22083 4.79089 -2.76622 -0.79732 0.43764  197 DA D C6    
510 N N6    . DA C 2  ? 4.93131  11.11325 4.75225 -2.70008 -0.85107 0.24094  197 DA D N6    
511 N N1    . DA C 2  ? 4.74929  11.09818 4.96441 -2.61068 -0.85776 0.34998  197 DA D N1    
512 C C2    . DA C 2  ? 4.69356  11.18115 5.01747 -2.66076 -0.79925 0.54384  197 DA D C2    
513 N N3    . DA C 2  ? 4.73741  11.34436 4.94750 -2.83006 -0.68267 0.84844  197 DA D N3    
514 C C4    . DA C 2  ? 4.86423  11.44743 4.78628 -2.99125 -0.62424 0.95010  197 DA D C4    
515 P P     . DG C 3  ? 5.64573  11.07250 5.61873 -2.98680 -0.06004 2.13460  198 DG D P     
516 O OP1   . DG C 3  ? 5.75913  10.81698 5.81829 -2.80009 0.12081  2.33765  198 DG D OP1   
517 O OP2   . DG C 3  ? 5.91801  10.90759 5.50428 -3.11851 -0.07216 2.12131  198 DG D OP2   
518 O "O5'" . DG C 3  ? 5.31350  11.42527 5.65520 -3.07719 -0.32263 1.90704  198 DG D "O5'" 
519 C "C5'" . DG C 3  ? 5.09864  11.58812 5.53615 -3.03084 -0.47680 1.61454  198 DG D "C5'" 
520 C "C4'" . DG C 3  ? 5.04201  11.63524 5.62327 -2.97893 -0.72346 1.29907  198 DG D "C4'" 
521 O "O4'" . DG C 3  ? 5.07391  11.61746 5.52454 -2.92394 -0.84754 1.00498  198 DG D "O4'" 
522 C "C3'" . DG C 3  ? 5.18004  11.57932 5.75558 -3.07714 -0.85508 1.30723  198 DG D "C3'" 
523 O "O3'" . DG C 3  ? 5.13167  11.58110 5.90480 -2.94645 -0.97633 1.11159  198 DG D "O3'" 
524 C "C2'" . DG C 3  ? 5.35289  11.49883 5.64602 -3.12491 -1.02811 1.10542  198 DG D "C2'" 
525 C "C1'" . DG C 3  ? 5.28345  11.58480 5.56641 -2.97906 -1.03077 0.86441  198 DG D "C1'" 
526 N N9    . DG C 3  ? 5.40968  11.56684 5.39984 -3.04098 -1.04902 0.79751  198 DG D N9    
527 C C8    . DG C 3  ? 5.55911  11.51501 5.26610 -3.22147 -0.96599 1.01213  198 DG D C8    
528 N N7    . DG C 3  ? 5.67325  11.52922 5.11005 -3.25438 -1.01673 0.87631  198 DG D N7    
529 C C5    . DG C 3  ? 5.59589  11.53092 5.19962 -3.03799 -1.09200 0.56939  198 DG D C5    
530 C C6    . DG C 3  ? 5.65777  11.48779 5.16474 -2.93681 -1.13091 0.33518  198 DG D C6    
531 O O6    . DG C 3  ? 5.81184  11.48086 5.01810 -3.02498 -1.10940 0.33396  198 DG D O6    
532 N N1    . DG C 3  ? 5.49977  11.31036 5.32197 -2.67904 -1.21103 0.08454  198 DG D N1    
533 C C2    . DG C 3  ? 5.35264  11.25678 5.47807 -2.57063 -1.23971 0.05760  198 DG D C2    
534 N N2    . DG C 3  ? 5.24887  11.03440 5.61044 -2.35141 -1.33009 -0.16827 198 DG D N2    
535 N N3    . DG C 3  ? 5.32152  11.38248 5.51005 -2.67711 -1.18756 0.25837  198 DG D N3    
536 C C4    . DG C 3  ? 5.44565  11.53941 5.37700 -2.91200 -1.11348 0.52050  198 DG D C4    
537 P P     . DT C 4  ? 4.90404  11.08481 5.68592 -2.97141 -1.15252 1.02818  199 DT D P     
538 O OP1   . DT C 4  ? 4.80740  11.12815 5.84863 -2.87304 -1.15185 0.97155  199 DT D OP1   
539 O OP2   . DT C 4  ? 5.18289  10.79290 5.68011 -3.01115 -1.00716 1.29087  199 DT D OP2   
540 O "O5'" . DT C 4  ? 5.05934  10.98510 5.65399 -2.85723 -1.36219 0.66412  199 DT D "O5'" 
541 C "C5'" . DT C 4  ? 5.18449  10.86190 5.78682 -2.76053 -1.54654 0.44028  199 DT D "C5'" 
542 C "C4'" . DT C 4  ? 5.21348  10.81418 5.84219 -2.56702 -1.65219 0.10688  199 DT D "C4'" 
543 O "O4'" . DT C 4  ? 5.13755  10.88602 5.71758 -2.56094 -1.55279 0.11114  199 DT D "O4'" 
544 C "C3'" . DT C 4  ? 5.46237  10.64617 5.85823 -2.49418 -1.84534 -0.09765 199 DT D "C3'" 
545 O "O3'" . DT C 4  ? 5.53267  10.56844 6.02255 -2.41198 -1.97484 -0.23298 199 DT D "O3'" 
546 C "C2'" . DT C 4  ? 5.43573  10.63891 5.87110 -2.35030 -1.86922 -0.30226 199 DT D "C2'" 
547 C "C1'" . DT C 4  ? 5.27106  10.78073 5.72205 -2.44837 -1.67653 -0.12474 199 DT D "C1'" 
548 N N1    . DT C 4  ? 5.43750  10.82077 5.56786 -2.56579 -1.63682 -0.02525 199 DT D N1    
549 C C2    . DT C 4  ? 5.63000  10.93246 5.66338 -2.48626 -1.66112 -0.18138 199 DT D C2    
550 O O2    . DT C 4  ? 5.48222  10.79691 5.68636 -2.32670 -1.72391 -0.37983 199 DT D O2    
551 N N3    . DT C 4  ? 6.04912  11.22364 5.76025 -2.61669 -1.61096 -0.07545 199 DT D N3    
552 C C4    . DT C 4  ? 6.32279  11.40271 5.77600 -2.82890 -1.54950 0.18460  199 DT D C4    
553 O O4    . DT C 4  ? 6.56488  11.46901 5.67731 -2.95206 -1.50780 0.27188  199 DT D O4    
554 C C5    . DT C 4  ? 6.10177  11.26370 5.69612 -2.90707 -1.53875 0.36373  199 DT D C5    
555 C C7    . DT C 4  ? 6.43220  11.18061 5.77105 -2.99990 -1.35662 0.69672  199 DT D C7    
556 C C6    . DT C 4  ? 5.65567  10.98349 5.58870 -2.76683 -1.57556 0.24321  199 DT D C6    
557 P P     . DG C 5  ? 5.47038  10.01803 5.66244 -2.37753 -2.16619 -0.36129 200 DG D P     
558 O OP1   . DG C 5  ? 5.48544  9.98584  5.83451 -2.30729 -2.25733 -0.47312 200 DG D OP1   
559 O OP2   . DG C 5  ? 5.64498  9.94501  5.47876 -2.56814 -2.14118 -0.13365 200 DG D OP2   
560 O "O5'" . DG C 5  ? 5.56328  9.95317  5.68823 -2.20249 -2.26859 -0.60772 200 DG D "O5'" 
561 C "C5'" . DG C 5  ? 5.56436  9.90952  5.88116 -2.01869 -2.39339 -0.83630 200 DG D "C5'" 
562 C "C4'" . DG C 5  ? 5.61677  9.86454  5.89450 -1.89952 -2.45642 -0.97349 200 DG D "C4'" 
563 O "O4'" . DG C 5  ? 5.48265  9.95711  5.74983 -1.98188 -2.30066 -0.85685 200 DG D "O4'" 
564 C "C3'" . DG C 5  ? 5.89974  9.73705  5.86682 -1.83140 -2.60452 -1.08408 200 DG D "C3'" 
565 O "O3'" . DG C 5  ? 6.01861  9.64927  6.04878 -1.68269 -2.78230 -1.25209 200 DG D "O3'" 
566 C "C2'" . DG C 5  ? 5.89669  9.76010  5.75637 -1.83667 -2.54731 -1.07399 200 DG D "C2'" 
567 C "C1'" . DG C 5  ? 5.62991  9.90160  5.66921 -1.94850 -2.34659 -0.92042 200 DG D "C1'" 
568 N N9    . DG C 5  ? 5.64619  9.95851  5.45057 -2.12018 -2.21129 -0.73555 200 DG D N9    
569 C C8    . DG C 5  ? 5.59730  10.01529 5.34721 -2.29537 -2.10389 -0.51299 200 DG D C8    
570 N N7    . DG C 5  ? 5.65737  10.04436 5.14835 -2.45513 -2.00103 -0.33790 200 DG D N7    
571 C C5    . DG C 5  ? 5.74448  10.01584 5.11402 -2.37226 -2.03181 -0.47832 200 DG D C5    
572 C C6    . DG C 5  ? 5.85318  10.02996 4.92284 -2.48221 -1.94866 -0.39411 200 DG D C6    
573 O O6    . DG C 5  ? 5.91380  10.05981 4.73069 -2.68855 -1.83260 -0.16147 200 DG D O6    
574 N N1    . DG C 5  ? 5.91311  9.99868  4.97212 -2.34128 -2.01501 -0.58998 200 DG D N1    
575 C C2    . DG C 5  ? 5.88675  9.94584  5.18086 -2.13144 -2.15835 -0.80920 200 DG D C2    
576 N N2    . DG C 5  ? 5.96777  9.91716  5.20622 -2.03557 -2.21477 -0.93806 200 DG D N2    
577 N N3    . DG C 5  ? 5.80713  9.91881  5.35236 -2.03997 -2.24149 -0.87520 200 DG D N3    
578 C C4    . DG C 5  ? 5.73297  9.96251  5.30621 -2.16325 -2.16549 -0.71649 200 DG D C4    
579 P P     . DC C 6  ? 6.41992  9.59095  6.15523 -1.59922 -2.96709 -1.36949 201 DC D P     
580 O OP1   . DC C 6  ? 6.50281  9.54046  6.33909 -1.50634 -3.11787 -1.46273 201 DC D OP1   
581 O OP2   . DC C 6  ? 6.50178  9.57012  6.05049 -1.69778 -2.92416 -1.29802 201 DC D OP2   
582 O "O5'" . DC C 6  ? 6.56524  9.55395  6.05292 -1.56807 -2.98967 -1.39703 201 DC D "O5'" 
583 C "C5'" . DC C 6  ? 6.53873  9.56095  6.12018 -1.50702 -3.02930 -1.43677 201 DC D "C5'" 
584 C "C4'" . DC C 6  ? 6.61713  9.56853  5.98261 -1.52195 -2.98371 -1.42830 201 DC D "C4'" 
585 O "O4'" . DC C 6  ? 6.48635  9.65398  5.79319 -1.66872 -2.78887 -1.29165 201 DC D "O4'" 
586 C "C3'" . DC C 6  ? 7.16218  9.69589  6.17853 -1.45301 -3.11440 -1.51094 201 DC D "C3'" 
587 O "O3'" . DC C 6  ? 7.29249  9.69688  6.24031 -1.39449 -3.19734 -1.55730 201 DC D "O3'" 
588 C "C2'" . DC C 6  ? 7.35181  9.88491  6.11154 -1.58259 -2.96004 -1.41058 201 DC D "C2'" 
589 C "C1'" . DC C 6  ? 6.91305  9.84054  5.86270 -1.71139 -2.77472 -1.27312 201 DC D "C1'" 
590 N N1    . DC C 6  ? 6.90267  9.87945  5.65932 -1.92961 -2.60435 -1.05908 201 DC D N1    
591 C C2    . DC C 6  ? 7.11417  9.99028  5.56528 -2.06063 -2.49464 -0.94469 201 DC D C2    
592 O O2    . DC C 6  ? 7.29368  10.09703 5.67561 -1.97530 -2.53101 -1.05148 201 DC D O2    
593 N N3    . DC C 6  ? 7.12345  9.94373  5.33847 -2.29177 -2.35748 -0.69813 201 DC D N3    
594 C C4    . DC C 6  ? 6.93607  9.82819  5.24158 -2.38384 -2.33549 -0.56685 201 DC D C4    
595 N N4    . DC C 6  ? 6.98053  9.76248  5.02176 -2.62053 -2.21935 -0.28770 201 DC D N4    
596 C C5    . DC C 6  ? 6.70137  9.75061  5.35236 -2.24374 -2.43511 -0.70103 201 DC D C5    
597 C C6    . DC C 6  ? 6.69180  9.76582  5.54307 -2.02206 -2.56310 -0.94657 201 DC D C6    
598 P P     . DA C 7  ? 7.40257  9.37261  6.01322 -1.30780 -3.33455 -1.63267 202 DA D P     
599 O OP1   . DA C 7  ? 7.52892  9.35076  6.16530 -1.30969 -3.43069 -1.59546 202 DA D OP1   
600 O OP2   . DA C 7  ? 7.53084  9.33948  5.93621 -1.26773 -3.31243 -1.68650 202 DA D OP2   
601 O "O5'" . DA C 7  ? 7.39342  9.44077  5.88187 -1.33366 -3.24980 -1.63297 202 DA D "O5'" 
602 C "C5'" . DA C 7  ? 7.21825  9.53101  5.69416 -1.46622 -3.02812 -1.53276 202 DA D "C5'" 
603 C "C4'" . DA C 7  ? 7.42018  9.53436  5.51496 -1.52619 -2.95432 -1.50786 202 DA D "C4'" 
604 O "O4'" . DA C 7  ? 7.38997  9.53489  5.31657 -1.73818 -2.77380 -1.31841 202 DA D "O4'" 
605 C "C3'" . DA C 7  ? 7.76065  9.53678  5.62041 -1.40305 -3.08645 -1.63049 202 DA D "C3'" 
606 O "O3'" . DA C 7  ? 7.92007  9.54674  5.49381 -1.42281 -3.04149 -1.63681 202 DA D "O3'" 
607 C "C2'" . DA C 7  ? 7.80615  9.47507  5.50228 -1.54030 -2.99443 -1.51286 202 DA D "C2'" 
608 C "C1'" . DA C 7  ? 7.67651  9.41808  5.23982 -1.77978 -2.79726 -1.28469 202 DA D "C1'" 
609 N N9    . DA C 7  ? 7.68888  9.32587  5.12810 -1.97452 -2.70408 -1.07554 202 DA D N9    
610 C C8    . DA C 7  ? 7.58471  9.30496  5.22564 -1.95438 -2.75591 -1.07811 202 DA D C8    
611 N N7    . DA C 7  ? 7.64787  9.20158  5.09715 -2.16446 -2.66462 -0.84136 202 DA D N7    
612 C C5    . DA C 7  ? 7.82571  9.13528  4.89221 -2.33305 -2.54258 -0.66866 202 DA D C5    
613 C C6    . DA C 7  ? 7.99797  8.96660  4.71785 -2.54195 -2.37435 -0.36814 202 DA D C6    
614 N N6    . DA C 7  ? 7.96680  8.77151  4.83534 -2.51043 -2.21463 -0.16860 202 DA D N6    
615 N N1    . DA C 7  ? 8.17837  8.90547  4.56215 -2.63172 -2.23405 -0.25738 202 DA D N1    
616 C C2    . DA C 7  ? 8.17991  9.05268  4.54200 -2.57627 -2.31282 -0.44652 202 DA D C2    
617 N N3    . DA C 7  ? 8.00616  9.19341  4.74393 -2.33835 -2.44615 -0.71890 202 DA D N3    
618 C C4    . DA C 7  ? 7.84374  9.22028  4.90783 -2.22296 -2.55569 -0.81663 202 DA D C4    
619 P P     . DC C 8  ? 8.11814  9.70339  5.74114 -1.27897 -3.17508 -1.75749 203 DC D P     
620 O OP1   . DC C 8  ? 7.90459  9.72838  5.77533 -1.34385 -3.13178 -1.68714 203 DC D OP1   
621 O OP2   . DC C 8  ? 8.27585  9.63995  5.95276 -1.09385 -3.31068 -1.85204 203 DC D OP2   
622 O "O5'" . DC C 8  ? 8.29298  9.76399  5.56013 -1.37356 -3.04257 -1.71489 203 DC D "O5'" 
623 C "C5'" . DC C 8  ? 8.53012  9.74478  5.47212 -1.41255 -3.00422 -1.70519 203 DC D "C5'" 
624 C "C4'" . DC C 8  ? 8.70462  9.61051  5.23188 -1.69397 -2.80579 -1.44903 203 DC D "C4'" 
625 O "O4'" . DC C 8  ? 8.62424  9.48990  5.15383 -1.84088 -2.73070 -1.28279 203 DC D "O4'" 
626 C "C3'" . DC C 8  ? 9.10217  9.45220  5.14920 -1.77745 -2.77853 -1.36322 203 DC D "C3'" 
627 O "O3'" . DC C 8  ? 9.29495  9.38047  4.98040 -1.95862 -2.63053 -1.20565 203 DC D "O3'" 
628 C "C2'" . DC C 8  ? 9.24908  9.19051  5.10032 -1.88337 -2.76551 -1.20560 203 DC D "C2'" 
629 C "C1'" . DC C 8  ? 8.97509  9.22944  5.02553 -2.00109 -2.67266 -1.09414 203 DC D "C1'" 
630 N N1    . DC C 8  ? 8.93243  9.09893  5.04836 -2.04005 -2.70222 -1.01324 203 DC D N1    
631 C C2    . DC C 8  ? 9.09266  8.87891  4.87407 -2.26919 -2.58042 -0.74313 203 DC D C2    
632 O O2    . DC C 8  ? 9.27107  8.79733  4.69469 -2.43420 -2.43512 -0.57926 203 DC D O2    
633 N N3    . DC C 8  ? 9.06010  8.76755  4.90514 -2.30226 -2.61812 -0.66686 203 DC D N3    
634 C C4    . DC C 8  ? 8.87814  8.86392  5.10038 -2.12470 -2.75823 -0.85351 203 DC D C4    
635 N N4    . DC C 8  ? 8.85577  8.75202  5.13361 -2.17157 -2.78797 -0.77063 203 DC D N4    
636 C C5    . DC C 8  ? 8.72480  9.08762  5.26677 -1.89184 -2.86688 -1.13185 203 DC D C5    
637 C C6    . DC C 8  ? 8.75757  9.19809  5.23566 -1.85368 -2.84117 -1.20008 203 DC D C6    
638 P P     . DT C 9  ? 9.79324  9.28555  4.98584 -2.02130 -2.60207 -1.13502 204 DT D P     
639 O OP1   . DT C 9  ? 9.46195  9.26402  4.78244 -1.91305 -2.57125 -1.26109 204 DT D OP1   
640 O OP2   . DT C 9  ? 10.09795 9.32224  5.24230 -1.89929 -2.73356 -1.20855 204 DT D OP2   
641 O "O5'" . DT C 9  ? 9.95486  8.81553  4.63102 -2.28267 -2.41149 -0.83248 204 DT D "O5'" 
642 C "C5'" . DT C 9  ? 10.11182 8.70528  4.68198 -2.37445 -2.39122 -0.68245 204 DT D "C5'" 
643 C "C4'" . DT C 9  ? 10.28760 8.22254  4.28668 -2.61333 -2.18669 -0.39251 204 DT D "C4'" 
644 O "O4'" . DT C 9  ? 10.36890 8.14429  4.31121 -2.68616 -2.15995 -0.24443 204 DT D "O4'" 
645 C "C3'" . DT C 9  ? 10.68602 7.83819  4.20801 -2.58411 -2.13755 -0.31187 204 DT D "C3'" 
646 O "O3'" . DT C 9  ? 10.88369 7.59210  3.97114 -2.74500 -1.88228 -0.07219 204 DT D "O3'" 
647 C "C2'" . DT C 9  ? 10.94790 7.65125  4.34953 -2.53842 -2.26002 -0.27520 204 DT D "C2'" 
648 C "C1'" . DT C 9  ? 10.77676 7.77263  4.34313 -2.64612 -2.19449 -0.15749 204 DT D "C1'" 
649 N N1    . DT C 9  ? 10.72957 7.96607  4.70516 -2.49887 -2.34061 -0.25497 204 DT D N1    
650 C C2    . DT C 9  ? 10.65173 7.68457  4.79159 -2.45930 -2.15053 -0.04088 204 DT D C2    
651 O O2    . DT C 9  ? 10.63332 7.28744  4.60760 -2.52825 -1.86588 0.23497  204 DT D O2    
652 N N3    . DT C 9  ? 10.56894 7.85900  5.07041 -2.33685 -2.30103 -0.16064 204 DT D N3    
653 C C4    . DT C 9  ? 10.55556 8.26233  5.26246 -2.24797 -2.60578 -0.46067 204 DT D C4    
654 O O4    . DT C 9  ? 10.45694 8.35000  5.46733 -2.14669 -2.70632 -0.54648 204 DT D O4    
655 C C5    . DT C 9  ? 10.55073 8.52913  5.27539 -2.20312 -2.69215 -0.64145 204 DT D C5    
656 C C7    . DT C 9  ? 10.37351 8.92214  5.58724 -1.97435 -2.84600 -0.92520 204 DT D C7    
657 C C6    . DT C 9  ? 10.62766 8.37806  5.01835 -2.32492 -2.55768 -0.53203 204 DT D C6    
658 P P     . DC C 10 ? 11.29567 7.26718  3.93700 -2.69966 -1.73619 0.04527  205 DC D P     
659 O OP1   . DC C 10 ? 11.31715 7.15596  3.75966 -2.82078 -1.42442 0.26562  205 DC D OP1   
660 O OP2   . DC C 10 ? 11.18659 7.37634  4.06769 -2.51200 -1.89680 -0.19341 205 DC D OP2   
661 O "O5'" . DC C 10 ? 11.48912 6.84795  4.09523 -2.61079 -1.65631 0.22480  205 DC D "O5'" 
662 C "C5'" . DC C 10 ? 11.48279 6.72077  4.16696 -2.68179 -1.45984 0.47085  205 DC D "C5'" 
663 C "C4'" . DC C 10 ? 11.64890 6.32758  4.34359 -2.55651 -1.41993 0.59036  205 DC D "C4'" 
664 O "O4'" . DC C 10 ? 11.55824 6.53058  4.49887 -2.52532 -1.66105 0.45198  205 DC D "O4'" 
665 C "C3'" . DC C 10 ? 11.80567 6.02158  4.36896 -2.39819 -1.46616 0.52100  205 DC D "C3'" 
666 O "O3'" . DC C 10 ? 11.95775 5.52759  4.39551 -2.36495 -1.17372 0.80706  205 DC D "O3'" 
667 C "C2'" . DC C 10 ? 11.79217 6.10020  4.53680 -2.26935 -1.74981 0.31361  205 DC D "C2'" 
668 C "C1'" . DC C 10 ? 11.70191 6.23398  4.63447 -2.35150 -1.74146 0.40617  205 DC D "C1'" 
669 N N1    . DC C 10 ? 11.57998 6.50500  4.76985 -2.28295 -2.05781 0.16685  205 DC D N1    
670 C C2    . DC C 10 ? 11.40391 6.38306  4.92458 -2.19045 -2.01323 0.23297  205 DC D C2    
671 O O2    . DC C 10 ? 11.47990 6.08112  4.95906 -2.21278 -1.75189 0.50227  205 DC D O2    
672 N N3    . DC C 10 ? 11.15923 6.61165  5.03374 -2.08220 -2.25448 -0.00115 205 DC D N3    
673 C C4    . DC C 10 ? 11.09146 6.94018  5.00116 -2.05514 -2.52665 -0.28077 205 DC D C4    
674 N N4    . DC C 10 ? 10.94266 7.23292  5.19467 -1.94752 -2.74440 -0.49876 205 DC D N4    
675 C C5    . DC C 10 ? 11.26986 7.08470  4.85970 -2.14161 -2.58245 -0.34848 205 DC D C5    
676 C C6    . DC C 10 ? 11.48237 6.84881  4.73407 -2.25098 -2.33986 -0.12570 205 DC D C6    
677 P P     . DT C 11 ? 11.93176 4.97991  4.24116 -2.23907 -1.13237 0.81813  206 DT D P     
678 O OP1   . DT C 11 ? 11.95116 4.78028  4.10885 -2.31386 -0.85218 1.02765  206 DT D OP1   
679 O OP2   . DT C 11 ? 12.03276 5.35743  4.38226 -2.14773 -1.43674 0.49605  206 DT D OP2   
680 O "O5'" . DT C 11 ? 12.03754 4.56356  4.42662 -2.13388 -1.04107 0.97872  206 DT D "O5'" 
681 C "C5'" . DT C 11 ? 11.82683 4.47152  4.56225 -2.09128 -0.74725 1.15116  206 DT D "C5'" 
682 C "C4'" . DT C 11 ? 11.95921 4.48125  4.91432 -1.97152 -0.75448 1.17555  206 DT D "C4'" 
683 O "O4'" . DT C 11 ? 12.60482 5.04784  5.29529 -2.08370 -1.05597 1.10736  206 DT D "O4'" 
684 C "C3'" . DT C 11 ? 11.93301 4.26691  5.08647 -1.76336 -0.74316 1.10158  206 DT D "C3'" 
685 O "O3'" . DT C 11 ? 11.39283 3.98960  5.09189 -1.59950 -0.48009 1.20537  206 DT D "O3'" 
686 C "C2'" . DT C 11 ? 12.66071 4.62926  5.53569 -1.77612 -1.05604 0.99345  206 DT D "C2'" 
687 C "C1'" . DT C 11 ? 12.85703 5.03847  5.64993 -1.93337 -1.16535 1.02689  206 DT D "C1'" 
688 N N1    . DT C 11 ? 12.89727 5.56827  5.83298 -1.88091 -1.50583 0.70003  206 DT D N1    
689 C C2    . DT C 11 ? 12.86132 5.64571  5.98738 -1.82484 -1.63936 0.62427  206 DT D C2    
690 O O2    . DT C 11 ? 12.91780 5.42153  6.09198 -1.82060 -1.49189 0.80986  206 DT D O2    
691 N N3    . DT C 11 ? 12.74516 6.00718  6.01720 -1.77217 -1.95156 0.32140  206 DT D N3    
692 C C4    . DT C 11 ? 12.66795 6.29743  5.91054 -1.76857 -2.13481 0.09624  206 DT D C4    
693 O O4    . DT C 11 ? 12.55265 6.61424  5.95281 -1.71123 -2.40408 -0.16210 206 DT D O4    
694 C C5    . DT C 11 ? 12.72193 6.20795  5.74845 -1.83460 -1.98136 0.18800  206 DT D C5    
695 C C7    . DT C 11 ? 12.64646 6.52107  5.62240 -1.84107 -2.15528 -0.03934 206 DT D C7    
696 C C6    . DT C 11 ? 12.83030 5.84762  5.71786 -1.88692 -1.67879 0.48051  206 DT D C6    
697 P P     . DG C 12 ? 11.47651 4.06089  5.52619 -1.39357 -0.42348 1.16754  207 DG D P     
698 O OP1   . DG C 12 ? 11.01521 4.01497  5.66373 -1.27671 -0.15185 1.30740  207 DG D OP1   
699 O OP2   . DG C 12 ? 11.62871 3.97853  5.41342 -1.38338 -0.58275 1.02812  207 DG D OP2   
700 O "O5'" . DG C 12 ? 11.63012 4.02670  5.64368 -1.36210 -0.54728 1.13663  207 DG D "O5'" 
701 C "C5'" . DG C 12 ? 11.59893 4.12955  5.73910 -1.40534 -0.46609 1.25056  207 DG D "C5'" 
702 C "C4'" . DG C 12 ? 11.66342 4.04486  5.87695 -1.32788 -0.55121 1.21125  207 DG D "C4'" 
703 O "O4'" . DG C 12 ? 12.05578 4.09060  5.80538 -1.43892 -0.87422 1.09280  207 DG D "O4'" 
704 C "C3'" . DG C 12 ? 11.46000 3.85197  5.96820 -1.14622 -0.50729 1.14269  207 DG D "C3'" 
705 O "O3'" . DG C 12 ? 11.26309 3.79863  6.15072 -1.05132 -0.39039 1.21127  207 DG D "O3'" 
706 C "C2'" . DG C 12 ? 11.77510 3.80177  5.89115 -1.14932 -0.79672 0.95454  207 DG D "C2'" 
707 C "C1'" . DG C 12 ? 12.12603 3.93561  5.84391 -1.31301 -1.03039 0.93265  207 DG D "C1'" 
708 N N9    . DG C 12 ? 12.42295 3.96112  5.71844 -1.40431 -1.33212 0.78456  207 DG D N9    
709 C C8    . DG C 12 ? 12.45856 3.98940  5.56613 -1.46490 -1.34041 0.76408  207 DG D C8    
710 N N7    . DG C 12 ? 12.48661 4.24877  5.51180 -1.47293 -1.60987 0.52307  207 DG D N7    
711 C C5    . DG C 12 ? 12.42823 4.42149  5.64100 -1.39914 -1.79006 0.36270  207 DG D C5    
712 C C6    . DG C 12 ? 12.30913 4.81295  5.66255 -1.33810 -2.08168 0.05679  207 DG D C6    
713 O O6    . DG C 12 ? 12.23541 5.09880  5.56848 -1.33746 -2.24197 -0.13590 207 DG D O6    
714 N N1    . DG C 12 ? 12.26705 4.86443  5.81268 -1.27262 -2.17784 -0.01588 207 DG D N1    
715 C C2    . DG C 12 ? 12.34115 4.58708  5.92510 -1.27209 -2.01582 0.17870  207 DG D C2    
716 N N2    . DG C 12 ? 12.28080 4.70277  6.06165 -1.21046 -2.14258 0.06299  207 DG D N2    
717 N N3    . DG C 12 ? 12.45621 4.22702  5.90710 -1.32817 -1.74123 0.46948  207 DG D N3    
718 C C4    . DG C 12 ? 12.48936 4.15803  5.76361 -1.38727 -1.64156 0.54757  207 DG D C4    
719 P P     . DT C 13 ? 11.11827 4.07998  6.66156 -0.92760 -0.13759 1.34171  208 DT D P     
720 O OP1   . DT C 13 ? 10.94362 4.16363  6.61096 -0.97515 -0.00770 1.45490  208 DT D OP1   
721 O OP2   . DT C 13 ? 10.95330 3.92163  6.68990 -0.81404 -0.16405 1.24731  208 DT D OP2   
722 O "O5'" . DT C 13 ? 11.02445 4.10860  6.84045 -0.90115 -0.05381 1.44758  208 DT D "O5'" 
723 C "C5'" . DT C 13 ? 10.95246 3.99572  6.96080 -0.80616 -0.07962 1.39343  208 DT D "C5'" 
724 C "C4'" . DT C 13 ? 11.35378 4.03923  6.94654 -0.85863 -0.25476 1.29250  208 DT D "C4'" 
725 O "O4'" . DT C 13 ? 11.70828 4.08960  6.77461 -0.95064 -0.46691 1.17027  208 DT D "O4'" 
726 C "C3'" . DT C 13 ? 11.33546 3.91537  7.03284 -0.75274 -0.32499 1.17490  208 DT D "C3'" 
727 O "O3'" . DT C 13 ? 11.12235 3.89853  7.20630 -0.70603 -0.19294 1.27821  208 DT D "O3'" 
728 C "C2'" . DT C 13 ? 11.77699 3.96651  6.95933 -0.82044 -0.58962 1.02965  208 DT D "C2'" 
729 C "C1'" . DT C 13 ? 11.98951 4.07168  6.79065 -0.95262 -0.69444 1.03223  208 DT D "C1'" 
730 N N1    . DT C 13 ? 12.17604 4.02811  6.67268 -0.93886 -0.91716 0.85403  208 DT D N1    
731 C C2    . DT C 13 ? 12.50531 4.07164  6.64908 -1.00031 -1.22825 0.71003  208 DT D C2    
732 O O2    . DT C 13 ? 12.65751 4.14068  6.71364 -1.08438 -1.34203 0.72384  208 DT D O2    
733 N N3    . DT C 13 ? 12.61743 4.03942  6.56938 -0.96378 -1.42183 0.53570  208 DT D N3    
734 C C4    . DT C 13 ? 12.47027 3.97563  6.48992 -0.89135 -1.32651 0.51718  208 DT D C4    
735 O O4    . DT C 13 ? 12.58680 3.97253  6.42637 -0.86540 -1.51270 0.35599  208 DT D O4    
736 C C5    . DT C 13 ? 12.13177 3.92511  6.51091 -0.84923 -1.00860 0.68156  208 DT D C5    
737 C C7    . DT C 13 ? 11.92293 3.85391  6.44374 -0.78919 -0.90789 0.67235  208 DT D C7    
738 C C6    . DT C 13 ? 11.98580 3.95093  6.61125 -0.86659 -0.82889 0.83055  208 DT D C6    
739 P P     . DC D 1  ? 6.43243  5.82194  5.88230 2.28139  -0.95143 2.23278  106 DC X P     
740 O OP1   . DC D 1  ? 6.51173  5.84955  5.90760 2.29890  -0.91780 2.26452  106 DC X OP1   
741 O OP2   . DC D 1  ? 6.41664  5.76629  5.80538 2.24090  -0.94061 2.23163  106 DC X OP2   
742 O "O5'" . DC D 1  ? 6.34185  5.75453  5.92358 2.28185  -0.96052 2.19758  106 DC X "O5'" 
743 C "C5'" . DC D 1  ? 6.30084  5.80343  5.98761 2.31191  -1.00216 2.17287  106 DC X "C5'" 
744 C "C4'" . DC D 1  ? 6.20170  5.72606  5.99462 2.29605  -1.01736 2.13252  106 DC X "C4'" 
745 O "O4'" . DC D 1  ? 6.17086  5.72270  5.94726 2.27688  -1.03929 2.11953  106 DC X "O4'" 
746 C "C3'" . DC D 1  ? 6.17122  5.61556  5.97167 2.26701  -0.97687 2.12943  106 DC X "C3'" 
747 O "O3'" . DC D 1  ? 6.10031  5.57193  6.02566 2.27451  -0.98791 2.09665  106 DC X "O3'" 
748 C "C2'" . DC D 1  ? 6.14931  5.56271  5.89586 2.22934  -0.96924 2.12723  106 DC X "C2'" 
749 C "C1'" . DC D 1  ? 6.12180  5.62034  5.90242 2.24100  -1.01732 2.10763  106 DC X "C1'" 
750 N N1    . DC D 1  ? 6.13501  5.62034  5.82825 2.21455  -1.01762 2.11705  106 DC X N1    
751 C C2    . DC D 1  ? 6.09415  5.65083  5.82320 2.21616  -1.05757 2.09445  106 DC X C2    
752 O O2    . DC D 1  ? 6.04765  5.67850  5.88246 2.23981  -1.09249 2.06607  106 DC X O2    
753 N N3    . DC D 1  ? 6.10723  5.65212  5.75536 2.19168  -1.05702 2.10346  106 DC X N3    
754 C C4    . DC D 1  ? 6.15805  5.62380  5.69639 2.16600  -1.01922 2.13251  106 DC X C4    
755 N N4    . DC D 1  ? 6.16977  5.62821  5.63203 2.14176  -1.02068 2.13966  106 DC X N4    
756 C C5    . DC D 1  ? 6.19925  5.59214  5.70293 2.16390  -0.97839 2.15445  106 DC X C5    
757 C C6    . DC D 1  ? 6.18581  5.59132  5.76819 2.18856  -0.97881 2.14616  106 DC X C6    
758 P P     . DT D 2  ? 6.43105  5.84444  6.38483 2.27077  -0.95001 2.10038  107 DT X P     
759 O OP1   . DT D 2  ? 6.47439  5.91627  6.44841 2.30787  -0.95631 2.11184  107 DT X OP1   
760 O OP2   . DT D 2  ? 6.45863  5.78370  6.31754 2.23658  -0.90425 2.12413  107 DT X OP2   
761 O "O5'" . DT D 2  ? 6.33778  5.77759  6.41806 2.26484  -0.96412 2.05803  107 DT X "O5'" 
762 C "C5'" . DT D 2  ? 6.30790  5.79822  6.49961 2.29384  -0.98487 2.03463  107 DT X "C5'" 
763 C "C4'" . DT D 2  ? 6.23436  5.79585  6.53443 2.30090  -1.02664 1.99138  107 DT X "C4'" 
764 O "O4'" . DT D 2  ? 6.23344  5.81843  6.48575 2.28963  -1.04670 1.99181  107 DT X "O4'" 
765 C "C3'" . DT D 2  ? 6.16282  5.70159  6.54227 2.28232  -1.01453 1.96091  107 DT X "C3'" 
766 O "O3'" . DT D 2  ? 6.11138  5.71557  6.62511 2.30804  -1.04623 1.92094  107 DT X "O3'" 
767 C "C2'" . DT D 2  ? 6.13517  5.66849  6.48215 2.25638  -1.01949 1.95399  107 DT X "C2'" 
768 C "C1'" . DT D 2  ? 6.15961  5.75959  6.48578 2.27547  -1.05871 1.95666  107 DT X "C1'" 
769 N N1    . DT D 2  ? 6.15800  5.75388  6.41708 2.25254  -1.06360 1.96223  107 DT X N1    
770 C C2    . DT D 2  ? 6.09809  5.75118  6.43254 2.25417  -1.09664 1.92720  107 DT X C2    
771 O O2    . DT D 2  ? 6.04743  5.75478  6.50282 2.27426  -1.12241 1.89044  107 DT X O2    
772 N N3    . DT D 2  ? 6.09978  5.74655  6.36636 2.23221  -1.09855 1.93494  107 DT X N3    
773 C C4    . DT D 2  ? 6.15491  5.74382  6.28760 2.20828  -1.07118 1.97261  107 DT X C4    
774 O O4    . DT D 2  ? 6.15228  5.74198  6.23210 2.18919  -1.07575 1.97607  107 DT X O4    
775 C C5    . DT D 2  ? 6.21657  5.74551  6.27828 2.20785  -1.03657 2.00629  107 DT X C5    
776 C C7    . DT D 2  ? 6.28053  5.74374  6.20215 2.18356  -1.00432 2.04518  107 DT X C7    
777 C C6    . DT D 2  ? 6.21492  5.74999  6.34257 2.23003  -1.03405 2.00006  107 DT X C6    
778 P P     . DT D 3  ? 6.22726  5.83954  6.84665 2.29845  -1.05096 1.87679  108 DT X P     
779 O OP1   . DT D 3  ? 6.19423  5.85324  6.83150 2.29535  -1.08300 1.85565  108 DT X OP1   
780 O OP2   . DT D 3  ? 6.20049  5.84529  6.93187 2.32356  -1.06071 1.84923  108 DT X OP2   
781 O "O5'" . DT D 3  ? 6.22648  5.74763  6.78358 2.26133  -0.99881 1.89632  108 DT X "O5'" 
782 C "C5'" . DT D 3  ? 6.18821  5.68407  6.81428 2.25594  -0.97513 1.87923  108 DT X "C5'" 
783 C "C4'" . DT D 3  ? 6.11907  5.64130  6.83479 2.25262  -0.98873 1.83781  108 DT X "C4'" 
784 O "O4'" . DT D 3  ? 6.10785  5.67566  6.81954 2.25606  -1.02413 1.82543  108 DT X "O4'" 
785 C "C3'" . DT D 3  ? 6.09527  5.55862  6.78473 2.21855  -0.94770 1.84502  108 DT X "C3'" 
786 O "O3'" . DT D 3  ? 6.07219  5.51885  6.82723 2.22022  -0.92275 1.83449  108 DT X "O3'" 
787 C "C2'" . DT D 3  ? 6.04647  5.54416  6.78232 2.21612  -0.97072 1.81385  108 DT X "C2'" 
788 C "C1'" . DT D 3  ? 6.05831  5.62061  6.80159 2.23947  -1.01967 1.80341  108 DT X "C1'" 
789 N N1    . DT D 3  ? 6.07429  5.63391  6.73043 2.22121  -1.02737 1.82152  108 DT X N1    
790 C C2    . DT D 3  ? 6.02883  5.61612  6.72424 2.21608  -1.04416 1.79500  108 DT X C2    
791 O O2    . DT D 3  ? 5.97615  5.58674  6.77488 2.22594  -1.05060 1.75622  108 DT X O2    
792 N N3    . DT D 3  ? 6.05037  5.63529  6.65609 2.19918  -1.05030 1.81600  108 DT X N3    
793 C C4    . DT D 3  ? 6.11315  5.67221  6.59791 2.18866  -1.04168 1.85782  108 DT X C4    
794 O O4    . DT D 3  ? 6.13038  5.68999  6.53911 2.17380  -1.04723 1.87316  108 DT X O4    
795 C C5    . DT D 3  ? 6.15962  5.69026  6.61254 2.19710  -1.02375 1.88189  108 DT X C5    
796 C C7    . DT D 3  ? 6.23344  5.73245  6.55914 2.18972  -1.01022 1.92583  108 DT X C7    
797 C C6    . DT D 3  ? 6.13720  5.67075  6.67695 2.21270  -1.01838 1.86324  108 DT X C6    
798 P P     . DG D 4  ? 6.37912  5.76395  7.10425 2.18481  -0.87024 1.85235  109 DG X P     
799 O OP1   . DG D 4  ? 6.39447  5.75426  7.13266 2.18712  -0.84188 1.86586  109 DG X OP1   
800 O OP2   . DG D 4  ? 6.40205  5.74823  7.01655 2.15439  -0.85401 1.88247  109 DG X OP2   
801 O "O5'" . DG D 4  ? 6.31407  5.72777  7.14218 2.18778  -0.87554 1.81220  109 DG X "O5'" 
802 C "C5'" . DG D 4  ? 6.28813  5.66981  7.09686 2.15700  -0.84235 1.82095  109 DG X "C5'" 
803 C "C4'" . DG D 4  ? 6.26055  5.67144  7.08083 2.15695  -0.86795 1.79963  109 DG X "C4'" 
804 O "O4'" . DG D 4  ? 6.29481  5.72025  7.04860 2.16259  -0.89972 1.80985  109 DG X "O4'" 
805 C "C3'" . DG D 4  ? 6.24335  5.62139  7.01758 2.12238  -0.83589 1.81679  109 DG X "C3'" 
806 O "O3'" . DG D 4  ? 6.19312  5.58728  7.06237 2.12495  -0.82212 1.79099  109 DG X "O3'" 
807 C "C2'" . DG D 4  ? 6.25022  5.64670  6.97283 2.12001  -0.86660 1.81518  109 DG X "C2'" 
808 C "C1'" . DG D 4  ? 6.27525  5.71187  7.00943 2.15076  -0.91099 1.80316  109 DG X "C1'" 
809 N N9    . DG D 4  ? 6.32055  5.74915  6.94720 2.14121  -0.92363 1.83163  109 DG X N9    
810 C C8    . DG D 4  ? 6.37766  5.77923  6.92099 2.13891  -0.91517 1.86533  109 DG X C8    
811 N N7    . DG D 4  ? 6.41264  5.81382  6.86778 2.13102  -0.92724 1.88559  109 DG X N7    
812 C C5    . DG D 4  ? 6.37428  5.80522  6.85506 2.12646  -0.94633 1.86456  109 DG X C5    
813 C C6    . DG D 4  ? 6.38715  5.83338  6.80245 2.11683  -0.96485 1.87316  109 DG X C6    
814 O O6    . DG D 4  ? 6.43886  5.87371  6.75505 2.11011  -0.96698 1.90224  109 DG X O6    
815 N N1    . DG D 4  ? 6.33519  5.81356  6.81014 2.11615  -0.98020 1.84402  109 DG X N1    
816 C C2    . DG D 4  ? 6.28043  5.77302  6.86536 2.12552  -0.97659 1.80998  109 DG X C2    
817 N N2    . DG D 4  ? 6.23814  5.76202  6.86855 2.12578  -0.99139 1.78451  109 DG X N2    
818 N N3    . DG D 4  ? 6.26997  5.74767  6.91485 2.13442  -0.95777 1.80185  109 DG X N3    
819 C C4    . DG D 4  ? 6.31744  5.76519  6.90513 2.13359  -0.94432 1.83061  109 DG X C4    
820 P P     . DT D 5  ? 5.71229  5.07008  6.59081 2.09881  -0.76655 1.81327  110 DT X P     
821 O OP1   . DT D 5  ? 5.66456  5.04095  6.61035 2.09395  -0.75432 1.79466  110 DT X OP1   
822 O OP2   . DT D 5  ? 5.72293  5.07889  6.64379 2.11337  -0.75833 1.81244  110 DT X OP2   
823 O "O5'" . DT D 5  ? 5.74811  5.05448  6.49650 2.06226  -0.73831 1.86071  110 DT X "O5'" 
824 C "C5'" . DT D 5  ? 5.73156  5.02163  6.43954 2.03154  -0.71322 1.87745  110 DT X "C5'" 
825 C "C4'" . DT D 5  ? 5.71898  5.03609  6.42029 2.03737  -0.74580 1.85906  110 DT X "C4'" 
826 O "O4'" . DT D 5  ? 5.76125  5.07742  6.38632 2.04470  -0.77796 1.86616  110 DT X "O4'" 
827 C "C3'" . DT D 5  ? 5.70334  5.00577  6.35782 2.00516  -0.72027 1.87809  110 DT X "C3'" 
828 O "O3'" . DT D 5  ? 5.66186  5.00176  6.38865 2.01665  -0.73515 1.84875  110 DT X "O3'" 
829 C "C2'" . DT D 5  ? 5.74717  5.02734  6.28019 1.99057  -0.73234 1.90166  110 DT X "C2'" 
830 C "C1'" . DT D 5  ? 5.76647  5.07510  6.31695 2.02352  -0.77956 1.87982  110 DT X "C1'" 
831 N N1    . DT D 5  ? 5.82259  5.10805  6.26349 2.01672  -0.78860 1.90627  110 DT X N1    
832 C C2    . DT D 5  ? 5.83693  5.13260  6.21466 2.01062  -0.81101 1.91044  110 DT X C2    
833 O O2    . DT D 5  ? 5.80360  5.12745  6.21200 2.01079  -0.82556 1.89244  110 DT X O2    
834 N N3    . DT D 5  ? 5.89405  5.16650  6.17117 2.00498  -0.81420 1.93717  110 DT X N3    
835 C C4    . DT D 5  ? 5.93729  5.17729  6.17450 2.00659  -0.79729 1.95857  110 DT X C4    
836 O O4    . DT D 5  ? 5.99103  5.21124  6.13849 2.00323  -0.79910 1.98197  110 DT X O4    
837 C C5    . DT D 5  ? 5.91674  5.14865  6.22597 2.01326  -0.77567 1.95189  110 DT X C5    
838 C C7    . DT D 5  ? 5.95922  5.15851  6.23590 2.01643  -0.75578 1.97322  110 DT X C7    
839 C C6    . DT D 5  ? 5.86118  5.11624  6.26616 2.01709  -0.77242 1.92693  110 DT X C6    
840 P P     . DG D 6  ? 5.99573  5.34424  6.80126 2.00552  -0.69727 1.84661  111 DG X P     
841 O OP1   . DG D 6  ? 5.96145  5.35552  6.88241 2.03881  -0.72228 1.80080  111 DG X OP1   
842 O OP2   . DG D 6  ? 6.00219  5.32266  6.80570 1.98871  -0.65647 1.87290  111 DG X OP2   
843 O "O5'" . DG D 6  ? 5.98919  5.32843  6.72617 1.97468  -0.68088 1.86961  111 DG X "O5'" 
844 C "C5'" . DG D 6  ? 6.02150  5.32117  6.64255 1.94185  -0.65861 1.90968  111 DG X "C5'" 
845 C "C4'" . DG D 6  ? 6.03578  5.33582  6.57450 1.93067  -0.67828 1.91585  111 DG X "C4'" 
846 O "O4'" . DG D 6  ? 6.07199  5.37309  6.56644 1.94876  -0.71899 1.90676  111 DG X "O4'" 
847 C "C3'" . DG D 6  ? 6.05930  5.32366  6.48836 1.89209  -0.64756 1.95547  111 DG X "C3'" 
848 O "O3'" . DG D 6  ? 6.02260  5.29655  6.48035 1.87089  -0.61322 1.96707  111 DG X "O3'" 
849 C "C2'" . DG D 6  ? 6.08569  5.35257  6.43552 1.89172  -0.68081 1.95449  111 DG X "C2'" 
850 C "C1'" . DG D 6  ? 6.10347  5.38537  6.48380 1.92612  -0.72172 1.93039  111 DG X "C1'" 
851 N N9    . DG D 6  ? 6.15705  5.40455  6.45530 1.92193  -0.72098 1.95198  111 DG X N9    
852 C C8    . DG D 6  ? 6.17415  5.39550  6.47697 1.92240  -0.69902 1.96376  111 DG X C8    
853 N N7    . DG D 6  ? 6.22678  5.41985  6.44679 1.92005  -0.70212 1.98278  111 DG X N7    
854 C C5    . DG D 6  ? 6.24671  5.44743  6.40035 1.91605  -0.72659 1.98532  111 DG X C5    
855 C C6    . DG D 6  ? 6.30424  5.48481  6.35627 1.91227  -0.73775 2.00454  111 DG X C6    
856 O O6    . DG D 6  ? 6.35111  5.50037  6.35124 1.91300  -0.72718 2.02320  111 DG X O6    
857 N N1    . DG D 6  ? 6.30657  5.50739  6.31746 1.90758  -0.76164 2.00161  111 DG X N1    
858 C C2    . DG D 6  ? 6.25807  5.49422  6.32145 1.90767  -0.77391 1.98157  111 DG X C2    
859 N N2    . DG D 6  ? 6.26843  5.52243  6.28012 1.90276  -0.79706 1.98206  111 DG X N2    
860 N N3    . DG D 6  ? 6.20499  5.45930  6.36610 1.91330  -0.76328 1.96265  111 DG X N3    
861 C C4    . DG D 6  ? 6.20310  5.43795  6.40330 1.91667  -0.73928 1.96631  111 DG X C4    
# 
